data_3UGT
#
_entry.id   3UGT
#
_cell.length_a   154.083
_cell.length_b   157.939
_cell.length_c   237.041
_cell.angle_alpha   90.00
_cell.angle_beta   90.00
_cell.angle_gamma   90.00
#
_symmetry.space_group_name_H-M   'C 2 2 21'
#
loop_
_entity.id
_entity.type
_entity.pdbx_description
1 polymer 'Threonyl-tRNA synthetase, mitochondrial'
2 non-polymer 'ZINC ION'
3 water water
#
_entity_poly.entity_id   1
_entity_poly.type   'polypeptide(L)'
_entity_poly.pdbx_seq_one_letter_code
;MGSSHHHHHHSSGLVPRGSHMASATKNASSATPATMTSMVSQRQDLFMTDPLSPGSMFFLPNGAKIFNKLIEFMKLQQKF
KFGFNEVVTPLIYKKTLWEKSGHWENYADDMFKVETTDEEKEEYGLKPMNCPGHCLIFGKKDRSYNELPLRFSDFSPLHR
NEASGALSGLTRLRKFHQDDGHIFCTPSQVKSEIFNSLKLIDIVYNKIFPFVKGGSGAESNYFINFSTRPDHFIGDLKVW
NHAEQVLKEILEESGKPWKLNPGDGAFYGPKLDIMVTDHLRKTHQVATIQLDFQLPERFDLKFKDQDNSYKRPIMIHRAT
FGSIERFMALLIDSNEGRWPFWLNPYQAVIIPVNTKNVQQLDMCTALQKKLRNELEADDMEPVPLNDWHFNVDLDIRNEP
VGYRIKSAILKNYSYLIIVGDEEVQLQKYNIRERDNRKSFEKLTMSQIWEKFIELEKNYK
;
_entity_poly.pdbx_strand_id   A,B,C,D
#
loop_
_chem_comp.id
_chem_comp.type
_chem_comp.name
_chem_comp.formula
ZN non-polymer 'ZINC ION' 'Zn 2'
#
# COMPACT_ATOMS: atom_id res chain seq x y z
N ALA A 34 13.35 12.56 11.82
CA ALA A 34 13.52 11.12 11.89
C ALA A 34 13.56 10.49 10.49
N THR A 35 14.61 9.73 10.23
CA THR A 35 14.79 9.08 8.93
C THR A 35 13.90 7.85 8.82
N MET A 36 13.56 7.49 7.58
CA MET A 36 12.76 6.29 7.33
C MET A 36 13.47 5.07 7.86
N THR A 37 14.77 4.97 7.56
CA THR A 37 15.61 3.88 8.04
C THR A 37 15.43 3.69 9.54
N SER A 38 15.84 4.69 10.32
CA SER A 38 15.75 4.64 11.78
C SER A 38 14.35 4.21 12.25
N MET A 39 13.32 4.70 11.56
CA MET A 39 11.95 4.41 11.94
C MET A 39 11.62 2.92 11.76
N VAL A 40 11.94 2.40 10.58
CA VAL A 40 11.70 0.98 10.28
C VAL A 40 12.53 0.09 11.21
N SER A 41 13.72 0.57 11.57
CA SER A 41 14.57 -0.16 12.50
C SER A 41 13.93 -0.20 13.88
N GLN A 42 13.33 0.90 14.28
CA GLN A 42 12.63 0.97 15.55
C GLN A 42 11.44 0.01 15.57
N ARG A 43 10.71 -0.01 14.47
CA ARG A 43 9.53 -0.88 14.35
C ARG A 43 9.88 -2.36 14.36
N GLN A 44 10.76 -2.76 13.46
CA GLN A 44 11.08 -4.16 13.24
C GLN A 44 12.31 -4.68 14.00
N ASP A 45 12.92 -3.81 14.80
CA ASP A 45 14.12 -4.19 15.57
C ASP A 45 15.27 -4.61 14.65
N LEU A 46 15.50 -3.85 13.59
CA LEU A 46 16.52 -4.18 12.61
C LEU A 46 17.95 -3.82 13.03
N PHE A 47 18.12 -2.63 13.61
CA PHE A 47 19.46 -2.11 13.89
C PHE A 47 19.63 -1.53 15.29
N MET A 48 20.88 -1.31 15.68
CA MET A 48 21.21 -0.71 16.97
C MET A 48 22.45 0.17 16.86
N THR A 49 22.51 1.22 17.67
CA THR A 49 23.68 2.10 17.72
C THR A 49 24.02 2.46 19.15
N ASP A 50 25.28 2.28 19.53
CA ASP A 50 25.73 2.57 20.88
C ASP A 50 26.91 3.54 20.86
N PRO A 51 26.95 4.47 21.82
CA PRO A 51 28.02 5.46 21.94
C PRO A 51 29.40 4.83 22.10
N LEU A 52 29.46 3.64 22.68
CA LEU A 52 30.73 2.95 22.88
C LEU A 52 31.38 2.60 21.55
N SER A 53 30.58 2.61 20.49
CA SER A 53 31.08 2.35 19.15
C SER A 53 30.42 3.31 18.14
N PRO A 54 30.91 4.56 18.11
CA PRO A 54 30.38 5.60 17.23
C PRO A 54 30.59 5.28 15.75
N GLY A 55 29.55 5.46 14.95
CA GLY A 55 29.65 5.31 13.51
C GLY A 55 29.73 3.87 13.01
N SER A 56 29.82 2.94 13.96
CA SER A 56 29.86 1.52 13.61
C SER A 56 28.47 0.90 13.84
N MET A 57 28.02 0.11 12.88
CA MET A 57 26.63 -0.35 12.87
C MET A 57 26.43 -1.71 13.54
N PHE A 58 25.44 -1.79 14.42
CA PHE A 58 25.04 -3.06 15.02
C PHE A 58 23.93 -3.70 14.19
N PHE A 59 24.02 -5.02 14.00
CA PHE A 59 22.98 -5.76 13.29
C PHE A 59 22.24 -6.72 14.21
N LEU A 60 20.98 -6.41 14.49
CA LEU A 60 20.12 -7.30 15.27
C LEU A 60 19.72 -8.50 14.43
N PRO A 61 19.17 -9.54 15.08
CA PRO A 61 18.83 -10.79 14.38
C PRO A 61 18.07 -10.57 13.08
N ASN A 62 17.17 -9.59 13.04
CA ASN A 62 16.43 -9.29 11.82
C ASN A 62 17.29 -8.62 10.75
N GLY A 63 17.99 -7.57 11.15
CA GLY A 63 18.96 -6.92 10.27
C GLY A 63 19.97 -7.95 9.82
N ALA A 64 20.30 -8.87 10.72
CA ALA A 64 21.10 -10.03 10.38
C ALA A 64 20.48 -10.75 9.19
N LYS A 65 19.27 -11.26 9.38
CA LYS A 65 18.59 -12.02 8.33
C LYS A 65 18.62 -11.30 6.97
N ILE A 66 18.24 -10.02 6.96
CA ILE A 66 18.23 -9.24 5.72
C ILE A 66 19.61 -9.16 5.10
N PHE A 67 20.57 -8.66 5.89
CA PHE A 67 21.95 -8.54 5.47
C PHE A 67 22.44 -9.84 4.84
N ASN A 68 22.49 -10.89 5.65
CA ASN A 68 22.94 -12.21 5.21
C ASN A 68 22.22 -12.72 3.96
N LYS A 69 20.93 -12.42 3.84
CA LYS A 69 20.19 -12.85 2.65
C LYS A 69 20.66 -12.12 1.40
N LEU A 70 20.79 -10.80 1.49
CA LEU A 70 21.33 -10.02 0.37
C LEU A 70 22.70 -10.56 -0.03
N ILE A 71 23.56 -10.72 0.97
CA ILE A 71 24.92 -11.22 0.74
C ILE A 71 24.89 -12.59 0.06
N GLU A 72 23.97 -13.45 0.49
CA GLU A 72 23.83 -14.79 -0.06
C GLU A 72 23.44 -14.73 -1.54
N PHE A 73 22.42 -13.93 -1.84
CA PHE A 73 21.99 -13.71 -3.21
C PHE A 73 23.20 -13.30 -4.06
N MET A 74 23.88 -12.25 -3.61
CA MET A 74 25.03 -11.73 -4.34
C MET A 74 26.08 -12.82 -4.58
N LYS A 75 26.36 -13.60 -3.54
CA LYS A 75 27.33 -14.69 -3.64
C LYS A 75 26.93 -15.69 -4.72
N LEU A 76 25.71 -16.21 -4.62
CA LEU A 76 25.22 -17.16 -5.62
C LEU A 76 25.40 -16.61 -7.02
N GLN A 77 24.90 -15.39 -7.23
CA GLN A 77 24.98 -14.76 -8.54
C GLN A 77 26.41 -14.67 -9.06
N GLN A 78 27.32 -14.22 -8.20
CA GLN A 78 28.72 -14.08 -8.58
C GLN A 78 29.37 -15.42 -8.94
N LYS A 79 29.27 -16.37 -8.03
CA LYS A 79 29.96 -17.66 -8.17
C LYS A 79 29.40 -18.52 -9.30
N PHE A 80 28.08 -18.72 -9.30
CA PHE A 80 27.47 -19.71 -10.18
C PHE A 80 26.98 -19.16 -11.52
N LYS A 81 27.19 -17.86 -11.75
CA LYS A 81 26.80 -17.26 -13.02
C LYS A 81 27.92 -16.45 -13.68
N PHE A 82 28.33 -15.37 -13.02
CA PHE A 82 29.25 -14.40 -13.64
C PHE A 82 30.73 -14.74 -13.43
N GLY A 83 31.01 -15.87 -12.77
CA GLY A 83 32.35 -16.38 -12.67
C GLY A 83 33.30 -15.63 -11.76
N PHE A 84 32.84 -15.35 -10.54
CA PHE A 84 33.69 -14.74 -9.52
C PHE A 84 34.09 -15.78 -8.47
N ASN A 85 35.31 -15.68 -7.98
CA ASN A 85 35.80 -16.58 -6.94
C ASN A 85 36.02 -15.84 -5.63
N GLU A 86 35.19 -16.13 -4.64
CA GLU A 86 35.26 -15.43 -3.37
C GLU A 86 36.52 -15.76 -2.58
N VAL A 87 37.19 -14.71 -2.10
CA VAL A 87 38.35 -14.88 -1.24
C VAL A 87 38.16 -14.04 0.02
N VAL A 88 38.79 -14.43 1.11
CA VAL A 88 38.73 -13.62 2.33
C VAL A 88 40.09 -13.04 2.64
N THR A 89 40.22 -11.73 2.45
CA THR A 89 41.47 -11.04 2.66
C THR A 89 41.62 -10.53 4.09
N PRO A 90 42.87 -10.33 4.54
CA PRO A 90 43.17 -9.74 5.84
C PRO A 90 42.53 -8.36 5.99
N LEU A 91 42.15 -8.00 7.21
CA LEU A 91 41.56 -6.69 7.47
C LEU A 91 42.61 -5.59 7.57
N ILE A 92 43.75 -5.90 8.17
CA ILE A 92 44.80 -4.91 8.37
C ILE A 92 46.07 -5.26 7.61
N TYR A 93 46.82 -4.23 7.22
CA TYR A 93 48.06 -4.41 6.47
C TYR A 93 49.14 -3.44 6.97
N LYS A 94 50.38 -3.70 6.58
CA LYS A 94 51.50 -2.84 6.96
C LYS A 94 51.41 -1.46 6.32
N LYS A 95 52.06 -0.49 6.96
CA LYS A 95 52.15 0.86 6.41
C LYS A 95 52.80 0.83 5.02
N THR A 96 53.83 0.00 4.88
CA THR A 96 54.57 -0.10 3.64
C THR A 96 53.68 -0.45 2.45
N LEU A 97 52.66 -1.28 2.68
CA LEU A 97 51.73 -1.67 1.63
C LEU A 97 50.93 -0.46 1.14
N TRP A 98 50.31 0.24 2.08
CA TRP A 98 49.52 1.41 1.75
C TRP A 98 50.40 2.51 1.14
N GLU A 99 51.70 2.44 1.42
CA GLU A 99 52.66 3.35 0.81
C GLU A 99 52.97 2.91 -0.63
N LYS A 100 52.91 1.61 -0.87
CA LYS A 100 53.17 1.07 -2.20
C LYS A 100 52.04 1.42 -3.17
N SER A 101 50.83 1.45 -2.66
CA SER A 101 49.67 1.80 -3.48
C SER A 101 49.44 3.31 -3.47
N GLY A 102 50.16 4.01 -2.60
CA GLY A 102 50.07 5.45 -2.50
C GLY A 102 48.82 5.93 -1.78
N HIS A 103 48.13 4.99 -1.14
CA HIS A 103 46.90 5.30 -0.42
C HIS A 103 47.17 5.67 1.03
N TRP A 104 48.45 5.67 1.41
CA TRP A 104 48.84 6.05 2.76
C TRP A 104 48.76 7.55 2.94
N GLU A 105 49.58 8.28 2.18
CA GLU A 105 49.51 9.74 2.15
C GLU A 105 48.17 10.20 1.59
N ASN A 106 47.60 9.41 0.69
CA ASN A 106 46.29 9.71 0.11
C ASN A 106 45.21 9.75 1.17
N TYR A 107 45.08 8.66 1.93
CA TYR A 107 44.19 8.63 3.08
C TYR A 107 44.99 8.98 4.32
N ALA A 108 44.73 10.14 4.91
CA ALA A 108 45.49 10.58 6.06
C ALA A 108 44.72 10.35 7.35
N ASP A 109 43.72 11.19 7.57
CA ASP A 109 42.83 11.01 8.72
C ASP A 109 41.54 10.29 8.29
N ASP A 110 41.47 9.93 7.01
CA ASP A 110 40.33 9.19 6.48
C ASP A 110 40.51 7.69 6.71
N MET A 111 41.66 7.32 7.28
CA MET A 111 41.98 5.93 7.52
C MET A 111 42.48 5.74 8.95
N PHE A 112 42.09 4.65 9.58
CA PHE A 112 42.54 4.37 10.94
C PHE A 112 43.96 3.81 10.92
N LYS A 113 44.52 3.57 12.11
CA LYS A 113 45.90 3.08 12.22
C LYS A 113 46.13 2.31 13.52
N VAL A 114 47.15 1.47 13.53
CA VAL A 114 47.49 0.66 14.69
C VAL A 114 49.01 0.47 14.77
N GLU A 115 49.51 0.14 15.96
CA GLU A 115 50.94 -0.14 16.15
C GLU A 115 51.15 -1.58 16.58
N THR A 116 52.25 -2.19 16.11
CA THR A 116 52.54 -3.58 16.43
C THR A 116 53.82 -3.75 17.24
N THR A 117 53.89 -4.83 18.01
CA THR A 117 55.06 -5.12 18.84
C THR A 117 56.23 -5.61 18.00
N LYS A 121 58.26 -0.38 16.08
CA LYS A 121 56.84 -0.38 15.74
C LYS A 121 56.65 -0.21 14.24
N GLU A 122 56.02 -1.19 13.61
CA GLU A 122 55.83 -1.17 12.15
C GLU A 122 54.69 -0.25 11.71
N GLU A 123 53.82 0.10 12.65
CA GLU A 123 52.69 0.99 12.37
C GLU A 123 51.76 0.45 11.28
N TYR A 124 51.05 -0.64 11.60
CA TYR A 124 50.04 -1.22 10.74
C TYR A 124 48.81 -0.32 10.65
N GLY A 125 47.97 -0.55 9.64
CA GLY A 125 46.75 0.23 9.48
C GLY A 125 45.62 -0.57 8.86
N LEU A 126 44.39 -0.09 9.07
CA LEU A 126 43.19 -0.84 8.70
C LEU A 126 42.72 -0.47 7.29
N LYS A 127 42.32 -1.49 6.53
CA LYS A 127 41.99 -1.31 5.12
C LYS A 127 40.69 -0.55 4.87
N PRO A 128 40.78 0.61 4.21
CA PRO A 128 39.61 1.31 3.69
C PRO A 128 39.00 0.56 2.51
N MET A 129 39.83 -0.19 1.78
CA MET A 129 39.37 -0.90 0.60
C MET A 129 39.98 -2.31 0.49
N ASN A 130 39.55 -3.04 -0.53
CA ASN A 130 40.07 -4.38 -0.79
C ASN A 130 41.16 -4.48 -1.86
N CYS A 131 41.49 -3.35 -2.48
CA CYS A 131 42.31 -3.36 -3.69
C CYS A 131 43.72 -3.96 -3.54
N PRO A 132 44.52 -3.42 -2.60
CA PRO A 132 45.92 -3.86 -2.48
C PRO A 132 46.03 -5.36 -2.24
N GLY A 133 45.20 -5.88 -1.34
CA GLY A 133 45.21 -7.31 -1.04
C GLY A 133 44.95 -8.13 -2.28
N HIS A 134 43.95 -7.73 -3.06
CA HIS A 134 43.58 -8.44 -4.27
C HIS A 134 44.65 -8.31 -5.35
N CYS A 135 45.50 -7.30 -5.23
CA CYS A 135 46.67 -7.20 -6.10
C CYS A 135 47.76 -8.18 -5.65
N LEU A 136 47.93 -8.28 -4.33
CA LEU A 136 48.88 -9.22 -3.76
C LEU A 136 48.55 -10.66 -4.16
N ILE A 137 47.29 -11.03 -4.02
CA ILE A 137 46.83 -12.36 -4.40
C ILE A 137 47.25 -12.71 -5.82
N PHE A 138 47.10 -11.75 -6.74
CA PHE A 138 47.46 -11.94 -8.13
C PHE A 138 48.97 -12.03 -8.30
N GLY A 139 49.70 -11.23 -7.53
CA GLY A 139 51.15 -11.17 -7.64
C GLY A 139 51.88 -12.36 -7.03
N LYS A 140 51.26 -13.00 -6.06
CA LYS A 140 51.89 -14.10 -5.34
C LYS A 140 52.30 -15.27 -6.23
N LYS A 141 51.56 -15.46 -7.33
CA LYS A 141 51.83 -16.56 -8.24
C LYS A 141 52.09 -16.07 -9.66
N ASP A 142 52.77 -16.89 -10.45
CA ASP A 142 52.98 -16.58 -11.86
C ASP A 142 51.67 -16.81 -12.61
N ARG A 143 51.22 -15.79 -13.33
CA ARG A 143 49.93 -15.86 -14.01
C ARG A 143 50.11 -16.01 -15.52
N SER A 144 49.19 -16.74 -16.15
CA SER A 144 49.21 -16.93 -17.59
C SER A 144 47.93 -16.38 -18.21
N TYR A 145 48.00 -16.03 -19.48
CA TYR A 145 46.85 -15.44 -20.18
C TYR A 145 45.65 -16.39 -20.17
N ASN A 146 45.93 -17.69 -20.03
CA ASN A 146 44.88 -18.70 -20.04
C ASN A 146 44.08 -18.73 -18.74
N GLU A 147 44.64 -18.16 -17.68
CA GLU A 147 43.93 -18.03 -16.41
C GLU A 147 42.98 -16.84 -16.49
N LEU A 148 43.25 -15.95 -17.44
CA LEU A 148 42.44 -14.75 -17.62
C LEU A 148 41.22 -15.03 -18.49
N PRO A 149 40.11 -14.32 -18.21
CA PRO A 149 40.02 -13.34 -17.13
C PRO A 149 40.05 -13.98 -15.75
N LEU A 150 40.81 -13.38 -14.83
CA LEU A 150 40.84 -13.83 -13.45
C LEU A 150 40.09 -12.82 -12.59
N ARG A 151 38.98 -13.25 -12.00
CA ARG A 151 38.09 -12.37 -11.26
C ARG A 151 38.00 -12.74 -9.78
N PHE A 152 38.18 -11.75 -8.92
CA PHE A 152 38.09 -11.97 -7.47
C PHE A 152 36.94 -11.17 -6.87
N SER A 153 36.37 -11.68 -5.78
CA SER A 153 35.29 -11.00 -5.09
C SER A 153 35.46 -11.12 -3.58
N ASP A 154 35.29 -10.01 -2.87
CA ASP A 154 35.49 -10.00 -1.44
C ASP A 154 34.43 -9.19 -0.70
N PHE A 155 33.80 -9.82 0.28
CA PHE A 155 32.77 -9.17 1.09
C PHE A 155 33.33 -8.61 2.41
N SER A 156 34.63 -8.75 2.59
CA SER A 156 35.25 -8.37 3.86
C SER A 156 34.89 -6.94 4.28
N PRO A 157 34.68 -6.73 5.59
CA PRO A 157 34.31 -5.44 6.17
C PRO A 157 35.34 -4.36 5.86
N LEU A 158 34.88 -3.13 5.69
CA LEU A 158 35.78 -2.02 5.41
C LEU A 158 35.58 -0.87 6.39
N HIS A 159 36.69 -0.33 6.90
CA HIS A 159 36.64 0.79 7.84
C HIS A 159 37.17 2.08 7.24
N ARG A 160 36.36 3.13 7.32
CA ARG A 160 36.76 4.45 6.85
C ARG A 160 36.47 5.49 7.92
N ASN A 161 37.45 6.33 8.21
CA ASN A 161 37.29 7.36 9.23
C ASN A 161 36.83 8.69 8.63
N GLU A 162 35.62 9.11 9.01
CA GLU A 162 35.07 10.36 8.53
C GLU A 162 34.69 11.28 9.68
N ALA A 163 34.48 12.56 9.39
CA ALA A 163 34.19 13.55 10.41
C ALA A 163 32.99 13.16 11.25
N SER A 164 33.02 13.52 12.53
CA SER A 164 31.98 13.15 13.47
C SER A 164 30.57 13.54 13.00
N GLY A 165 30.49 14.60 12.19
CA GLY A 165 29.21 15.07 11.69
C GLY A 165 28.95 14.69 10.24
N ALA A 166 29.93 14.02 9.63
CA ALA A 166 29.82 13.62 8.24
C ALA A 166 28.95 12.38 8.06
N LEU A 167 29.13 11.40 8.95
CA LEU A 167 28.40 10.15 8.85
C LEU A 167 26.95 10.28 9.34
N SER A 168 26.02 9.87 8.49
CA SER A 168 24.61 9.88 8.85
C SER A 168 23.91 8.59 8.40
N GLY A 169 23.29 7.89 9.35
CA GLY A 169 22.59 6.65 9.04
C GLY A 169 23.46 5.64 8.34
N LEU A 170 22.85 4.85 7.45
CA LEU A 170 23.56 3.80 6.73
C LEU A 170 24.32 4.32 5.51
N THR A 171 23.93 5.50 5.02
CA THR A 171 24.53 6.05 3.80
C THR A 171 26.00 6.38 3.96
N ARG A 172 26.32 7.19 4.97
CA ARG A 172 27.71 7.51 5.29
C ARG A 172 28.08 6.89 6.62
N LEU A 173 29.03 5.96 6.61
CA LEU A 173 29.34 5.18 7.80
C LEU A 173 30.84 5.09 8.08
N ARG A 174 31.19 4.43 9.17
CA ARG A 174 32.59 4.17 9.52
C ARG A 174 32.92 2.73 9.17
N LYS A 175 32.29 1.79 9.87
CA LYS A 175 32.43 0.38 9.53
C LYS A 175 31.29 -0.03 8.61
N PHE A 176 31.64 -0.35 7.37
CA PHE A 176 30.62 -0.75 6.40
C PHE A 176 31.09 -1.91 5.52
N HIS A 177 30.17 -2.82 5.24
CA HIS A 177 30.45 -3.93 4.34
C HIS A 177 30.12 -3.53 2.91
N GLN A 178 31.01 -3.85 1.99
CA GLN A 178 30.81 -3.58 0.58
C GLN A 178 31.12 -4.84 -0.19
N ASP A 179 30.35 -5.11 -1.23
CA ASP A 179 30.66 -6.26 -2.05
C ASP A 179 31.57 -5.78 -3.17
N ASP A 180 32.82 -6.20 -3.12
CA ASP A 180 33.82 -5.71 -4.04
C ASP A 180 34.12 -6.77 -5.07
N GLY A 181 35.03 -6.45 -5.98
CA GLY A 181 35.52 -7.41 -6.94
C GLY A 181 36.52 -6.76 -7.87
N HIS A 182 37.34 -7.58 -8.51
CA HIS A 182 38.34 -7.07 -9.43
C HIS A 182 38.50 -8.03 -10.60
N ILE A 183 38.56 -7.48 -11.80
CA ILE A 183 38.75 -8.28 -13.00
C ILE A 183 40.11 -8.02 -13.61
N PHE A 184 40.92 -9.06 -13.70
CA PHE A 184 42.21 -8.97 -14.36
C PHE A 184 42.14 -9.69 -15.70
N CYS A 185 42.23 -8.93 -16.79
CA CYS A 185 42.04 -9.50 -18.12
C CYS A 185 42.87 -8.81 -19.19
N THR A 186 43.08 -9.52 -20.29
CA THR A 186 43.73 -8.94 -21.46
C THR A 186 42.78 -7.95 -22.12
N PRO A 187 43.33 -6.88 -22.73
CA PRO A 187 42.50 -5.83 -23.32
C PRO A 187 41.41 -6.39 -24.23
N SER A 188 41.76 -7.38 -25.04
CA SER A 188 40.84 -7.93 -26.03
C SER A 188 39.48 -8.28 -25.45
N GLN A 189 39.48 -8.86 -24.25
CA GLN A 189 38.24 -9.33 -23.65
C GLN A 189 37.57 -8.30 -22.75
N VAL A 190 38.25 -7.17 -22.56
CA VAL A 190 37.74 -6.15 -21.63
C VAL A 190 36.27 -5.85 -21.89
N LYS A 191 35.92 -5.55 -23.14
CA LYS A 191 34.55 -5.22 -23.46
C LYS A 191 33.63 -6.28 -22.88
N SER A 192 33.90 -7.53 -23.24
CA SER A 192 33.04 -8.63 -22.81
C SER A 192 32.83 -8.49 -21.32
N GLU A 193 33.92 -8.40 -20.57
CA GLU A 193 33.82 -8.33 -19.11
C GLU A 193 32.86 -7.23 -18.71
N ILE A 194 33.14 -6.00 -19.17
CA ILE A 194 32.30 -4.87 -18.82
C ILE A 194 30.85 -5.26 -19.06
N PHE A 195 30.57 -5.79 -20.25
CA PHE A 195 29.21 -6.20 -20.60
C PHE A 195 28.64 -7.02 -19.47
N ASN A 196 29.23 -8.18 -19.21
CA ASN A 196 28.78 -9.06 -18.13
C ASN A 196 28.58 -8.30 -16.83
N SER A 197 29.59 -7.52 -16.44
CA SER A 197 29.53 -6.79 -15.17
C SER A 197 28.32 -5.86 -15.11
N LEU A 198 27.95 -5.29 -16.25
CA LEU A 198 26.75 -4.47 -16.32
C LEU A 198 25.48 -5.33 -16.25
N LYS A 199 25.50 -6.47 -16.92
CA LYS A 199 24.35 -7.36 -16.92
C LYS A 199 23.91 -7.64 -15.49
N LEU A 200 24.88 -7.95 -14.64
CA LEU A 200 24.62 -8.19 -13.23
C LEU A 200 23.83 -7.03 -12.65
N ILE A 201 24.36 -5.83 -12.81
CA ILE A 201 23.67 -4.62 -12.37
C ILE A 201 22.25 -4.56 -12.94
N ASP A 202 22.13 -4.82 -14.24
CA ASP A 202 20.83 -4.83 -14.91
C ASP A 202 19.87 -5.80 -14.25
N ILE A 203 20.40 -6.92 -13.75
CA ILE A 203 19.58 -7.93 -13.08
C ILE A 203 19.19 -7.47 -11.67
N VAL A 204 20.04 -6.65 -11.06
CA VAL A 204 19.80 -6.19 -9.70
C VAL A 204 18.75 -5.09 -9.62
N TYR A 205 19.07 -3.92 -10.18
CA TYR A 205 18.20 -2.76 -10.06
C TYR A 205 17.00 -2.78 -11.00
N ASN A 206 17.21 -3.26 -12.21
CA ASN A 206 16.16 -3.22 -13.24
C ASN A 206 15.26 -4.45 -13.24
N LYS A 207 15.60 -5.47 -12.45
CA LYS A 207 14.81 -6.69 -12.42
C LYS A 207 14.34 -7.10 -11.03
N ILE A 208 15.30 -7.45 -10.16
CA ILE A 208 14.98 -7.94 -8.82
C ILE A 208 14.41 -6.84 -7.90
N PHE A 209 14.46 -5.59 -8.34
CA PHE A 209 14.06 -4.48 -7.47
C PHE A 209 13.19 -3.38 -8.11
N PRO A 210 12.25 -2.85 -7.31
CA PRO A 210 11.25 -1.78 -7.50
C PRO A 210 11.86 -0.38 -7.55
N PHE A 211 10.99 0.63 -7.47
CA PHE A 211 11.36 2.04 -7.43
C PHE A 211 11.93 2.64 -8.72
N VAL A 212 11.36 2.23 -9.86
CA VAL A 212 11.63 2.82 -11.17
C VAL A 212 12.58 1.98 -12.01
N ALA A 218 14.89 0.92 -23.56
CA ALA A 218 14.21 2.21 -23.57
C ALA A 218 14.04 2.76 -22.16
N GLU A 219 13.00 2.30 -21.48
CA GLU A 219 12.73 2.73 -20.11
C GLU A 219 13.30 1.74 -19.11
N SER A 220 14.30 2.19 -18.35
CA SER A 220 14.93 1.34 -17.35
C SER A 220 14.98 2.05 -16.00
N ASN A 221 15.53 1.36 -15.01
CA ASN A 221 15.59 1.88 -13.65
C ASN A 221 16.71 2.90 -13.46
N TYR A 222 17.84 2.66 -14.12
CA TYR A 222 19.03 3.48 -13.93
C TYR A 222 19.59 4.01 -15.24
N PHE A 223 20.36 5.09 -15.17
CA PHE A 223 21.16 5.53 -16.29
C PHE A 223 22.64 5.47 -15.90
N ILE A 224 23.52 5.80 -16.83
CA ILE A 224 24.96 5.64 -16.59
C ILE A 224 25.78 6.88 -16.92
N ASN A 225 26.64 7.27 -15.98
CA ASN A 225 27.57 8.36 -16.20
C ASN A 225 28.92 7.83 -16.68
N PHE A 226 29.27 8.14 -17.92
CA PHE A 226 30.50 7.66 -18.53
C PHE A 226 31.60 8.70 -18.35
N SER A 227 32.60 8.38 -17.55
CA SER A 227 33.68 9.31 -17.25
C SER A 227 34.93 9.03 -18.06
N THR A 228 35.28 9.97 -18.94
CA THR A 228 36.42 9.83 -19.84
C THR A 228 37.69 10.45 -19.28
N ARG A 229 38.76 10.39 -20.07
CA ARG A 229 40.08 10.86 -19.64
C ARG A 229 40.09 12.35 -19.30
N PRO A 230 40.79 12.70 -18.20
CA PRO A 230 41.04 14.10 -17.85
C PRO A 230 42.17 14.66 -18.71
N ASP A 231 42.52 15.93 -18.49
CA ASP A 231 43.62 16.54 -19.21
C ASP A 231 44.95 15.97 -18.75
N HIS A 232 45.00 15.52 -17.50
CA HIS A 232 46.19 14.90 -16.94
C HIS A 232 45.91 13.45 -16.57
N PHE A 233 46.73 12.53 -17.09
CA PHE A 233 46.48 11.11 -16.92
C PHE A 233 47.78 10.31 -16.89
N ILE A 234 47.65 8.99 -16.73
CA ILE A 234 48.80 8.09 -16.75
C ILE A 234 48.48 6.82 -17.52
N GLY A 235 49.51 6.17 -18.06
CA GLY A 235 49.33 4.99 -18.88
C GLY A 235 49.27 5.37 -20.35
N ASP A 236 49.69 4.46 -21.23
CA ASP A 236 49.73 4.76 -22.66
C ASP A 236 48.34 5.11 -23.21
N LEU A 237 48.30 6.11 -24.09
CA LEU A 237 47.05 6.61 -24.65
C LEU A 237 46.37 5.58 -25.55
N LYS A 238 47.16 4.64 -26.07
CA LYS A 238 46.63 3.59 -26.93
C LYS A 238 45.54 2.78 -26.22
N VAL A 239 45.93 2.05 -25.18
CA VAL A 239 44.99 1.24 -24.42
C VAL A 239 43.88 2.11 -23.84
N TRP A 240 44.19 3.36 -23.57
CA TRP A 240 43.21 4.33 -23.10
C TRP A 240 42.07 4.47 -24.11
N ASN A 241 42.43 4.79 -25.34
CA ASN A 241 41.47 4.98 -26.41
C ASN A 241 40.75 3.69 -26.79
N HIS A 242 41.46 2.57 -26.70
CA HIS A 242 40.84 1.28 -26.92
C HIS A 242 39.71 1.08 -25.91
N ALA A 243 40.05 1.28 -24.64
CA ALA A 243 39.07 1.22 -23.56
C ALA A 243 37.87 2.12 -23.86
N GLU A 244 38.12 3.42 -23.93
CA GLU A 244 37.05 4.38 -24.18
C GLU A 244 36.17 4.02 -25.38
N GLN A 245 36.79 3.55 -26.45
CA GLN A 245 36.04 3.16 -27.65
C GLN A 245 35.14 1.96 -27.34
N VAL A 246 35.72 0.95 -26.73
CA VAL A 246 34.96 -0.23 -26.30
C VAL A 246 33.75 0.17 -25.47
N LEU A 247 33.95 1.09 -24.54
CA LEU A 247 32.87 1.56 -23.67
C LEU A 247 31.80 2.30 -24.49
N LYS A 248 32.23 3.22 -25.35
CA LYS A 248 31.30 3.92 -26.23
C LYS A 248 30.43 2.92 -26.98
N GLU A 249 31.05 1.82 -27.41
CA GLU A 249 30.31 0.76 -28.11
C GLU A 249 29.30 0.10 -27.18
N ILE A 250 29.75 -0.25 -25.97
CA ILE A 250 28.89 -0.91 -25.00
C ILE A 250 27.65 -0.08 -24.67
N LEU A 251 27.87 1.16 -24.24
CA LEU A 251 26.76 2.07 -23.92
C LEU A 251 25.90 2.33 -25.14
N GLU A 252 26.53 2.44 -26.31
CA GLU A 252 25.82 2.70 -27.56
C GLU A 252 24.81 1.60 -27.85
N GLU A 253 25.23 0.35 -27.68
CA GLU A 253 24.39 -0.80 -27.98
C GLU A 253 23.61 -1.25 -26.75
N SER A 254 23.80 -0.54 -25.65
CA SER A 254 23.13 -0.90 -24.39
C SER A 254 21.62 -0.73 -24.47
N GLY A 255 21.18 0.43 -24.96
CA GLY A 255 19.77 0.76 -24.98
C GLY A 255 19.41 1.59 -23.76
N LYS A 256 20.25 1.50 -22.73
CA LYS A 256 20.09 2.32 -21.54
C LYS A 256 20.58 3.73 -21.82
N PRO A 257 19.94 4.73 -21.20
CA PRO A 257 20.38 6.12 -21.36
C PRO A 257 21.69 6.35 -20.63
N TRP A 258 22.59 7.13 -21.23
CA TRP A 258 23.86 7.43 -20.57
C TRP A 258 24.31 8.87 -20.80
N LYS A 259 24.69 9.54 -19.72
CA LYS A 259 25.26 10.87 -19.80
C LYS A 259 26.75 10.80 -20.11
N LEU A 260 27.25 11.76 -20.88
CA LEU A 260 28.64 11.73 -21.31
C LEU A 260 29.62 12.16 -20.21
N ASN A 261 29.22 13.13 -19.40
CA ASN A 261 30.07 13.63 -18.31
C ASN A 261 31.56 13.63 -18.68
N PRO A 262 31.91 14.33 -19.77
CA PRO A 262 33.26 14.26 -20.33
C PRO A 262 34.32 14.91 -19.45
N GLY A 263 35.45 14.22 -19.30
CA GLY A 263 36.62 14.80 -18.67
C GLY A 263 36.77 14.67 -17.17
N ASP A 264 35.73 14.21 -16.47
CA ASP A 264 35.83 14.13 -15.02
C ASP A 264 36.27 12.75 -14.56
N GLY A 265 37.51 12.69 -14.07
CA GLY A 265 38.06 11.49 -13.48
C GLY A 265 38.38 10.50 -14.58
N ALA A 266 39.28 9.56 -14.32
CA ALA A 266 40.18 9.59 -13.19
C ALA A 266 41.57 9.35 -13.76
N PHE A 267 42.61 9.89 -13.11
CA PHE A 267 43.96 9.82 -13.67
C PHE A 267 44.42 8.39 -13.95
N TYR A 268 43.83 7.43 -13.23
CA TYR A 268 44.11 6.02 -13.47
C TYR A 268 43.17 5.35 -14.48
N GLY A 269 42.35 6.15 -15.14
CA GLY A 269 41.47 5.66 -16.19
C GLY A 269 39.98 5.66 -15.97
N PRO A 270 39.22 5.44 -17.07
CA PRO A 270 37.79 5.70 -17.27
C PRO A 270 36.88 5.10 -16.21
N LYS A 271 35.76 5.76 -15.97
CA LYS A 271 34.80 5.31 -14.96
C LYS A 271 33.40 5.14 -15.53
N LEU A 272 32.59 4.32 -14.85
CA LEU A 272 31.18 4.21 -15.14
C LEU A 272 30.38 4.26 -13.85
N ASP A 273 29.50 5.24 -13.72
CA ASP A 273 28.72 5.40 -12.51
C ASP A 273 27.26 5.01 -12.75
N ILE A 274 26.74 4.16 -11.88
CA ILE A 274 25.35 3.72 -11.98
C ILE A 274 24.43 4.66 -11.20
N MET A 275 23.51 5.30 -11.91
CA MET A 275 22.63 6.29 -11.32
C MET A 275 21.17 5.83 -11.26
N VAL A 276 20.63 5.74 -10.06
CA VAL A 276 19.22 5.41 -9.87
C VAL A 276 18.51 6.54 -9.13
N THR A 277 17.31 6.89 -9.57
CA THR A 277 16.59 8.02 -8.99
C THR A 277 15.47 7.60 -8.02
N ASP A 278 15.35 8.34 -6.94
CA ASP A 278 14.33 8.09 -5.92
C ASP A 278 12.92 8.38 -6.42
N HIS A 279 11.93 7.82 -5.74
CA HIS A 279 10.54 8.22 -5.94
C HIS A 279 10.40 9.66 -5.48
N LEU A 280 11.40 10.12 -4.72
CA LEU A 280 11.46 11.50 -4.23
C LEU A 280 12.27 12.40 -5.16
N ARG A 281 12.72 11.82 -6.28
CA ARG A 281 13.45 12.57 -7.31
C ARG A 281 14.94 12.75 -6.98
N LYS A 282 15.35 12.31 -5.79
CA LYS A 282 16.76 12.37 -5.41
C LYS A 282 17.57 11.36 -6.21
N THR A 283 18.63 11.85 -6.87
CA THR A 283 19.44 10.99 -7.72
C THR A 283 20.63 10.41 -6.96
N HIS A 284 20.77 9.10 -7.01
CA HIS A 284 21.80 8.38 -6.25
C HIS A 284 22.79 7.65 -7.14
N GLN A 285 24.05 7.71 -6.75
CA GLN A 285 25.09 6.87 -7.34
C GLN A 285 25.39 5.73 -6.38
N VAL A 286 25.07 4.51 -6.80
CA VAL A 286 25.23 3.36 -5.92
C VAL A 286 26.54 2.60 -6.17
N ALA A 287 26.67 2.03 -7.36
CA ALA A 287 27.84 1.23 -7.70
C ALA A 287 28.62 1.84 -8.86
N THR A 288 29.91 1.52 -8.93
CA THR A 288 30.76 2.07 -9.98
C THR A 288 31.71 1.02 -10.58
N ILE A 289 31.79 1.01 -11.90
CA ILE A 289 32.74 0.15 -12.61
C ILE A 289 33.91 1.00 -13.09
N GLN A 290 35.09 0.78 -12.51
CA GLN A 290 36.21 1.66 -12.78
C GLN A 290 37.51 0.95 -13.14
N LEU A 291 37.99 1.18 -14.36
CA LEU A 291 39.28 0.64 -14.79
C LEU A 291 40.40 1.33 -14.03
N ASP A 292 41.40 0.56 -13.61
CA ASP A 292 42.53 1.12 -12.89
C ASP A 292 43.85 0.73 -13.54
N PHE A 293 44.55 1.71 -14.10
CA PHE A 293 45.85 1.48 -14.71
C PHE A 293 47.03 1.72 -13.77
N GLN A 294 46.75 2.29 -12.60
CA GLN A 294 47.81 2.64 -11.66
C GLN A 294 48.32 1.46 -10.85
N LEU A 295 47.40 0.63 -10.36
CA LEU A 295 47.78 -0.50 -9.51
C LEU A 295 48.59 -1.56 -10.23
N PRO A 296 48.16 -1.96 -11.44
CA PRO A 296 48.95 -2.94 -12.19
C PRO A 296 50.40 -2.51 -12.34
N GLU A 297 50.63 -1.23 -12.58
CA GLU A 297 51.98 -0.72 -12.79
C GLU A 297 52.75 -0.56 -11.47
N ARG A 298 52.04 -0.12 -10.43
CA ARG A 298 52.68 0.15 -9.15
C ARG A 298 52.95 -1.13 -8.35
N PHE A 299 52.12 -2.15 -8.58
CA PHE A 299 52.32 -3.46 -7.96
C PHE A 299 53.09 -4.39 -8.91
N ASP A 300 53.41 -3.88 -10.08
CA ASP A 300 54.15 -4.64 -11.09
C ASP A 300 53.56 -6.03 -11.29
N LEU A 301 52.35 -6.09 -11.84
CA LEU A 301 51.69 -7.35 -12.13
C LEU A 301 51.94 -7.76 -13.58
N LYS A 302 52.22 -9.05 -13.78
CA LYS A 302 52.54 -9.55 -15.11
C LYS A 302 51.84 -10.88 -15.40
N PHE A 303 51.56 -11.12 -16.68
CA PHE A 303 50.98 -12.39 -17.11
C PHE A 303 51.62 -12.84 -18.42
N LYS A 304 51.79 -14.15 -18.57
CA LYS A 304 52.35 -14.71 -19.79
C LYS A 304 51.32 -14.68 -20.91
N ASP A 305 51.70 -14.08 -22.04
CA ASP A 305 50.79 -13.94 -23.18
C ASP A 305 50.90 -15.17 -24.09
N GLN A 306 50.12 -15.15 -25.16
CA GLN A 306 50.11 -16.27 -26.12
C GLN A 306 51.33 -16.18 -27.04
N ASP A 307 51.92 -14.99 -27.12
CA ASP A 307 53.12 -14.79 -27.92
CA ASP A 307 53.12 -14.78 -27.92
C ASP A 307 54.37 -15.03 -27.08
N ASN A 308 54.15 -15.47 -25.84
CA ASN A 308 55.25 -15.76 -24.91
C ASN A 308 56.03 -14.52 -24.50
N SER A 309 55.32 -13.40 -24.33
CA SER A 309 55.92 -12.17 -23.83
C SER A 309 55.18 -11.71 -22.58
N TYR A 310 55.82 -10.87 -21.78
CA TYR A 310 55.21 -10.39 -20.55
C TYR A 310 54.47 -9.07 -20.74
N LYS A 311 53.16 -9.11 -20.59
CA LYS A 311 52.33 -7.91 -20.67
C LYS A 311 51.64 -7.65 -19.34
N ARG A 312 51.38 -6.39 -19.04
CA ARG A 312 50.72 -6.01 -17.80
C ARG A 312 49.20 -6.08 -17.95
N PRO A 313 48.53 -6.77 -17.02
CA PRO A 313 47.08 -7.01 -17.09
C PRO A 313 46.26 -5.75 -16.82
N ILE A 314 45.04 -5.73 -17.35
CA ILE A 314 44.13 -4.61 -17.10
C ILE A 314 43.25 -4.92 -15.89
N MET A 315 43.18 -3.96 -14.97
CA MET A 315 42.44 -4.16 -13.72
C MET A 315 41.11 -3.43 -13.74
N ILE A 316 40.06 -4.09 -13.26
CA ILE A 316 38.73 -3.50 -13.22
C ILE A 316 38.10 -3.59 -11.82
N HIS A 317 37.81 -2.44 -11.24
CA HIS A 317 37.10 -2.37 -9.97
C HIS A 317 35.60 -2.49 -10.21
N ARG A 318 34.98 -3.49 -9.60
CA ARG A 318 33.56 -3.77 -9.80
C ARG A 318 32.78 -3.75 -8.48
N ALA A 319 31.67 -3.03 -8.48
CA ALA A 319 30.76 -3.00 -7.35
C ALA A 319 29.32 -3.05 -7.86
N THR A 320 28.42 -3.60 -7.06
CA THR A 320 27.02 -3.68 -7.45
C THR A 320 26.12 -3.06 -6.38
N PHE A 321 26.07 -3.69 -5.21
CA PHE A 321 25.31 -3.16 -4.10
C PHE A 321 25.96 -1.89 -3.55
N GLY A 322 27.19 -1.62 -4.00
CA GLY A 322 27.96 -0.53 -3.45
C GLY A 322 28.17 -0.81 -1.97
N SER A 323 27.79 0.14 -1.12
CA SER A 323 27.79 -0.09 0.31
C SER A 323 26.55 -0.88 0.68
N ILE A 324 26.74 -2.06 1.27
CA ILE A 324 25.62 -2.93 1.63
C ILE A 324 24.64 -2.20 2.55
N GLU A 325 25.17 -1.54 3.57
CA GLU A 325 24.35 -0.76 4.49
C GLU A 325 23.57 0.30 3.72
N ARG A 326 24.27 0.99 2.82
CA ARG A 326 23.63 2.00 1.99
C ARG A 326 22.54 1.40 1.12
N PHE A 327 22.83 0.25 0.51
CA PHE A 327 21.85 -0.44 -0.33
C PHE A 327 20.59 -0.74 0.47
N MET A 328 20.79 -1.25 1.68
CA MET A 328 19.67 -1.53 2.58
C MET A 328 18.91 -0.24 2.89
N ALA A 329 19.65 0.85 3.03
CA ALA A 329 19.04 2.17 3.19
C ALA A 329 18.07 2.43 2.05
N LEU A 330 18.59 2.47 0.84
CA LEU A 330 17.77 2.70 -0.35
C LEU A 330 16.54 1.80 -0.35
N LEU A 331 16.74 0.51 -0.10
CA LEU A 331 15.62 -0.44 -0.04
C LEU A 331 14.57 0.01 0.97
N ILE A 332 15.04 0.46 2.14
CA ILE A 332 14.15 0.95 3.19
C ILE A 332 13.32 2.13 2.70
N ASP A 333 14.01 3.16 2.19
CA ASP A 333 13.32 4.34 1.70
C ASP A 333 12.32 4.00 0.60
N SER A 334 12.64 2.99 -0.21
CA SER A 334 11.77 2.58 -1.31
C SER A 334 10.51 1.85 -0.83
N ASN A 335 10.69 0.83 0.00
CA ASN A 335 9.58 0.01 0.45
C ASN A 335 9.01 0.44 1.80
N GLU A 336 9.62 1.44 2.41
CA GLU A 336 9.17 1.97 3.69
C GLU A 336 8.90 0.89 4.72
N GLY A 337 9.70 -0.17 4.70
CA GLY A 337 9.59 -1.23 5.67
C GLY A 337 8.83 -2.46 5.19
N ARG A 338 8.23 -2.37 4.01
CA ARG A 338 7.52 -3.52 3.45
C ARG A 338 8.43 -4.31 2.54
N TRP A 339 8.81 -5.50 3.00
CA TRP A 339 9.77 -6.34 2.28
C TRP A 339 9.15 -7.32 1.30
N PRO A 340 9.86 -7.60 0.19
CA PRO A 340 9.48 -8.74 -0.64
C PRO A 340 9.50 -9.99 0.22
N PHE A 341 8.71 -11.00 -0.12
CA PHE A 341 8.56 -12.17 0.74
C PHE A 341 9.88 -12.81 1.17
N TRP A 342 10.88 -12.80 0.29
CA TRP A 342 12.13 -13.47 0.59
C TRP A 342 13.03 -12.69 1.54
N LEU A 343 13.08 -11.37 1.37
CA LEU A 343 13.93 -10.52 2.20
C LEU A 343 13.33 -10.21 3.57
N ASN A 344 12.03 -10.47 3.71
CA ASN A 344 11.31 -10.04 4.91
C ASN A 344 11.65 -10.84 6.16
N PRO A 345 12.19 -10.16 7.18
CA PRO A 345 12.48 -10.77 8.48
C PRO A 345 11.25 -11.45 9.05
N TYR A 346 10.08 -10.85 8.84
CA TYR A 346 8.83 -11.52 9.16
C TYR A 346 8.18 -11.97 7.86
N GLN A 347 8.21 -13.28 7.63
CA GLN A 347 7.68 -13.83 6.38
C GLN A 347 6.17 -14.02 6.39
N ALA A 348 5.61 -14.28 7.57
CA ALA A 348 4.19 -14.55 7.71
C ALA A 348 3.82 -14.80 9.16
N VAL A 349 2.53 -14.73 9.48
CA VAL A 349 2.08 -14.91 10.85
C VAL A 349 0.79 -15.72 10.93
N ILE A 350 0.66 -16.54 11.97
CA ILE A 350 -0.52 -17.37 12.14
C ILE A 350 -1.36 -16.94 13.36
N ILE A 351 -2.59 -16.51 13.08
CA ILE A 351 -3.50 -16.09 14.14
C ILE A 351 -4.72 -17.00 14.20
N PRO A 352 -4.89 -17.71 15.33
CA PRO A 352 -6.13 -18.41 15.63
C PRO A 352 -7.19 -17.40 16.06
N VAL A 353 -8.44 -17.64 15.72
CA VAL A 353 -9.50 -16.72 16.13
C VAL A 353 -9.68 -16.71 17.64
N ASN A 354 -9.87 -17.89 18.21
CA ASN A 354 -10.02 -18.02 19.65
C ASN A 354 -8.78 -18.60 20.31
N THR A 355 -8.15 -17.81 21.17
CA THR A 355 -6.95 -18.25 21.87
C THR A 355 -7.17 -19.56 22.62
N LYS A 356 -8.38 -19.73 23.14
CA LYS A 356 -8.70 -20.89 23.95
C LYS A 356 -9.33 -22.04 23.15
N ASN A 357 -9.45 -21.86 21.84
CA ASN A 357 -10.00 -22.90 20.98
C ASN A 357 -8.95 -23.95 20.66
N VAL A 358 -9.23 -25.20 21.02
CA VAL A 358 -8.27 -26.28 20.87
C VAL A 358 -7.96 -26.61 19.40
N GLN A 359 -9.00 -26.83 18.61
CA GLN A 359 -8.85 -27.17 17.20
C GLN A 359 -7.94 -26.16 16.50
N GLN A 360 -8.31 -24.89 16.63
CA GLN A 360 -7.57 -23.80 15.99
C GLN A 360 -6.12 -23.76 16.47
N LEU A 361 -5.93 -23.91 17.78
CA LEU A 361 -4.59 -23.94 18.35
C LEU A 361 -3.72 -25.02 17.73
N ASP A 362 -4.20 -26.27 17.78
CA ASP A 362 -3.46 -27.40 17.23
C ASP A 362 -3.15 -27.18 15.75
N MET A 363 -4.15 -26.72 15.00
CA MET A 363 -3.97 -26.48 13.57
C MET A 363 -2.84 -25.47 13.33
N CYS A 364 -2.94 -24.33 13.99
CA CYS A 364 -1.95 -23.26 13.85
C CYS A 364 -0.55 -23.72 14.24
N THR A 365 -0.43 -24.34 15.42
CA THR A 365 0.87 -24.82 15.90
C THR A 365 1.46 -25.81 14.91
N ALA A 366 0.63 -26.68 14.36
CA ALA A 366 1.07 -27.65 13.37
C ALA A 366 1.65 -26.94 12.15
N LEU A 367 0.86 -26.05 11.55
CA LEU A 367 1.32 -25.34 10.36
C LEU A 367 2.63 -24.62 10.64
N GLN A 368 2.69 -23.89 11.76
CA GLN A 368 3.93 -23.24 12.17
C GLN A 368 5.09 -24.23 12.15
N LYS A 369 4.99 -25.26 13.00
CA LYS A 369 6.05 -26.25 13.13
C LYS A 369 6.53 -26.74 11.76
N LYS A 370 5.60 -26.94 10.84
CA LYS A 370 5.98 -27.34 9.48
C LYS A 370 6.77 -26.25 8.76
N LEU A 371 6.21 -25.04 8.74
CA LEU A 371 6.78 -23.94 7.97
C LEU A 371 8.17 -23.51 8.45
N ARG A 372 8.37 -23.49 9.75
CA ARG A 372 9.67 -23.11 10.30
C ARG A 372 10.70 -24.20 10.07
N ASN A 373 10.25 -25.46 10.09
CA ASN A 373 11.11 -26.59 9.81
C ASN A 373 12.35 -26.62 10.70
N GLU A 374 12.16 -26.86 11.99
CA GLU A 374 13.25 -26.87 12.95
C GLU A 374 13.36 -28.20 13.67
N LEU A 375 14.58 -28.51 14.13
CA LEU A 375 14.84 -29.76 14.83
C LEU A 375 15.14 -29.53 16.31
N GLU A 376 14.69 -30.45 17.16
CA GLU A 376 14.87 -30.32 18.59
C GLU A 376 16.34 -30.29 19.00
N ALA A 377 16.64 -29.56 20.07
CA ALA A 377 18.02 -29.41 20.54
C ALA A 377 18.49 -30.64 21.29
N ASP A 378 17.59 -31.29 22.01
CA ASP A 378 17.92 -32.50 22.75
C ASP A 378 18.15 -33.68 21.82
N ASP A 379 17.88 -33.46 20.53
CA ASP A 379 18.03 -34.49 19.51
C ASP A 379 19.48 -34.62 19.05
N MET A 380 19.69 -35.44 18.03
CA MET A 380 21.01 -35.66 17.46
C MET A 380 21.07 -35.23 16.00
N GLU A 381 20.26 -35.87 15.16
CA GLU A 381 20.25 -35.58 13.73
C GLU A 381 20.16 -34.07 13.50
N PRO A 382 21.07 -33.54 12.68
CA PRO A 382 21.19 -32.11 12.41
C PRO A 382 20.36 -31.66 11.23
N VAL A 383 20.43 -30.37 10.90
CA VAL A 383 19.75 -29.83 9.72
C VAL A 383 20.64 -29.97 8.50
N PRO A 384 20.05 -30.38 7.36
CA PRO A 384 20.79 -30.57 6.11
C PRO A 384 21.00 -29.26 5.37
N LEU A 385 21.56 -29.34 4.17
CA LEU A 385 21.80 -28.16 3.34
C LEU A 385 20.69 -27.95 2.31
N ASN A 386 20.37 -26.69 2.05
CA ASN A 386 19.36 -26.35 1.06
C ASN A 386 17.97 -26.83 1.44
N ASP A 387 17.72 -26.90 2.73
CA ASP A 387 16.39 -27.21 3.24
C ASP A 387 15.67 -25.90 3.52
N TRP A 388 14.39 -25.83 3.17
CA TRP A 388 13.64 -24.58 3.28
C TRP A 388 13.21 -24.26 4.71
N HIS A 389 13.39 -22.99 5.09
CA HIS A 389 12.98 -22.52 6.40
C HIS A 389 12.32 -21.15 6.31
N PHE A 390 11.14 -21.02 6.90
CA PHE A 390 10.42 -19.75 6.89
C PHE A 390 10.13 -19.29 8.32
N ASN A 391 10.23 -17.98 8.54
CA ASN A 391 10.13 -17.44 9.90
C ASN A 391 8.81 -17.72 10.61
N VAL A 392 7.71 -17.29 10.00
CA VAL A 392 6.37 -17.69 10.44
C VAL A 392 6.14 -17.62 11.95
N ASP A 393 6.06 -16.42 12.50
CA ASP A 393 5.73 -16.23 13.91
C ASP A 393 4.28 -16.59 14.20
N LEU A 394 4.00 -16.92 15.46
CA LEU A 394 2.66 -17.30 15.90
C LEU A 394 2.19 -16.42 17.06
N ASP A 395 1.05 -15.76 16.88
CA ASP A 395 0.55 -14.85 17.91
C ASP A 395 -0.45 -15.57 18.83
N ILE A 396 -0.04 -15.79 20.08
CA ILE A 396 -0.85 -16.46 21.07
C ILE A 396 -1.60 -15.49 21.99
N ARG A 397 -1.39 -14.20 21.78
CA ARG A 397 -1.92 -13.19 22.68
C ARG A 397 -3.44 -13.30 22.83
N ASN A 398 -3.93 -12.99 24.03
CA ASN A 398 -5.32 -13.24 24.39
C ASN A 398 -6.26 -12.11 23.96
N GLU A 399 -5.70 -11.09 23.30
CA GLU A 399 -6.51 -9.96 22.84
C GLU A 399 -7.49 -10.42 21.76
N PRO A 400 -8.34 -9.51 21.27
CA PRO A 400 -9.27 -9.86 20.19
C PRO A 400 -8.56 -10.15 18.88
N VAL A 401 -9.24 -10.83 17.97
CA VAL A 401 -8.67 -11.16 16.67
C VAL A 401 -8.25 -9.91 15.91
N GLY A 402 -9.15 -8.96 15.81
CA GLY A 402 -8.88 -7.71 15.12
C GLY A 402 -7.60 -7.04 15.61
N TYR A 403 -7.31 -7.22 16.89
CA TYR A 403 -6.12 -6.63 17.49
C TYR A 403 -4.85 -7.24 16.92
N ARG A 404 -4.80 -8.57 16.87
CA ARG A 404 -3.64 -9.27 16.32
C ARG A 404 -3.52 -9.04 14.82
N ILE A 405 -4.66 -8.98 14.14
CA ILE A 405 -4.68 -8.61 12.73
C ILE A 405 -3.98 -7.26 12.55
N LYS A 406 -4.56 -6.22 13.14
CA LYS A 406 -3.99 -4.88 13.09
C LYS A 406 -2.50 -4.87 13.40
N SER A 407 -2.15 -5.24 14.63
CA SER A 407 -0.77 -5.22 15.07
C SER A 407 0.16 -5.93 14.09
N ALA A 408 -0.27 -7.09 13.60
CA ALA A 408 0.52 -7.85 12.65
C ALA A 408 0.66 -7.11 11.31
N ILE A 409 -0.35 -6.32 10.96
CA ILE A 409 -0.31 -5.54 9.74
C ILE A 409 0.69 -4.40 9.87
N LEU A 410 0.64 -3.70 11.00
CA LEU A 410 1.59 -2.64 11.30
C LEU A 410 2.99 -3.25 11.42
N LYS A 411 3.04 -4.55 11.66
CA LYS A 411 4.31 -5.26 11.82
C LYS A 411 4.90 -5.65 10.47
N ASN A 412 4.14 -5.42 9.40
CA ASN A 412 4.66 -5.61 8.04
C ASN A 412 4.63 -7.03 7.46
N TYR A 413 4.14 -8.00 8.24
CA TYR A 413 4.19 -9.39 7.83
C TYR A 413 3.68 -9.54 6.41
N SER A 414 4.43 -10.29 5.59
CA SER A 414 4.09 -10.46 4.19
C SER A 414 2.80 -11.25 3.98
N TYR A 415 2.59 -12.25 4.83
CA TYR A 415 1.40 -13.09 4.70
C TYR A 415 0.68 -13.29 6.04
N LEU A 416 -0.61 -12.99 6.05
CA LEU A 416 -1.43 -13.24 7.23
C LEU A 416 -2.26 -14.50 7.05
N ILE A 417 -2.06 -15.45 7.96
CA ILE A 417 -2.77 -16.72 7.94
C ILE A 417 -3.59 -16.87 9.22
N ILE A 418 -4.91 -16.85 9.10
CA ILE A 418 -5.80 -16.97 10.25
C ILE A 418 -6.61 -18.25 10.18
N VAL A 419 -6.98 -18.75 11.37
CA VAL A 419 -7.81 -19.94 11.48
C VAL A 419 -9.01 -19.71 12.40
N GLY A 420 -10.21 -19.80 11.84
CA GLY A 420 -11.44 -19.68 12.60
C GLY A 420 -12.14 -21.02 12.75
N ASP A 421 -13.41 -20.98 13.14
CA ASP A 421 -14.22 -22.18 13.22
C ASP A 421 -14.39 -22.78 11.83
N GLU A 422 -14.76 -21.94 10.87
CA GLU A 422 -14.92 -22.34 9.48
C GLU A 422 -13.65 -23.00 8.96
N GLU A 423 -12.52 -22.34 9.17
CA GLU A 423 -11.24 -22.88 8.73
C GLU A 423 -10.99 -24.26 9.32
N VAL A 424 -11.30 -24.42 10.60
CA VAL A 424 -11.14 -25.70 11.28
C VAL A 424 -12.01 -26.80 10.66
N GLN A 425 -13.31 -26.54 10.58
CA GLN A 425 -14.25 -27.52 10.04
C GLN A 425 -13.89 -27.91 8.61
N LEU A 426 -13.45 -26.93 7.82
CA LEU A 426 -13.12 -27.17 6.43
C LEU A 426 -11.67 -27.67 6.29
N GLN A 427 -10.98 -27.75 7.44
CA GLN A 427 -9.57 -28.15 7.46
C GLN A 427 -8.74 -27.46 6.40
N LYS A 428 -8.64 -26.13 6.52
CA LYS A 428 -7.83 -25.33 5.62
C LYS A 428 -7.40 -24.07 6.37
N TYR A 429 -6.64 -23.19 5.71
CA TYR A 429 -6.16 -21.98 6.34
C TYR A 429 -6.57 -20.75 5.55
N ASN A 430 -6.72 -19.60 6.22
CA ASN A 430 -7.08 -18.38 5.54
C ASN A 430 -5.85 -17.49 5.33
N ILE A 431 -5.40 -17.35 4.09
CA ILE A 431 -4.13 -16.65 3.84
C ILE A 431 -4.30 -15.42 2.96
N ARG A 432 -3.56 -14.36 3.27
CA ARG A 432 -3.63 -13.12 2.49
C ARG A 432 -2.29 -12.39 2.39
N GLU A 433 -2.07 -11.74 1.24
CA GLU A 433 -0.94 -10.85 1.05
C GLU A 433 -1.27 -9.50 1.69
N ARG A 434 -0.24 -8.81 2.15
CA ARG A 434 -0.43 -7.52 2.82
C ARG A 434 -0.66 -6.36 1.85
N ASP A 435 0.02 -6.40 0.70
CA ASP A 435 0.07 -5.25 -0.22
C ASP A 435 -1.15 -5.12 -1.12
N ASN A 436 -2.00 -6.14 -1.10
CA ASN A 436 -3.22 -6.16 -1.89
C ASN A 436 -4.44 -5.98 -1.00
N ARG A 437 -4.60 -6.94 -0.09
CA ARG A 437 -5.73 -7.02 0.82
C ARG A 437 -7.05 -7.34 0.15
N LYS A 438 -7.01 -7.93 -1.04
CA LYS A 438 -7.97 -8.98 -1.35
C LYS A 438 -7.21 -10.17 -1.93
N SER A 439 -7.08 -11.23 -1.14
CA SER A 439 -6.68 -12.54 -1.64
C SER A 439 -7.57 -13.61 -1.02
N PHE A 440 -7.38 -13.77 0.29
CA PHE A 440 -8.12 -14.71 1.11
C PHE A 440 -8.34 -16.05 0.42
N GLU A 441 -7.23 -16.75 0.20
CA GLU A 441 -7.27 -18.10 -0.35
C GLU A 441 -7.36 -19.09 0.81
N LYS A 442 -8.18 -20.12 0.64
CA LYS A 442 -8.24 -21.18 1.63
C LYS A 442 -7.25 -22.25 1.19
N LEU A 443 -6.19 -22.42 1.96
CA LEU A 443 -5.09 -23.28 1.51
C LEU A 443 -4.66 -24.31 2.55
N THR A 444 -4.31 -25.49 2.06
CA THR A 444 -3.75 -26.55 2.90
C THR A 444 -2.32 -26.23 3.29
N MET A 445 -1.83 -26.87 4.34
CA MET A 445 -0.43 -26.75 4.75
C MET A 445 0.47 -26.89 3.53
N SER A 446 0.39 -28.05 2.89
CA SER A 446 1.19 -28.32 1.70
C SER A 446 1.17 -27.14 0.74
N GLN A 447 -0.01 -26.81 0.22
CA GLN A 447 -0.14 -25.73 -0.76
C GLN A 447 0.59 -24.46 -0.33
N ILE A 448 0.50 -24.12 0.96
CA ILE A 448 1.21 -22.97 1.50
C ILE A 448 2.72 -23.16 1.41
N TRP A 449 3.21 -24.29 1.91
CA TRP A 449 4.63 -24.62 1.86
C TRP A 449 5.16 -24.46 0.43
N GLU A 450 4.46 -25.06 -0.53
CA GLU A 450 4.84 -25.01 -1.93
C GLU A 450 4.80 -23.57 -2.45
N LYS A 451 3.85 -22.79 -1.94
CA LYS A 451 3.72 -21.39 -2.36
C LYS A 451 4.93 -20.58 -1.92
N PHE A 452 5.35 -20.75 -0.67
CA PHE A 452 6.49 -20.03 -0.13
C PHE A 452 7.79 -20.46 -0.81
N ILE A 453 7.95 -21.76 -1.01
CA ILE A 453 9.13 -22.25 -1.74
C ILE A 453 9.17 -21.64 -3.14
N GLU A 454 8.05 -21.71 -3.84
CA GLU A 454 7.94 -21.16 -5.18
C GLU A 454 8.07 -19.64 -5.14
N LEU A 455 8.02 -19.09 -3.92
CA LEU A 455 8.23 -17.66 -3.73
C LEU A 455 9.73 -17.35 -3.68
N GLU A 456 10.41 -17.88 -2.67
CA GLU A 456 11.84 -17.64 -2.53
C GLU A 456 12.63 -18.11 -3.76
N LYS A 457 12.09 -19.08 -4.47
CA LYS A 457 12.72 -19.53 -5.71
C LYS A 457 12.70 -18.43 -6.77
N ASN A 458 11.55 -17.81 -6.95
CA ASN A 458 11.37 -16.73 -7.93
C ASN A 458 11.61 -15.36 -7.31
N TYR A 459 12.02 -15.32 -6.05
CA TYR A 459 12.16 -14.08 -5.31
C TYR A 459 10.82 -13.36 -5.20
N LYS A 460 10.83 -12.06 -5.48
CA LYS A 460 9.61 -11.25 -5.44
C LYS A 460 8.92 -11.31 -4.07
N ALA B 34 52.71 -25.99 11.02
CA ALA B 34 52.75 -27.33 10.46
C ALA B 34 53.01 -27.31 8.96
N THR B 35 53.92 -28.17 8.51
CA THR B 35 54.24 -28.27 7.09
C THR B 35 53.21 -29.13 6.37
N MET B 36 52.31 -29.73 7.16
CA MET B 36 51.20 -30.51 6.62
C MET B 36 50.16 -29.56 6.05
N THR B 37 49.60 -28.74 6.92
CA THR B 37 48.64 -27.72 6.50
C THR B 37 49.19 -26.92 5.32
N SER B 38 50.48 -26.60 5.35
CA SER B 38 51.10 -25.83 4.28
C SER B 38 51.24 -26.65 3.00
N MET B 39 51.53 -27.93 3.14
CA MET B 39 51.61 -28.82 1.98
C MET B 39 50.26 -28.92 1.27
N VAL B 40 49.22 -29.24 2.04
CA VAL B 40 47.86 -29.31 1.51
C VAL B 40 47.45 -27.97 0.90
N SER B 41 47.87 -26.89 1.55
CA SER B 41 47.58 -25.55 1.07
C SER B 41 48.24 -25.30 -0.28
N GLN B 42 49.42 -25.88 -0.46
CA GLN B 42 50.19 -25.69 -1.69
C GLN B 42 49.63 -26.53 -2.84
N ARG B 43 49.18 -27.74 -2.54
CA ARG B 43 48.66 -28.63 -3.57
C ARG B 43 47.23 -28.26 -3.98
N GLN B 44 46.40 -27.90 -3.01
CA GLN B 44 45.00 -27.59 -3.27
C GLN B 44 44.73 -26.09 -3.45
N ASP B 45 45.79 -25.29 -3.37
CA ASP B 45 45.66 -23.83 -3.50
C ASP B 45 44.69 -23.27 -2.47
N LEU B 46 44.83 -23.70 -1.22
CA LEU B 46 43.93 -23.27 -0.16
C LEU B 46 44.27 -21.89 0.40
N PHE B 47 45.43 -21.81 1.05
CA PHE B 47 45.81 -20.60 1.78
C PHE B 47 47.05 -19.92 1.21
N MET B 48 47.14 -18.61 1.43
CA MET B 48 48.27 -17.81 0.99
C MET B 48 48.81 -16.98 2.14
N THR B 49 50.10 -16.68 2.10
CA THR B 49 50.72 -15.85 3.13
C THR B 49 51.65 -14.81 2.51
N ASP B 50 51.69 -13.62 3.12
CA ASP B 50 52.54 -12.55 2.63
C ASP B 50 53.15 -11.78 3.80
N PRO B 51 54.40 -11.33 3.64
CA PRO B 51 55.13 -10.59 4.68
C PRO B 51 54.42 -9.31 5.08
N LEU B 52 53.70 -8.70 4.15
CA LEU B 52 53.06 -7.41 4.40
C LEU B 52 51.92 -7.49 5.41
N SER B 53 51.48 -8.70 5.72
CA SER B 53 50.39 -8.89 6.68
CA SER B 53 50.39 -8.89 6.68
C SER B 53 50.62 -10.10 7.58
N PRO B 54 51.55 -9.98 8.54
CA PRO B 54 51.82 -11.07 9.49
C PRO B 54 50.62 -11.31 10.40
N GLY B 55 50.25 -12.57 10.57
CA GLY B 55 49.16 -12.94 11.47
C GLY B 55 47.82 -13.05 10.77
N SER B 56 47.73 -12.50 9.56
CA SER B 56 46.50 -12.57 8.78
C SER B 56 46.63 -13.57 7.64
N MET B 57 45.66 -14.45 7.53
CA MET B 57 45.72 -15.56 6.59
C MET B 57 44.94 -15.27 5.30
N PHE B 58 45.54 -15.58 4.15
CA PHE B 58 44.85 -15.43 2.88
C PHE B 58 43.98 -16.63 2.54
N PHE B 59 42.70 -16.35 2.34
CA PHE B 59 41.65 -17.36 2.27
C PHE B 59 41.20 -17.87 0.89
N LEU B 60 41.98 -17.62 -0.16
CA LEU B 60 41.44 -17.49 -1.51
C LEU B 60 40.78 -18.78 -2.00
N PRO B 61 40.27 -18.79 -3.26
CA PRO B 61 38.97 -19.41 -3.53
C PRO B 61 38.66 -20.78 -2.91
N ASN B 62 39.61 -21.71 -2.92
CA ASN B 62 39.32 -23.04 -2.39
C ASN B 62 39.18 -23.06 -0.87
N GLY B 63 40.18 -22.50 -0.20
CA GLY B 63 40.15 -22.39 1.26
C GLY B 63 38.93 -21.59 1.68
N ALA B 64 38.54 -20.63 0.84
CA ALA B 64 37.35 -19.82 1.10
C ALA B 64 36.10 -20.67 0.97
N LYS B 65 36.14 -21.61 0.02
CA LYS B 65 35.03 -22.55 -0.15
C LYS B 65 34.85 -23.37 1.13
N ILE B 66 35.94 -24.02 1.56
CA ILE B 66 35.88 -24.81 2.78
C ILE B 66 35.38 -23.96 3.95
N PHE B 67 36.03 -22.82 4.14
CA PHE B 67 35.68 -21.87 5.19
C PHE B 67 34.18 -21.58 5.21
N ASN B 68 33.70 -20.98 4.13
CA ASN B 68 32.29 -20.63 3.99
C ASN B 68 31.34 -21.81 4.18
N LYS B 69 31.76 -23.00 3.80
CA LYS B 69 30.90 -24.18 3.94
C LYS B 69 30.78 -24.61 5.40
N LEU B 70 31.90 -24.70 6.10
CA LEU B 70 31.90 -24.97 7.53
C LEU B 70 31.02 -23.95 8.23
N ILE B 71 31.29 -22.68 7.96
CA ILE B 71 30.52 -21.60 8.55
C ILE B 71 29.03 -21.77 8.29
N GLU B 72 28.68 -22.14 7.07
CA GLU B 72 27.27 -22.35 6.71
C GLU B 72 26.66 -23.45 7.55
N PHE B 73 27.37 -24.57 7.68
CA PHE B 73 26.92 -25.67 8.52
C PHE B 73 26.59 -25.18 9.92
N MET B 74 27.57 -24.53 10.55
CA MET B 74 27.37 -24.04 11.91
C MET B 74 26.19 -23.07 11.99
N LYS B 75 26.07 -22.23 10.97
CA LYS B 75 24.95 -21.31 10.84
C LYS B 75 23.63 -22.07 10.95
N LEU B 76 23.38 -22.93 9.98
CA LEU B 76 22.15 -23.71 9.94
C LEU B 76 21.88 -24.38 11.28
N GLN B 77 22.90 -25.03 11.84
CA GLN B 77 22.74 -25.74 13.10
C GLN B 77 22.29 -24.83 14.24
N GLN B 78 23.00 -23.71 14.41
CA GLN B 78 22.67 -22.77 15.48
C GLN B 78 21.29 -22.17 15.30
N LYS B 79 20.96 -21.85 14.05
CA LYS B 79 19.76 -21.10 13.71
C LYS B 79 18.50 -21.95 13.78
N PHE B 80 18.43 -22.96 12.92
CA PHE B 80 17.21 -23.74 12.75
C PHE B 80 17.12 -24.95 13.67
N LYS B 81 18.10 -25.12 14.56
CA LYS B 81 18.10 -26.24 15.49
C LYS B 81 18.20 -25.81 16.95
N PHE B 82 19.31 -25.19 17.31
CA PHE B 82 19.58 -24.83 18.71
C PHE B 82 19.03 -23.46 19.10
N GLY B 83 18.36 -22.80 18.17
CA GLY B 83 17.69 -21.55 18.47
C GLY B 83 18.60 -20.37 18.77
N PHE B 84 19.55 -20.12 17.87
CA PHE B 84 20.45 -18.99 18.00
C PHE B 84 20.15 -17.93 16.96
N ASN B 85 20.37 -16.67 17.33
CA ASN B 85 20.19 -15.56 16.40
C ASN B 85 21.53 -14.89 16.09
N GLU B 86 21.91 -14.90 14.81
CA GLU B 86 23.16 -14.29 14.41
C GLU B 86 23.05 -12.77 14.45
N VAL B 87 24.12 -12.12 14.90
CA VAL B 87 24.19 -10.66 14.92
C VAL B 87 25.56 -10.23 14.41
N VAL B 88 25.67 -8.99 13.95
CA VAL B 88 26.97 -8.48 13.53
C VAL B 88 27.34 -7.28 14.39
N THR B 89 28.35 -7.46 15.24
CA THR B 89 28.86 -6.38 16.07
C THR B 89 30.00 -5.64 15.37
N PRO B 90 30.19 -4.36 15.71
CA PRO B 90 31.28 -3.54 15.16
C PRO B 90 32.64 -4.03 15.62
N LEU B 91 33.66 -3.84 14.80
CA LEU B 91 35.00 -4.31 15.13
C LEU B 91 35.71 -3.35 16.09
N ILE B 92 35.22 -2.11 16.16
CA ILE B 92 35.86 -1.10 16.98
C ILE B 92 35.03 -0.73 18.20
N TYR B 93 35.68 -0.64 19.35
CA TYR B 93 35.03 -0.24 20.59
C TYR B 93 35.92 0.70 21.39
N LYS B 94 35.31 1.67 22.07
CA LYS B 94 36.06 2.59 22.92
C LYS B 94 36.70 1.83 24.07
N LYS B 95 37.87 2.29 24.51
CA LYS B 95 38.56 1.66 25.63
C LYS B 95 37.65 1.61 26.85
N THR B 96 36.76 2.59 26.96
CA THR B 96 35.82 2.66 28.07
C THR B 96 35.00 1.38 28.19
N LEU B 97 34.60 0.82 27.05
CA LEU B 97 33.84 -0.43 27.06
C LEU B 97 34.63 -1.55 27.70
N TRP B 98 35.85 -1.79 27.21
CA TRP B 98 36.68 -2.85 27.73
C TRP B 98 37.00 -2.65 29.20
N GLU B 99 37.14 -1.39 29.60
CA GLU B 99 37.26 -1.05 31.02
C GLU B 99 36.05 -1.59 31.77
N LYS B 100 34.88 -1.07 31.43
CA LYS B 100 33.63 -1.41 32.10
C LYS B 100 33.39 -2.92 32.12
N SER B 101 33.89 -3.63 31.11
CA SER B 101 33.74 -5.08 31.05
C SER B 101 34.75 -5.79 31.95
N GLY B 102 35.95 -5.23 32.05
CA GLY B 102 37.00 -5.78 32.88
C GLY B 102 38.10 -6.48 32.11
N HIS B 103 37.99 -6.49 30.78
CA HIS B 103 39.00 -7.10 29.93
C HIS B 103 40.19 -6.15 29.73
N TRP B 104 39.97 -4.87 30.04
CA TRP B 104 41.00 -3.85 29.85
C TRP B 104 42.16 -4.02 30.84
N GLU B 105 41.99 -4.92 31.80
CA GLU B 105 43.02 -5.16 32.80
C GLU B 105 43.88 -6.38 32.47
N ASN B 106 43.28 -7.57 32.54
CA ASN B 106 44.00 -8.82 32.35
C ASN B 106 44.38 -9.10 30.90
N TYR B 107 43.43 -8.95 29.98
CA TYR B 107 43.63 -9.33 28.58
C TYR B 107 44.12 -8.17 27.72
N ALA B 108 44.34 -7.02 28.33
CA ALA B 108 44.82 -5.84 27.59
C ALA B 108 46.27 -6.02 27.16
N ASP B 109 46.91 -7.06 27.67
CA ASP B 109 48.31 -7.34 27.36
C ASP B 109 48.51 -7.62 25.87
N ASP B 110 47.79 -8.61 25.36
CA ASP B 110 47.91 -9.01 23.96
C ASP B 110 46.90 -8.30 23.06
N MET B 111 46.10 -7.43 23.66
CA MET B 111 45.07 -6.70 22.91
C MET B 111 45.67 -5.62 22.03
N PHE B 112 44.98 -5.29 20.94
CA PHE B 112 45.45 -4.26 20.01
C PHE B 112 44.62 -3.00 20.12
N LYS B 113 45.29 -1.85 20.08
CA LYS B 113 44.61 -0.56 20.21
C LYS B 113 44.66 0.26 18.92
N VAL B 114 43.64 1.09 18.72
CA VAL B 114 43.56 1.95 17.54
C VAL B 114 43.50 3.42 17.93
N GLU B 115 44.50 4.20 17.50
CA GLU B 115 44.56 5.62 17.83
C GLU B 115 43.84 6.47 16.78
N THR B 116 44.45 6.59 15.60
CA THR B 116 43.86 7.29 14.48
C THR B 116 43.27 8.65 14.86
N THR B 117 44.02 9.43 15.64
CA THR B 117 43.51 10.72 16.10
C THR B 117 44.54 11.85 16.05
N ASP B 118 44.20 12.92 15.34
CA ASP B 118 45.01 14.14 15.33
C ASP B 118 44.60 15.03 16.50
N GLU B 119 43.45 14.72 17.08
CA GLU B 119 42.93 15.33 18.29
C GLU B 119 42.55 14.15 19.17
N GLU B 120 41.90 14.37 20.31
CA GLU B 120 41.45 13.21 21.08
C GLU B 120 40.61 12.40 20.10
N LYS B 121 40.95 11.13 19.88
CA LYS B 121 41.82 10.30 20.74
C LYS B 121 41.27 10.05 22.14
N GLU B 122 40.18 9.28 22.16
CA GLU B 122 39.65 8.67 23.38
C GLU B 122 40.23 7.27 23.50
N GLU B 123 41.15 6.94 22.58
CA GLU B 123 41.84 5.65 22.57
C GLU B 123 40.94 4.42 22.35
N TYR B 124 40.12 4.45 21.32
CA TYR B 124 39.31 3.30 20.94
C TYR B 124 40.17 2.06 20.71
N GLY B 125 39.83 0.96 21.38
CA GLY B 125 40.50 -0.31 21.15
C GLY B 125 39.81 -1.20 20.14
N LEU B 126 40.58 -2.07 19.49
CA LEU B 126 40.03 -3.09 18.60
C LEU B 126 39.51 -4.27 19.42
N LYS B 127 38.54 -5.01 18.88
CA LYS B 127 37.93 -6.11 19.62
C LYS B 127 38.57 -7.47 19.33
N PRO B 128 39.31 -8.02 20.31
CA PRO B 128 39.80 -9.39 20.26
C PRO B 128 38.67 -10.39 20.47
N MET B 129 37.62 -9.97 21.17
CA MET B 129 36.51 -10.84 21.53
C MET B 129 35.16 -10.13 21.39
N ASN B 130 34.10 -10.91 21.25
CA ASN B 130 32.75 -10.37 21.07
C ASN B 130 31.94 -10.26 22.36
N CYS B 131 32.55 -10.61 23.49
CA CYS B 131 31.84 -10.72 24.76
C CYS B 131 30.99 -9.50 25.14
N PRO B 132 31.62 -8.31 25.27
CA PRO B 132 30.88 -7.14 25.75
C PRO B 132 29.78 -6.69 24.80
N GLY B 133 30.06 -6.75 23.50
CA GLY B 133 29.11 -6.29 22.49
C GLY B 133 27.73 -6.88 22.67
N HIS B 134 27.68 -8.20 22.87
CA HIS B 134 26.42 -8.91 23.02
C HIS B 134 25.68 -8.48 24.30
N CYS B 135 26.44 -8.15 25.33
CA CYS B 135 25.85 -7.61 26.55
C CYS B 135 25.21 -6.25 26.26
N LEU B 136 25.91 -5.44 25.47
CA LEU B 136 25.35 -4.17 25.03
C LEU B 136 24.03 -4.40 24.31
N ILE B 137 24.02 -5.35 23.38
CA ILE B 137 22.83 -5.67 22.61
C ILE B 137 21.68 -6.11 23.50
N PHE B 138 21.98 -6.94 24.49
CA PHE B 138 20.96 -7.44 25.41
C PHE B 138 20.38 -6.31 26.27
N GLY B 139 21.25 -5.45 26.77
CA GLY B 139 20.84 -4.38 27.66
C GLY B 139 20.19 -3.19 26.96
N LYS B 140 20.38 -3.12 25.65
CA LYS B 140 19.85 -2.00 24.87
C LYS B 140 18.35 -1.80 25.08
N LYS B 141 17.59 -2.87 24.87
CA LYS B 141 16.13 -2.80 24.98
C LYS B 141 15.62 -3.59 26.18
N ASP B 142 14.56 -3.09 26.81
CA ASP B 142 13.95 -3.76 27.96
C ASP B 142 13.41 -5.13 27.55
N ARG B 143 13.69 -6.13 28.38
CA ARG B 143 13.29 -7.50 28.07
C ARG B 143 12.62 -8.16 29.27
N SER B 144 11.96 -9.29 29.02
CA SER B 144 11.24 -10.00 30.07
C SER B 144 11.59 -11.50 30.11
N TYR B 145 10.90 -12.23 30.98
CA TYR B 145 11.22 -13.64 31.22
C TYR B 145 10.83 -14.54 30.06
N ASN B 146 9.86 -14.10 29.27
CA ASN B 146 9.37 -14.91 28.15
C ASN B 146 10.21 -14.75 26.89
N GLU B 147 11.22 -13.90 26.96
CA GLU B 147 12.16 -13.71 25.86
C GLU B 147 13.37 -14.62 26.04
N LEU B 148 13.34 -15.42 27.10
CA LEU B 148 14.46 -16.29 27.44
C LEU B 148 14.08 -17.76 27.31
N PRO B 149 15.06 -18.63 27.03
CA PRO B 149 16.46 -18.23 26.80
C PRO B 149 16.64 -17.44 25.50
N LEU B 150 17.41 -16.37 25.57
CA LEU B 150 17.74 -15.58 24.40
C LEU B 150 19.19 -15.82 24.00
N ARG B 151 19.40 -16.35 22.81
CA ARG B 151 20.74 -16.77 22.38
C ARG B 151 21.19 -16.03 21.13
N PHE B 152 22.35 -15.39 21.21
CA PHE B 152 22.95 -14.75 20.03
C PHE B 152 24.12 -15.58 19.50
N SER B 153 24.68 -15.13 18.38
CA SER B 153 25.91 -15.71 17.85
C SER B 153 26.66 -14.65 17.04
N ASP B 154 27.99 -14.71 17.05
CA ASP B 154 28.77 -13.75 16.27
C ASP B 154 29.93 -14.41 15.52
N PHE B 155 29.90 -14.30 14.20
CA PHE B 155 30.99 -14.81 13.38
C PHE B 155 31.99 -13.72 12.98
N SER B 156 31.75 -12.50 13.46
CA SER B 156 32.60 -11.35 13.13
C SER B 156 34.07 -11.63 13.43
N PRO B 157 34.95 -11.17 12.53
CA PRO B 157 36.41 -11.35 12.66
C PRO B 157 36.94 -10.82 13.98
N LEU B 158 37.96 -11.50 14.50
CA LEU B 158 38.60 -11.11 15.75
C LEU B 158 40.10 -10.95 15.57
N HIS B 159 40.66 -9.92 16.19
CA HIS B 159 42.10 -9.67 16.15
C HIS B 159 42.72 -9.71 17.55
N ARG B 160 43.57 -10.70 17.79
CA ARG B 160 44.32 -10.79 19.03
C ARG B 160 45.81 -10.77 18.71
N ASN B 161 46.53 -9.82 19.28
CA ASN B 161 47.94 -9.64 18.94
C ASN B 161 48.90 -10.36 19.87
N GLU B 162 49.59 -11.36 19.32
CA GLU B 162 50.63 -12.07 20.06
C GLU B 162 52.01 -11.66 19.57
N ALA B 163 53.05 -12.28 20.14
CA ALA B 163 54.43 -11.98 19.76
C ALA B 163 54.67 -12.29 18.28
N SER B 164 55.55 -11.53 17.66
CA SER B 164 55.85 -11.69 16.23
C SER B 164 56.28 -13.12 15.90
N GLY B 165 56.90 -13.79 16.86
CA GLY B 165 57.36 -15.15 16.67
C GLY B 165 56.43 -16.19 17.28
N ALA B 166 55.49 -15.71 18.09
CA ALA B 166 54.54 -16.60 18.78
C ALA B 166 53.50 -17.15 17.81
N LEU B 167 53.51 -16.66 16.58
CA LEU B 167 52.51 -17.04 15.58
C LEU B 167 52.80 -18.39 14.93
N SER B 168 51.84 -19.30 15.06
CA SER B 168 51.83 -20.55 14.29
C SER B 168 50.81 -20.32 13.18
N GLY B 169 51.08 -20.86 11.99
CA GLY B 169 50.37 -20.40 10.83
C GLY B 169 48.86 -20.51 10.92
N LEU B 170 48.32 -21.71 11.10
CA LEU B 170 46.90 -21.84 11.42
C LEU B 170 46.56 -21.97 12.91
N THR B 171 47.57 -22.19 13.75
CA THR B 171 47.32 -22.46 15.16
C THR B 171 47.00 -21.20 15.96
N ARG B 172 47.83 -20.18 15.80
CA ARG B 172 47.62 -18.90 16.44
C ARG B 172 47.88 -17.76 15.47
N LEU B 173 46.88 -16.94 15.20
CA LEU B 173 47.05 -15.82 14.29
C LEU B 173 46.65 -14.52 14.95
N ARG B 174 46.84 -13.41 14.24
CA ARG B 174 46.34 -12.12 14.67
C ARG B 174 44.87 -11.95 14.28
N LYS B 175 44.53 -12.41 13.07
CA LYS B 175 43.18 -12.33 12.56
C LYS B 175 42.58 -13.73 12.43
N PHE B 176 41.45 -13.96 13.09
CA PHE B 176 40.80 -15.27 13.04
C PHE B 176 39.30 -15.14 13.28
N HIS B 177 38.55 -16.16 12.87
CA HIS B 177 37.10 -16.15 13.03
C HIS B 177 36.63 -17.20 14.03
N GLN B 178 35.93 -16.76 15.06
CA GLN B 178 35.43 -17.64 16.10
C GLN B 178 33.91 -17.65 16.09
N ASP B 179 33.31 -18.84 16.15
CA ASP B 179 31.86 -18.97 16.09
C ASP B 179 31.17 -18.27 17.27
N ASP B 180 31.83 -18.26 18.42
CA ASP B 180 31.34 -17.53 19.59
C ASP B 180 29.90 -17.87 19.96
N GLY B 181 29.14 -16.83 20.28
CA GLY B 181 27.76 -17.00 20.72
C GLY B 181 27.62 -16.89 22.23
N HIS B 182 26.47 -16.40 22.69
CA HIS B 182 26.20 -16.25 24.11
C HIS B 182 24.76 -16.66 24.42
N ILE B 183 24.46 -16.88 25.70
CA ILE B 183 23.11 -17.25 26.10
C ILE B 183 22.65 -16.52 27.37
N PHE B 184 21.46 -15.94 27.31
CA PHE B 184 20.87 -15.27 28.47
C PHE B 184 19.61 -15.99 28.91
N CYS B 185 19.63 -16.56 30.11
CA CYS B 185 18.49 -17.31 30.62
C CYS B 185 18.38 -17.26 32.13
N THR B 186 17.18 -17.53 32.64
CA THR B 186 16.97 -17.60 34.08
C THR B 186 17.67 -18.83 34.62
N PRO B 187 17.88 -18.89 35.95
CA PRO B 187 18.56 -20.04 36.55
C PRO B 187 17.88 -21.36 36.19
N SER B 188 16.55 -21.36 36.20
CA SER B 188 15.77 -22.55 35.90
C SER B 188 16.14 -23.14 34.54
N GLN B 189 16.53 -22.27 33.62
CA GLN B 189 16.86 -22.69 32.26
C GLN B 189 18.25 -23.31 32.17
N VAL B 190 19.13 -22.92 33.08
CA VAL B 190 20.56 -23.14 32.92
C VAL B 190 20.92 -24.54 32.44
N LYS B 191 20.66 -25.54 33.28
CA LYS B 191 21.03 -26.91 32.94
C LYS B 191 20.57 -27.25 31.53
N SER B 192 19.31 -26.97 31.24
CA SER B 192 18.76 -27.21 29.91
C SER B 192 19.71 -26.65 28.86
N GLU B 193 19.89 -25.34 28.88
CA GLU B 193 20.70 -24.65 27.89
C GLU B 193 22.07 -25.31 27.73
N ILE B 194 22.61 -25.85 28.83
CA ILE B 194 23.92 -26.47 28.78
C ILE B 194 23.86 -27.80 28.02
N PHE B 195 22.91 -28.66 28.40
CA PHE B 195 22.78 -29.96 27.78
C PHE B 195 22.72 -29.83 26.27
N ASN B 196 21.79 -29.02 25.80
CA ASN B 196 21.65 -28.76 24.36
C ASN B 196 22.96 -28.24 23.77
N SER B 197 23.60 -27.31 24.47
CA SER B 197 24.86 -26.74 23.99
C SER B 197 25.93 -27.81 23.86
N LEU B 198 25.81 -28.87 24.66
CA LEU B 198 26.72 -30.00 24.57
C LEU B 198 26.37 -30.87 23.37
N LYS B 199 25.07 -31.04 23.14
CA LYS B 199 24.60 -31.85 22.02
C LYS B 199 25.21 -31.36 20.72
N LEU B 200 25.22 -30.05 20.53
CA LEU B 200 25.84 -29.44 19.35
C LEU B 200 27.23 -30.00 19.17
N ILE B 201 28.02 -29.97 20.25
CA ILE B 201 29.37 -30.50 20.23
C ILE B 201 29.35 -31.96 19.81
N ASP B 202 28.48 -32.74 20.44
CA ASP B 202 28.39 -34.17 20.18
C ASP B 202 28.05 -34.43 18.72
N ILE B 203 27.63 -33.37 18.03
CA ILE B 203 27.42 -33.45 16.59
C ILE B 203 28.77 -33.36 15.89
N VAL B 204 29.43 -32.21 16.06
CA VAL B 204 30.67 -31.92 15.36
C VAL B 204 31.75 -32.99 15.59
N TYR B 205 31.88 -33.45 16.82
CA TYR B 205 32.98 -34.33 17.20
C TYR B 205 32.58 -35.80 17.30
N ASN B 206 31.70 -36.11 18.24
CA ASN B 206 31.24 -37.48 18.44
C ASN B 206 30.65 -38.11 17.17
N LYS B 207 30.18 -37.28 16.25
CA LYS B 207 29.48 -37.77 15.06
C LYS B 207 30.15 -37.38 13.73
N ILE B 208 30.03 -36.11 13.37
CA ILE B 208 30.45 -35.64 12.05
C ILE B 208 31.88 -36.03 11.66
N PHE B 209 32.84 -35.71 12.51
CA PHE B 209 34.25 -35.98 12.20
C PHE B 209 34.80 -37.14 13.02
N PRO B 210 35.02 -38.30 12.36
CA PRO B 210 35.58 -39.50 12.97
C PRO B 210 37.11 -39.54 12.82
N PHE B 211 37.78 -38.52 13.33
CA PHE B 211 39.24 -38.45 13.24
C PHE B 211 39.90 -39.02 14.50
N VAL B 212 39.08 -39.44 15.46
CA VAL B 212 39.56 -39.99 16.72
C VAL B 212 40.44 -38.99 17.45
N GLU B 219 34.06 -45.10 23.91
CA GLU B 219 33.75 -44.76 22.52
C GLU B 219 33.49 -43.27 22.35
N SER B 220 34.21 -42.45 23.12
CA SER B 220 34.06 -41.01 23.07
C SER B 220 35.27 -40.35 22.41
N ASN B 221 35.02 -39.26 21.69
CA ASN B 221 36.09 -38.55 20.98
C ASN B 221 36.64 -37.36 21.78
N TYR B 222 36.09 -37.13 22.98
CA TYR B 222 36.46 -35.96 23.77
C TYR B 222 36.33 -36.18 25.27
N PHE B 223 36.98 -35.31 26.04
CA PHE B 223 36.82 -35.27 27.49
C PHE B 223 36.84 -33.81 27.96
N ILE B 224 36.41 -33.56 29.19
CA ILE B 224 36.20 -32.20 29.66
C ILE B 224 37.19 -31.76 30.75
N ASN B 225 37.01 -30.53 31.23
CA ASN B 225 37.92 -29.89 32.18
C ASN B 225 37.18 -28.98 33.17
N PHE B 226 37.93 -28.17 33.92
CA PHE B 226 37.34 -27.42 35.03
C PHE B 226 37.89 -26.00 35.25
N SER B 227 37.53 -25.44 36.40
CA SER B 227 37.39 -24.00 36.57
C SER B 227 37.82 -23.48 37.94
N THR B 228 37.41 -22.23 38.22
CA THR B 228 37.81 -21.43 39.39
C THR B 228 39.30 -21.08 39.48
N ARG B 229 39.72 -20.23 38.56
CA ARG B 229 41.04 -19.60 38.61
C ARG B 229 40.95 -18.21 39.23
N HIS B 232 41.46 -13.44 39.40
CA HIS B 232 40.63 -12.37 39.94
C HIS B 232 39.18 -12.52 39.50
N PHE B 233 38.30 -12.80 40.46
CA PHE B 233 36.88 -12.96 40.17
C PHE B 233 36.04 -11.96 40.97
N ILE B 234 34.84 -11.67 40.49
CA ILE B 234 33.95 -10.74 41.15
C ILE B 234 32.76 -11.45 41.78
N GLY B 235 32.32 -10.96 42.94
CA GLY B 235 31.18 -11.53 43.64
C GLY B 235 31.58 -12.37 44.84
N ASP B 236 30.58 -12.97 45.48
CA ASP B 236 30.81 -13.80 46.66
C ASP B 236 31.42 -15.15 46.27
N LEU B 237 32.27 -15.68 47.15
CA LEU B 237 32.94 -16.95 46.91
C LEU B 237 31.98 -18.12 46.95
N LYS B 238 30.99 -18.05 47.85
CA LYS B 238 30.00 -19.11 47.99
C LYS B 238 29.04 -19.15 46.79
N VAL B 239 28.89 -18.02 46.12
CA VAL B 239 28.08 -17.94 44.91
C VAL B 239 28.77 -18.64 43.75
N TRP B 240 30.04 -18.29 43.53
CA TRP B 240 30.85 -18.94 42.50
C TRP B 240 30.95 -20.44 42.80
N ASN B 241 31.05 -20.77 44.09
CA ASN B 241 31.07 -22.16 44.52
C ASN B 241 29.73 -22.85 44.26
N HIS B 242 28.65 -22.08 44.31
CA HIS B 242 27.33 -22.60 43.96
C HIS B 242 27.28 -22.90 42.47
N ALA B 243 27.88 -22.03 41.68
CA ALA B 243 27.98 -22.24 40.24
C ALA B 243 28.77 -23.52 39.97
N GLU B 244 29.86 -23.70 40.71
CA GLU B 244 30.66 -24.92 40.62
C GLU B 244 29.86 -26.12 41.07
N GLN B 245 28.87 -25.89 41.91
CA GLN B 245 28.01 -26.95 42.43
C GLN B 245 27.00 -27.39 41.38
N VAL B 246 26.47 -26.44 40.63
CA VAL B 246 25.51 -26.73 39.56
C VAL B 246 26.24 -27.35 38.37
N LEU B 247 27.46 -26.88 38.12
CA LEU B 247 28.26 -27.39 37.00
C LEU B 247 28.76 -28.80 37.31
N LYS B 248 29.19 -29.00 38.56
CA LYS B 248 29.61 -30.32 39.01
C LYS B 248 28.40 -31.25 39.04
N GLU B 249 27.23 -30.68 39.31
CA GLU B 249 26.00 -31.45 39.34
C GLU B 249 25.56 -31.88 37.94
N ILE B 250 25.81 -31.04 36.94
CA ILE B 250 25.49 -31.41 35.57
C ILE B 250 26.51 -32.38 35.01
N LEU B 251 27.77 -32.22 35.39
CA LEU B 251 28.81 -33.16 34.98
C LEU B 251 28.63 -34.50 35.67
N GLU B 252 27.97 -34.49 36.83
CA GLU B 252 27.64 -35.72 37.53
C GLU B 252 26.49 -36.41 36.81
N GLU B 253 25.65 -35.62 36.15
CA GLU B 253 24.51 -36.14 35.39
C GLU B 253 24.86 -36.31 33.91
N SER B 254 26.11 -36.01 33.56
CA SER B 254 26.53 -36.03 32.16
C SER B 254 26.73 -37.44 31.61
N GLY B 255 27.70 -38.16 32.16
CA GLY B 255 28.04 -39.49 31.68
C GLY B 255 29.24 -39.46 30.74
N LYS B 256 29.96 -38.34 30.75
CA LYS B 256 31.15 -38.20 29.93
C LYS B 256 32.40 -38.06 30.80
N PRO B 257 33.56 -38.47 30.25
CA PRO B 257 34.82 -38.38 30.99
C PRO B 257 35.20 -36.93 31.27
N TRP B 258 35.75 -36.67 32.46
CA TRP B 258 36.11 -35.30 32.83
C TRP B 258 37.25 -35.25 33.85
N LYS B 259 37.88 -34.09 33.96
CA LYS B 259 39.00 -33.88 34.87
C LYS B 259 38.90 -32.51 35.52
N LEU B 260 39.94 -32.12 36.26
CA LEU B 260 39.93 -30.85 37.00
C LEU B 260 41.15 -30.00 36.66
N ASN B 261 41.11 -28.73 37.06
CA ASN B 261 42.20 -27.80 36.78
C ASN B 261 41.97 -26.42 37.38
N PRO B 262 43.01 -25.85 37.99
CA PRO B 262 43.03 -24.57 38.72
C PRO B 262 42.83 -23.31 37.88
N GLY B 263 43.43 -23.25 36.69
CA GLY B 263 43.62 -21.99 36.00
C GLY B 263 42.69 -21.62 34.86
N ASP B 264 41.75 -22.49 34.52
CA ASP B 264 40.84 -22.23 33.41
C ASP B 264 39.75 -21.21 33.78
N GLY B 265 39.54 -20.23 32.91
CA GLY B 265 38.50 -19.22 33.11
C GLY B 265 38.63 -18.47 34.43
N ALA B 266 39.64 -17.61 34.53
CA ALA B 266 39.87 -16.83 35.74
C ALA B 266 38.58 -16.12 36.16
N PHE B 267 37.80 -15.68 35.17
CA PHE B 267 36.49 -15.14 35.42
C PHE B 267 35.58 -15.49 34.23
N TYR B 268 34.30 -15.14 34.30
CA TYR B 268 33.69 -14.53 35.48
C TYR B 268 33.23 -15.58 36.49
N GLY B 269 33.49 -16.85 36.16
CA GLY B 269 32.99 -17.96 36.95
C GLY B 269 33.49 -19.28 36.42
N PRO B 270 32.78 -20.37 36.77
CA PRO B 270 33.17 -21.72 36.37
C PRO B 270 33.19 -21.89 34.86
N LYS B 271 33.48 -23.10 34.39
CA LYS B 271 33.69 -23.33 32.96
C LYS B 271 33.94 -24.80 32.68
N LEU B 272 33.77 -25.19 31.41
CA LEU B 272 34.09 -26.52 30.96
C LEU B 272 34.92 -26.44 29.68
N ASP B 273 36.15 -26.91 29.75
CA ASP B 273 37.02 -26.92 28.57
C ASP B 273 36.94 -28.28 27.90
N ILE B 274 36.59 -28.27 26.61
CA ILE B 274 36.49 -29.53 25.88
C ILE B 274 37.78 -29.82 25.10
N MET B 275 38.46 -30.89 25.53
CA MET B 275 39.76 -31.26 24.97
C MET B 275 39.60 -32.42 24.00
N VAL B 276 40.37 -32.39 22.91
CA VAL B 276 40.38 -33.48 21.96
C VAL B 276 41.78 -34.07 21.86
N THR B 277 41.86 -35.40 21.96
CA THR B 277 43.12 -36.10 21.75
C THR B 277 43.47 -36.05 20.27
N ASP B 278 44.73 -35.75 19.98
CA ASP B 278 45.16 -35.44 18.61
C ASP B 278 45.23 -36.67 17.73
N HIS B 279 45.61 -36.45 16.48
CA HIS B 279 46.03 -37.53 15.61
C HIS B 279 47.10 -38.33 16.36
N LEU B 280 48.22 -37.67 16.63
CA LEU B 280 49.27 -38.29 17.43
C LEU B 280 49.49 -37.60 18.79
N ARG B 281 49.06 -38.27 19.85
CA ARG B 281 49.51 -37.97 21.22
C ARG B 281 49.53 -36.50 21.64
N LYS B 282 48.58 -35.70 21.17
CA LYS B 282 48.50 -34.29 21.58
C LYS B 282 47.08 -33.85 21.90
N THR B 283 46.85 -33.40 23.14
CA THR B 283 45.51 -32.95 23.52
C THR B 283 45.36 -31.44 23.33
N HIS B 284 44.30 -31.04 22.62
CA HIS B 284 44.01 -29.61 22.46
C HIS B 284 42.70 -29.25 23.16
N GLN B 285 42.35 -27.96 23.13
CA GLN B 285 41.04 -27.52 23.57
C GLN B 285 40.30 -26.92 22.38
N VAL B 286 39.28 -27.62 21.90
CA VAL B 286 38.56 -27.16 20.72
C VAL B 286 37.56 -26.04 21.04
N ALA B 287 36.79 -26.24 22.11
CA ALA B 287 35.74 -25.30 22.47
C ALA B 287 35.67 -25.09 23.98
N THR B 288 35.08 -23.98 24.38
CA THR B 288 34.96 -23.65 25.80
C THR B 288 33.54 -23.20 26.16
N ILE B 289 33.03 -23.73 27.27
CA ILE B 289 31.73 -23.33 27.79
C ILE B 289 31.90 -22.60 29.12
N GLN B 290 31.63 -21.30 29.12
CA GLN B 290 31.82 -20.48 30.31
C GLN B 290 30.50 -20.10 30.95
N LEU B 291 30.49 -20.03 32.29
CA LEU B 291 29.33 -19.57 33.03
C LEU B 291 29.69 -18.26 33.71
N ASP B 292 29.09 -17.17 33.24
CA ASP B 292 29.53 -15.84 33.66
C ASP B 292 28.49 -15.10 34.50
N PHE B 293 28.76 -14.97 35.80
CA PHE B 293 27.91 -14.18 36.69
C PHE B 293 28.36 -12.73 36.86
N GLN B 294 29.58 -12.42 36.42
CA GLN B 294 30.12 -11.08 36.63
C GLN B 294 29.59 -10.02 35.66
N LEU B 295 29.56 -10.37 34.38
CA LEU B 295 29.15 -9.43 33.34
C LEU B 295 27.72 -8.94 33.49
N PRO B 296 26.77 -9.86 33.75
CA PRO B 296 25.38 -9.45 33.94
C PRO B 296 25.24 -8.36 35.00
N GLU B 297 25.99 -8.49 36.09
CA GLU B 297 25.94 -7.53 37.20
C GLU B 297 26.71 -6.27 36.86
N ARG B 298 27.78 -6.42 36.08
CA ARG B 298 28.68 -5.32 35.77
C ARG B 298 28.12 -4.40 34.69
N PHE B 299 27.34 -4.98 33.77
CA PHE B 299 26.68 -4.19 32.74
C PHE B 299 25.25 -3.82 33.16
N ASP B 300 24.85 -4.29 34.34
CA ASP B 300 23.52 -4.02 34.87
C ASP B 300 22.44 -4.50 33.91
N LEU B 301 22.35 -5.82 33.74
CA LEU B 301 21.36 -6.43 32.86
C LEU B 301 20.21 -6.99 33.68
N LYS B 302 19.00 -6.90 33.13
CA LYS B 302 17.82 -7.34 33.86
C LYS B 302 16.64 -7.69 32.95
N PHE B 303 15.68 -8.44 33.52
CA PHE B 303 14.45 -8.78 32.81
C PHE B 303 13.29 -8.78 33.80
N LYS B 304 12.09 -9.07 33.32
CA LYS B 304 10.92 -9.12 34.19
C LYS B 304 10.34 -10.54 34.29
N ASP B 305 10.44 -11.11 35.48
CA ASP B 305 9.87 -12.42 35.76
C ASP B 305 8.35 -12.33 35.76
N GLN B 306 7.69 -13.48 35.63
CA GLN B 306 6.22 -13.53 35.55
C GLN B 306 5.54 -12.81 36.72
N ASP B 307 6.27 -12.66 37.83
CA ASP B 307 5.76 -11.98 39.01
C ASP B 307 5.94 -10.47 38.85
N ASN B 308 6.48 -10.06 37.71
CA ASN B 308 6.72 -8.66 37.41
C ASN B 308 7.75 -8.00 38.33
N SER B 309 8.85 -8.71 38.58
CA SER B 309 9.97 -8.16 39.32
C SER B 309 11.26 -8.35 38.52
N TYR B 310 12.16 -7.39 38.61
CA TYR B 310 13.41 -7.43 37.85
C TYR B 310 14.46 -8.32 38.50
N LYS B 311 14.92 -9.32 37.76
CA LYS B 311 15.96 -10.22 38.23
C LYS B 311 17.18 -10.19 37.32
N ARG B 312 18.33 -10.56 37.86
CA ARG B 312 19.57 -10.55 37.11
C ARG B 312 19.76 -11.86 36.33
N PRO B 313 19.97 -11.75 35.01
CA PRO B 313 20.11 -12.91 34.12
C PRO B 313 21.45 -13.64 34.26
N ILE B 314 21.43 -14.94 34.03
CA ILE B 314 22.65 -15.75 34.05
C ILE B 314 23.07 -16.05 32.62
N MET B 315 24.29 -15.65 32.26
CA MET B 315 24.75 -15.80 30.89
C MET B 315 25.83 -16.87 30.71
N ILE B 316 25.77 -17.55 29.57
CA ILE B 316 26.68 -18.64 29.24
C ILE B 316 27.40 -18.35 27.93
N HIS B 317 28.72 -18.23 28.01
CA HIS B 317 29.56 -18.09 26.81
C HIS B 317 29.71 -19.47 26.17
N ARG B 318 29.40 -19.57 24.88
CA ARG B 318 29.49 -20.84 24.19
C ARG B 318 30.40 -20.78 22.97
N ALA B 319 31.09 -21.88 22.71
CA ALA B 319 31.92 -22.02 21.52
C ALA B 319 31.94 -23.49 21.11
N THR B 320 32.05 -23.75 19.82
CA THR B 320 32.10 -25.11 19.31
C THR B 320 33.31 -25.30 18.41
N PHE B 321 33.30 -24.62 17.27
CA PHE B 321 34.43 -24.63 16.35
C PHE B 321 35.63 -23.94 16.97
N GLY B 322 35.37 -22.94 17.81
CA GLY B 322 36.43 -22.11 18.35
C GLY B 322 37.03 -21.29 17.22
N SER B 323 38.35 -21.32 17.10
CA SER B 323 39.01 -20.71 15.96
C SER B 323 38.75 -21.58 14.73
N ILE B 324 38.21 -20.98 13.68
CA ILE B 324 37.88 -21.72 12.47
C ILE B 324 39.14 -22.00 11.64
N GLU B 325 40.13 -21.11 11.75
CA GLU B 325 41.43 -21.36 11.14
C GLU B 325 42.10 -22.52 11.84
N ARG B 326 42.01 -22.54 13.17
CA ARG B 326 42.61 -23.61 13.97
C ARG B 326 41.89 -24.93 13.75
N PHE B 327 40.57 -24.92 13.89
CA PHE B 327 39.75 -26.11 13.66
C PHE B 327 40.03 -26.65 12.25
N MET B 328 40.08 -25.75 11.29
CA MET B 328 40.38 -26.10 9.91
C MET B 328 41.76 -26.76 9.83
N ALA B 329 42.70 -26.25 10.63
CA ALA B 329 44.03 -26.83 10.70
C ALA B 329 43.97 -28.27 11.19
N LEU B 330 43.27 -28.49 12.30
CA LEU B 330 43.08 -29.84 12.83
C LEU B 330 42.53 -30.76 11.74
N LEU B 331 41.47 -30.32 11.08
CA LEU B 331 40.89 -31.08 9.98
C LEU B 331 41.94 -31.44 8.95
N ILE B 332 42.74 -30.45 8.55
CA ILE B 332 43.79 -30.67 7.54
C ILE B 332 44.79 -31.73 7.98
N ASP B 333 45.24 -31.64 9.23
CA ASP B 333 46.19 -32.60 9.77
C ASP B 333 45.61 -34.01 9.79
N SER B 334 44.40 -34.15 10.31
CA SER B 334 43.76 -35.46 10.40
C SER B 334 43.51 -36.08 9.02
N ASN B 335 42.88 -35.32 8.13
CA ASN B 335 42.51 -35.87 6.82
C ASN B 335 43.57 -35.75 5.72
N GLU B 336 44.62 -34.95 5.95
CA GLU B 336 45.73 -34.93 5.01
C GLU B 336 45.44 -34.24 3.67
N GLY B 337 44.20 -33.76 3.48
CA GLY B 337 43.74 -33.35 2.17
C GLY B 337 42.78 -34.38 1.59
N ARG B 338 42.30 -35.25 2.46
CA ARG B 338 41.38 -36.34 2.13
C ARG B 338 39.91 -35.93 2.24
N TRP B 339 39.63 -34.64 2.41
CA TRP B 339 38.34 -34.20 2.95
C TRP B 339 37.20 -34.91 2.25
N PRO B 340 36.14 -35.21 3.00
CA PRO B 340 34.99 -35.94 2.49
C PRO B 340 34.34 -35.17 1.35
N PHE B 341 33.29 -35.73 0.76
CA PHE B 341 32.66 -35.11 -0.39
C PHE B 341 31.99 -33.79 -0.03
N TRP B 342 31.67 -33.63 1.24
CA TRP B 342 30.99 -32.44 1.74
C TRP B 342 31.89 -31.20 1.71
N LEU B 343 33.07 -31.31 2.29
CA LEU B 343 33.99 -30.18 2.40
C LEU B 343 34.92 -29.98 1.19
N ASN B 344 34.99 -30.98 0.32
CA ASN B 344 36.02 -31.01 -0.70
C ASN B 344 35.95 -29.89 -1.75
N PRO B 345 37.01 -29.09 -1.85
CA PRO B 345 37.16 -28.04 -2.87
C PRO B 345 37.09 -28.62 -4.28
N TYR B 346 37.78 -29.73 -4.51
CA TYR B 346 37.64 -30.45 -5.78
C TYR B 346 36.76 -31.66 -5.53
N GLN B 347 35.53 -31.61 -6.02
CA GLN B 347 34.56 -32.67 -5.75
C GLN B 347 34.66 -33.88 -6.68
N ALA B 348 35.25 -33.69 -7.85
CA ALA B 348 35.35 -34.77 -8.84
C ALA B 348 36.01 -34.29 -10.13
N VAL B 349 36.26 -35.23 -11.03
CA VAL B 349 36.85 -34.91 -12.32
C VAL B 349 36.35 -35.88 -13.40
N ILE B 350 36.22 -35.38 -14.63
CA ILE B 350 35.77 -36.22 -15.74
C ILE B 350 36.92 -36.48 -16.71
N ILE B 351 37.17 -37.76 -17.00
CA ILE B 351 38.27 -38.14 -17.88
C ILE B 351 37.80 -38.76 -19.19
N PRO B 352 37.96 -38.00 -20.29
CA PRO B 352 37.68 -38.35 -21.69
C PRO B 352 38.80 -39.24 -22.27
N VAL B 353 38.73 -40.55 -22.07
CA VAL B 353 39.86 -41.43 -22.33
C VAL B 353 40.51 -41.11 -23.67
N ASN B 354 39.71 -40.81 -24.68
CA ASN B 354 40.23 -40.22 -25.90
C ASN B 354 39.84 -38.75 -25.97
N THR B 355 40.83 -37.87 -25.81
CA THR B 355 40.57 -36.43 -25.68
C THR B 355 40.13 -35.80 -27.00
N LYS B 356 40.45 -36.45 -28.12
CA LYS B 356 40.15 -35.90 -29.43
C LYS B 356 38.83 -36.43 -29.98
N ASN B 357 38.15 -37.26 -29.21
CA ASN B 357 36.88 -37.85 -29.65
C ASN B 357 35.68 -36.99 -29.26
N VAL B 358 34.95 -36.53 -30.27
CA VAL B 358 33.78 -35.67 -30.05
C VAL B 358 32.67 -36.40 -29.30
N GLN B 359 32.47 -37.68 -29.63
CA GLN B 359 31.42 -38.48 -29.01
C GLN B 359 31.61 -38.58 -27.49
N GLN B 360 32.87 -38.73 -27.06
CA GLN B 360 33.18 -38.80 -25.64
C GLN B 360 33.13 -37.41 -24.99
N LEU B 361 33.74 -36.43 -25.66
CA LEU B 361 33.78 -35.07 -25.14
C LEU B 361 32.38 -34.52 -24.86
N ASP B 362 31.47 -34.67 -25.83
CA ASP B 362 30.10 -34.22 -25.65
C ASP B 362 29.48 -34.84 -24.41
N MET B 363 29.70 -36.13 -24.23
CA MET B 363 29.15 -36.85 -23.09
C MET B 363 29.78 -36.38 -21.79
N CYS B 364 30.99 -35.83 -21.88
CA CYS B 364 31.67 -35.27 -20.72
C CYS B 364 31.09 -33.91 -20.35
N THR B 365 31.26 -32.95 -21.25
CA THR B 365 30.75 -31.60 -21.04
C THR B 365 29.27 -31.61 -20.66
N ALA B 366 28.53 -32.57 -21.21
CA ALA B 366 27.12 -32.72 -20.85
C ALA B 366 26.99 -32.90 -19.33
N LEU B 367 27.75 -33.86 -18.80
CA LEU B 367 27.75 -34.14 -17.37
C LEU B 367 28.24 -32.95 -16.56
N GLN B 368 29.30 -32.30 -17.04
CA GLN B 368 29.83 -31.12 -16.37
C GLN B 368 28.78 -30.02 -16.24
N LYS B 369 28.35 -29.47 -17.38
CA LYS B 369 27.35 -28.40 -17.41
CA LYS B 369 27.36 -28.40 -17.39
C LYS B 369 26.08 -28.78 -16.66
N LYS B 370 25.68 -30.04 -16.79
CA LYS B 370 24.45 -30.51 -16.16
C LYS B 370 24.68 -30.87 -14.69
N LEU B 371 25.91 -30.72 -14.25
CA LEU B 371 26.30 -31.06 -12.88
C LEU B 371 26.55 -29.82 -12.04
N ARG B 372 27.54 -29.03 -12.42
CA ARG B 372 27.83 -27.77 -11.74
C ARG B 372 26.58 -26.90 -11.67
N ASN B 373 25.70 -27.06 -12.65
CA ASN B 373 24.44 -26.33 -12.69
C ASN B 373 24.64 -24.82 -12.81
N GLU B 374 25.72 -24.43 -13.47
CA GLU B 374 26.01 -23.02 -13.69
C GLU B 374 25.11 -22.41 -14.75
N LEU B 375 24.97 -21.08 -14.73
CA LEU B 375 24.13 -20.37 -15.68
C LEU B 375 24.93 -19.45 -16.59
N GLU B 376 24.40 -19.19 -17.78
CA GLU B 376 25.05 -18.30 -18.73
C GLU B 376 25.23 -16.91 -18.13
N ALA B 377 26.33 -16.25 -18.47
CA ALA B 377 26.64 -14.94 -17.90
C ALA B 377 25.99 -13.79 -18.67
N ASP B 378 25.48 -14.08 -19.85
CA ASP B 378 24.82 -13.06 -20.67
C ASP B 378 23.31 -13.05 -20.47
N ASP B 379 22.81 -13.98 -19.68
CA ASP B 379 21.38 -14.08 -19.39
C ASP B 379 20.89 -13.02 -18.42
N MET B 380 19.59 -12.76 -18.45
CA MET B 380 18.92 -11.99 -17.43
C MET B 380 18.37 -12.95 -16.39
N GLU B 381 18.66 -14.24 -16.59
CA GLU B 381 18.14 -15.29 -15.74
C GLU B 381 18.98 -15.43 -14.47
N PRO B 382 18.39 -15.08 -13.32
CA PRO B 382 19.05 -15.09 -12.02
C PRO B 382 19.26 -16.50 -11.48
N VAL B 383 20.35 -16.70 -10.74
CA VAL B 383 20.60 -17.97 -10.08
C VAL B 383 19.70 -18.11 -8.86
N PRO B 384 18.87 -19.16 -8.84
CA PRO B 384 17.92 -19.38 -7.74
C PRO B 384 18.63 -19.72 -6.43
N LEU B 385 17.84 -19.95 -5.38
CA LEU B 385 18.39 -20.28 -4.07
C LEU B 385 18.18 -21.76 -3.75
N ASN B 386 19.13 -22.34 -3.02
CA ASN B 386 19.04 -23.74 -2.62
C ASN B 386 19.25 -24.71 -3.78
N ASP B 387 19.37 -24.18 -4.99
CA ASP B 387 19.69 -25.01 -6.15
C ASP B 387 21.06 -25.62 -5.93
N TRP B 388 21.21 -26.90 -6.27
CA TRP B 388 22.46 -27.63 -6.00
C TRP B 388 23.56 -27.31 -6.99
N HIS B 389 24.80 -27.30 -6.49
CA HIS B 389 25.97 -27.02 -7.31
C HIS B 389 27.17 -27.88 -6.88
N PHE B 390 27.89 -28.41 -7.86
CA PHE B 390 29.05 -29.25 -7.58
C PHE B 390 30.26 -28.80 -8.41
N ASN B 391 31.45 -28.92 -7.83
CA ASN B 391 32.66 -28.42 -8.50
C ASN B 391 33.05 -29.23 -9.73
N VAL B 392 33.24 -30.54 -9.55
CA VAL B 392 33.32 -31.46 -10.68
C VAL B 392 34.12 -30.94 -11.89
N ASP B 393 35.44 -30.85 -11.75
CA ASP B 393 36.27 -30.31 -12.82
C ASP B 393 36.35 -31.27 -14.00
N LEU B 394 37.08 -30.85 -15.04
CA LEU B 394 37.19 -31.63 -16.26
C LEU B 394 38.62 -31.60 -16.78
N ASP B 395 39.17 -32.78 -17.08
CA ASP B 395 40.54 -32.84 -17.60
C ASP B 395 40.53 -33.19 -19.08
N ILE B 396 40.83 -32.20 -19.91
CA ILE B 396 40.97 -32.40 -21.35
C ILE B 396 42.44 -32.54 -21.76
N ARG B 397 43.33 -32.48 -20.78
CA ARG B 397 44.77 -32.52 -21.05
C ARG B 397 45.08 -33.71 -21.92
N ASN B 398 45.98 -33.52 -22.89
CA ASN B 398 46.30 -34.60 -23.81
C ASN B 398 47.46 -35.40 -23.26
N GLU B 399 47.16 -36.62 -22.85
CA GLU B 399 48.08 -37.49 -22.15
C GLU B 399 47.49 -38.89 -22.16
N PRO B 400 48.19 -39.86 -21.56
CA PRO B 400 47.54 -41.15 -21.32
C PRO B 400 46.46 -40.96 -20.25
N VAL B 401 45.32 -41.64 -20.42
CA VAL B 401 44.25 -41.56 -19.43
C VAL B 401 44.81 -41.86 -18.04
N GLY B 402 45.78 -42.76 -18.00
CA GLY B 402 46.44 -43.13 -16.75
C GLY B 402 47.19 -41.97 -16.12
N TYR B 403 47.63 -41.03 -16.95
CA TYR B 403 48.31 -39.84 -16.43
C TYR B 403 47.32 -38.79 -15.92
N ARG B 404 46.11 -38.78 -16.45
CA ARG B 404 45.08 -37.89 -15.93
C ARG B 404 44.45 -38.48 -14.69
N ILE B 405 44.58 -39.79 -14.54
CA ILE B 405 44.28 -40.45 -13.28
C ILE B 405 45.48 -40.30 -12.35
N LYS B 406 46.63 -39.99 -12.94
CA LYS B 406 47.86 -39.79 -12.18
C LYS B 406 47.61 -38.83 -11.03
N SER B 407 47.29 -37.59 -11.34
CA SER B 407 46.78 -36.73 -10.30
C SER B 407 45.27 -36.62 -10.47
N ALA B 408 44.56 -37.35 -9.62
CA ALA B 408 43.18 -37.12 -9.29
C ALA B 408 43.20 -37.22 -7.78
N ILE B 409 43.50 -38.44 -7.34
CA ILE B 409 43.75 -38.76 -5.95
C ILE B 409 44.96 -38.00 -5.41
N LEU B 410 45.73 -37.42 -6.32
CA LEU B 410 46.83 -36.53 -5.95
C LEU B 410 46.25 -35.20 -5.52
N LYS B 411 45.57 -34.53 -6.44
CA LYS B 411 44.81 -33.32 -6.13
C LYS B 411 43.71 -33.63 -5.12
N ASN B 412 43.51 -34.92 -4.85
CA ASN B 412 42.51 -35.38 -3.89
C ASN B 412 41.05 -35.15 -4.29
N TYR B 413 40.74 -35.34 -5.56
CA TYR B 413 39.35 -35.39 -5.99
C TYR B 413 38.63 -36.53 -5.28
N SER B 414 37.38 -36.30 -4.87
CA SER B 414 36.64 -37.31 -4.11
C SER B 414 36.01 -38.39 -4.98
N TYR B 415 35.92 -38.14 -6.28
CA TYR B 415 35.37 -39.12 -7.20
C TYR B 415 36.01 -39.01 -8.58
N LEU B 416 36.18 -40.13 -9.26
CA LEU B 416 36.78 -40.12 -10.59
C LEU B 416 35.82 -40.65 -11.64
N ILE B 417 35.39 -39.77 -12.55
CA ILE B 417 34.44 -40.15 -13.58
C ILE B 417 35.13 -40.27 -14.94
N ILE B 418 34.98 -41.43 -15.57
CA ILE B 418 35.63 -41.73 -16.84
C ILE B 418 34.62 -42.11 -17.91
N VAL B 419 34.85 -41.60 -19.12
CA VAL B 419 34.01 -41.91 -20.27
C VAL B 419 34.83 -42.56 -21.40
N GLY B 420 34.56 -43.83 -21.66
CA GLY B 420 35.18 -44.54 -22.77
C GLY B 420 34.19 -44.78 -23.89
N ASP B 421 34.50 -45.74 -24.77
CA ASP B 421 33.60 -46.11 -25.85
C ASP B 421 32.42 -46.90 -25.30
N GLU B 422 32.73 -47.88 -24.45
CA GLU B 422 31.70 -48.70 -23.80
C GLU B 422 30.76 -47.83 -22.99
N GLU B 423 31.26 -46.68 -22.54
CA GLU B 423 30.45 -45.76 -21.75
C GLU B 423 29.47 -45.00 -22.62
N VAL B 424 29.87 -44.73 -23.86
CA VAL B 424 28.99 -44.06 -24.82
C VAL B 424 27.95 -45.03 -25.37
N GLN B 425 28.38 -46.26 -25.62
CA GLN B 425 27.49 -47.29 -26.14
C GLN B 425 26.41 -47.66 -25.13
N LEU B 426 26.79 -47.71 -23.85
CA LEU B 426 25.85 -48.05 -22.79
C LEU B 426 25.21 -46.79 -22.20
N GLN B 427 25.61 -45.63 -22.72
CA GLN B 427 25.11 -44.35 -22.23
C GLN B 427 25.13 -44.26 -20.71
N LYS B 428 26.32 -44.31 -20.15
CA LYS B 428 26.53 -44.17 -18.71
C LYS B 428 27.94 -43.66 -18.45
N TYR B 429 28.26 -43.46 -17.18
CA TYR B 429 29.58 -42.96 -16.80
C TYR B 429 30.26 -43.95 -15.87
N ASN B 430 31.58 -44.00 -15.92
CA ASN B 430 32.33 -44.89 -15.03
C ASN B 430 32.76 -44.13 -13.78
N ILE B 431 32.17 -44.48 -12.64
CA ILE B 431 32.48 -43.76 -11.41
C ILE B 431 33.34 -44.60 -10.47
N ARG B 432 34.48 -44.04 -10.10
CA ARG B 432 35.37 -44.68 -9.14
C ARG B 432 35.38 -43.87 -7.84
N GLU B 433 35.12 -44.57 -6.74
CA GLU B 433 35.07 -43.94 -5.43
C GLU B 433 36.47 -43.55 -4.95
N ARG B 434 36.54 -42.49 -4.15
CA ARG B 434 37.79 -41.95 -3.65
C ARG B 434 38.66 -43.00 -2.98
N ASP B 435 38.20 -43.47 -1.83
CA ASP B 435 38.99 -44.33 -0.96
C ASP B 435 38.84 -45.81 -1.32
N ASN B 436 37.93 -46.12 -2.24
CA ASN B 436 37.76 -47.49 -2.71
C ASN B 436 38.59 -47.73 -3.95
N ARG B 437 39.60 -48.59 -3.82
CA ARG B 437 40.56 -48.82 -4.89
C ARG B 437 40.01 -49.67 -6.04
N LYS B 438 38.95 -50.41 -5.76
CA LYS B 438 38.40 -51.35 -6.74
C LYS B 438 36.97 -51.03 -7.14
N SER B 439 36.05 -51.14 -6.19
CA SER B 439 34.62 -51.01 -6.47
C SER B 439 34.27 -49.72 -7.21
N PHE B 440 33.53 -49.87 -8.31
CA PHE B 440 33.10 -48.74 -9.11
C PHE B 440 31.64 -48.93 -9.52
N GLU B 441 31.02 -47.88 -10.03
CA GLU B 441 29.63 -47.95 -10.46
C GLU B 441 29.45 -47.26 -11.82
N LYS B 442 28.76 -47.94 -12.74
CA LYS B 442 28.44 -47.32 -14.02
C LYS B 442 27.06 -46.69 -13.89
N LEU B 443 27.02 -45.36 -13.94
CA LEU B 443 25.79 -44.63 -13.62
C LEU B 443 25.43 -43.55 -14.64
N THR B 444 24.14 -43.44 -14.93
CA THR B 444 23.62 -42.39 -15.79
C THR B 444 23.72 -41.03 -15.10
N MET B 445 23.65 -39.96 -15.90
CA MET B 445 23.75 -38.60 -15.41
C MET B 445 22.87 -38.39 -14.16
N SER B 446 21.58 -38.54 -14.33
CA SER B 446 20.62 -38.34 -13.25
C SER B 446 21.00 -39.09 -11.98
N GLN B 447 21.59 -40.26 -12.14
CA GLN B 447 22.00 -41.07 -10.99
C GLN B 447 23.21 -40.47 -10.28
N ILE B 448 24.10 -39.85 -11.06
CA ILE B 448 25.24 -39.13 -10.48
C ILE B 448 24.73 -37.92 -9.72
N TRP B 449 23.79 -37.21 -10.31
CA TRP B 449 23.15 -36.06 -9.68
C TRP B 449 22.53 -36.45 -8.33
N GLU B 450 21.51 -37.30 -8.39
CA GLU B 450 20.83 -37.79 -7.19
C GLU B 450 21.82 -38.32 -6.17
N LYS B 451 22.84 -39.03 -6.65
CA LYS B 451 23.85 -39.61 -5.78
C LYS B 451 24.60 -38.53 -5.00
N PHE B 452 25.18 -37.58 -5.72
CA PHE B 452 25.91 -36.48 -5.10
C PHE B 452 25.03 -35.72 -4.11
N ILE B 453 23.81 -35.42 -4.52
CA ILE B 453 22.89 -34.70 -3.64
C ILE B 453 22.61 -35.46 -2.36
N GLU B 454 22.33 -36.76 -2.50
CA GLU B 454 22.07 -37.60 -1.34
C GLU B 454 23.33 -37.82 -0.51
N LEU B 455 24.47 -37.45 -1.08
CA LEU B 455 25.75 -37.54 -0.38
C LEU B 455 25.98 -36.31 0.48
N GLU B 456 26.09 -35.15 -0.16
CA GLU B 456 26.34 -33.89 0.53
C GLU B 456 25.25 -33.60 1.57
N LYS B 457 24.11 -34.27 1.43
CA LYS B 457 23.01 -34.12 2.39
C LYS B 457 23.24 -34.96 3.64
N ASN B 458 24.11 -35.96 3.53
CA ASN B 458 24.48 -36.81 4.66
C ASN B 458 25.74 -36.34 5.38
N TYR B 459 26.29 -35.23 4.92
CA TYR B 459 27.56 -34.74 5.45
C TYR B 459 28.64 -35.80 5.34
N LYS B 460 28.56 -36.60 4.28
CA LYS B 460 29.52 -37.69 4.06
C LYS B 460 30.90 -37.14 3.76
N ALA C 34 -8.15 8.05 17.67
CA ALA C 34 -7.75 6.65 17.70
C ALA C 34 -8.66 5.79 16.84
N THR C 35 -9.34 6.42 15.88
CA THR C 35 -10.24 5.71 14.97
C THR C 35 -9.83 5.93 13.52
N MET C 36 -9.91 4.86 12.72
CA MET C 36 -9.53 4.93 11.31
C MET C 36 -10.27 6.02 10.56
N THR C 37 -11.60 5.99 10.65
CA THR C 37 -12.44 6.98 9.98
C THR C 37 -12.09 8.39 10.44
N SER C 38 -11.83 8.55 11.73
CA SER C 38 -11.46 9.84 12.29
C SER C 38 -10.17 10.36 11.66
N MET C 39 -9.15 9.51 11.66
CA MET C 39 -7.84 9.87 11.12
C MET C 39 -7.93 10.23 9.63
N VAL C 40 -8.47 9.30 8.84
CA VAL C 40 -8.64 9.52 7.41
C VAL C 40 -9.39 10.82 7.14
N SER C 41 -10.50 11.00 7.85
CA SER C 41 -11.32 12.19 7.72
C SER C 41 -10.50 13.45 7.97
N GLN C 42 -9.74 13.44 9.06
CA GLN C 42 -8.97 14.61 9.46
C GLN C 42 -7.85 14.93 8.47
N ARG C 43 -7.28 13.89 7.87
CA ARG C 43 -6.19 14.09 6.90
C ARG C 43 -6.71 14.58 5.55
N GLN C 44 -7.85 14.06 5.12
CA GLN C 44 -8.42 14.45 3.83
C GLN C 44 -9.47 15.56 3.93
N ASP C 45 -9.68 16.07 5.13
CA ASP C 45 -10.71 17.09 5.37
C ASP C 45 -12.05 16.68 4.77
N LEU C 46 -12.62 15.60 5.31
CA LEU C 46 -13.87 15.07 4.80
C LEU C 46 -15.05 15.49 5.67
N PHE C 47 -15.04 15.04 6.93
CA PHE C 47 -16.14 15.34 7.84
C PHE C 47 -15.65 16.18 9.01
N MET C 48 -16.57 16.97 9.59
CA MET C 48 -16.29 17.70 10.82
C MET C 48 -17.41 17.48 11.81
N THR C 49 -17.18 17.84 13.06
CA THR C 49 -18.17 17.65 14.11
C THR C 49 -18.22 18.82 15.08
N ASP C 50 -19.42 19.14 15.55
CA ASP C 50 -19.62 20.18 16.56
C ASP C 50 -20.62 19.70 17.60
N PRO C 51 -20.39 20.05 18.87
CA PRO C 51 -21.26 19.62 19.98
C PRO C 51 -22.72 19.96 19.75
N LEU C 52 -22.99 20.95 18.90
CA LEU C 52 -24.34 21.45 18.68
C LEU C 52 -25.12 20.61 17.67
N SER C 53 -24.47 19.58 17.12
CA SER C 53 -25.12 18.70 16.16
C SER C 53 -24.85 17.23 16.47
N PRO C 54 -25.34 16.75 17.62
CA PRO C 54 -25.14 15.35 18.02
C PRO C 54 -25.78 14.38 17.03
N GLY C 55 -25.03 13.38 16.59
CA GLY C 55 -25.53 12.39 15.66
C GLY C 55 -25.76 12.97 14.28
N SER C 56 -25.49 14.26 14.14
CA SER C 56 -25.65 14.96 12.87
C SER C 56 -24.28 15.17 12.23
N MET C 57 -24.06 14.51 11.11
CA MET C 57 -22.77 14.54 10.44
C MET C 57 -22.61 15.77 9.56
N PHE C 58 -21.47 16.46 9.71
CA PHE C 58 -21.15 17.61 8.87
C PHE C 58 -20.27 17.14 7.71
N PHE C 59 -20.74 17.34 6.49
CA PHE C 59 -19.99 16.95 5.31
C PHE C 59 -19.29 18.16 4.68
N LEU C 60 -17.97 18.19 4.76
CA LEU C 60 -17.19 19.25 4.13
C LEU C 60 -17.19 19.03 2.62
N PRO C 61 -16.55 19.94 1.88
CA PRO C 61 -16.59 19.84 0.42
C PRO C 61 -16.17 18.47 -0.10
N ASN C 62 -15.09 17.91 0.44
CA ASN C 62 -14.59 16.63 -0.04
C ASN C 62 -15.51 15.45 0.32
N GLY C 63 -15.87 15.36 1.59
CA GLY C 63 -16.79 14.34 2.05
C GLY C 63 -18.08 14.42 1.26
N ALA C 64 -18.48 15.64 0.91
CA ALA C 64 -19.68 15.86 0.10
C ALA C 64 -19.46 15.40 -1.33
N LYS C 65 -18.21 15.49 -1.80
CA LYS C 65 -17.87 14.99 -3.12
C LYS C 65 -18.04 13.47 -3.17
N ILE C 66 -17.46 12.79 -2.19
CA ILE C 66 -17.57 11.34 -2.10
C ILE C 66 -19.02 10.90 -1.96
N PHE C 67 -19.68 11.45 -0.95
CA PHE C 67 -21.09 11.19 -0.71
C PHE C 67 -21.90 11.35 -1.99
N ASN C 68 -21.94 12.57 -2.51
CA ASN C 68 -22.66 12.88 -3.73
C ASN C 68 -22.34 11.95 -4.90
N LYS C 69 -21.08 11.59 -5.06
CA LYS C 69 -20.68 10.75 -6.18
C LYS C 69 -21.22 9.33 -6.02
N LEU C 70 -21.13 8.78 -4.80
CA LEU C 70 -21.74 7.50 -4.49
C LEU C 70 -23.23 7.55 -4.84
N ILE C 71 -23.88 8.62 -4.40
CA ILE C 71 -25.30 8.83 -4.69
C ILE C 71 -25.59 8.83 -6.19
N GLU C 72 -24.73 9.49 -6.96
CA GLU C 72 -24.91 9.55 -8.41
C GLU C 72 -24.77 8.17 -9.02
N PHE C 73 -23.79 7.42 -8.54
CA PHE C 73 -23.60 6.03 -8.98
C PHE C 73 -24.88 5.23 -8.76
N MET C 74 -25.25 5.08 -7.50
CA MET C 74 -26.43 4.29 -7.16
C MET C 74 -27.67 4.74 -7.93
N LYS C 75 -27.80 6.06 -8.10
CA LYS C 75 -28.96 6.62 -8.80
C LYS C 75 -28.95 6.21 -10.27
N LEU C 76 -27.78 6.28 -10.91
CA LEU C 76 -27.65 5.84 -12.29
C LEU C 76 -28.01 4.38 -12.43
N GLN C 77 -27.48 3.55 -11.52
CA GLN C 77 -27.72 2.12 -11.57
C GLN C 77 -29.19 1.79 -11.41
N GLN C 78 -29.84 2.44 -10.44
CA GLN C 78 -31.25 2.21 -10.18
C GLN C 78 -32.10 2.65 -11.37
N LYS C 79 -31.88 3.88 -11.82
CA LYS C 79 -32.70 4.47 -12.87
C LYS C 79 -32.54 3.78 -14.22
N PHE C 80 -31.30 3.63 -14.68
CA PHE C 80 -31.04 3.20 -16.05
C PHE C 80 -30.78 1.70 -16.22
N LYS C 81 -30.82 0.95 -15.12
CA LYS C 81 -30.55 -0.49 -15.18
C LYS C 81 -31.65 -1.32 -14.52
N PHE C 82 -31.82 -1.13 -13.22
CA PHE C 82 -32.76 -1.94 -12.45
C PHE C 82 -34.18 -1.36 -12.42
N GLY C 83 -34.38 -0.28 -13.16
CA GLY C 83 -35.71 0.26 -13.37
C GLY C 83 -36.40 0.87 -12.16
N PHE C 84 -35.74 1.81 -11.51
CA PHE C 84 -36.32 2.52 -10.38
C PHE C 84 -36.74 3.95 -10.75
N ASN C 85 -37.83 4.41 -10.14
CA ASN C 85 -38.26 5.79 -10.30
C ASN C 85 -38.02 6.56 -9.00
N GLU C 86 -37.14 7.55 -9.05
CA GLU C 86 -36.80 8.32 -7.87
C GLU C 86 -37.91 9.29 -7.49
N VAL C 87 -38.25 9.33 -6.21
CA VAL C 87 -39.23 10.28 -5.69
C VAL C 87 -38.69 10.96 -4.44
N VAL C 88 -38.83 12.28 -4.38
CA VAL C 88 -38.42 13.04 -3.20
C VAL C 88 -39.65 13.29 -2.32
N THR C 89 -39.56 12.85 -1.06
CA THR C 89 -40.72 12.88 -0.18
C THR C 89 -40.52 13.77 1.05
N PRO C 90 -41.63 14.21 1.65
CA PRO C 90 -41.62 15.02 2.88
C PRO C 90 -40.87 14.35 4.02
N LEU C 91 -40.19 15.15 4.84
CA LEU C 91 -39.45 14.63 5.98
C LEU C 91 -40.29 14.68 7.26
N ILE C 92 -41.50 15.23 7.16
CA ILE C 92 -42.37 15.37 8.31
C ILE C 92 -43.74 14.76 8.05
N TYR C 93 -44.23 13.98 9.02
CA TYR C 93 -45.53 13.33 8.88
C TYR C 93 -46.37 13.45 10.14
N LYS C 94 -47.68 13.65 9.96
CA LYS C 94 -48.60 13.81 11.08
C LYS C 94 -48.61 12.58 11.97
N LYS C 95 -48.73 12.81 13.28
CA LYS C 95 -48.72 11.72 14.25
C LYS C 95 -49.74 10.63 13.92
N THR C 96 -50.88 11.05 13.36
CA THR C 96 -51.95 10.10 13.03
C THR C 96 -51.51 9.08 11.97
N LEU C 97 -50.57 9.50 11.11
CA LEU C 97 -50.02 8.59 10.11
C LEU C 97 -49.19 7.50 10.77
N TRP C 98 -48.27 7.91 11.63
CA TRP C 98 -47.42 6.97 12.34
C TRP C 98 -48.25 6.05 13.24
N GLU C 99 -49.37 6.57 13.73
CA GLU C 99 -50.32 5.75 14.47
C GLU C 99 -50.95 4.73 13.54
N LYS C 100 -51.29 5.17 12.33
CA LYS C 100 -51.88 4.29 11.33
C LYS C 100 -50.89 3.20 10.94
N SER C 101 -49.66 3.58 10.62
CA SER C 101 -48.64 2.63 10.21
C SER C 101 -48.14 1.80 11.40
N GLY C 102 -48.55 2.19 12.60
CA GLY C 102 -48.19 1.47 13.80
C GLY C 102 -46.77 1.78 14.27
N HIS C 103 -46.12 2.71 13.60
CA HIS C 103 -44.75 3.09 13.93
C HIS C 103 -44.68 3.97 15.18
N TRP C 104 -45.66 4.85 15.36
CA TRP C 104 -45.63 5.79 16.48
C TRP C 104 -45.52 5.10 17.83
N GLU C 105 -46.18 3.96 17.98
CA GLU C 105 -46.09 3.19 19.21
C GLU C 105 -44.73 2.50 19.32
N ASN C 106 -44.32 1.84 18.25
CA ASN C 106 -43.05 1.13 18.23
C ASN C 106 -41.88 2.02 18.68
N TYR C 107 -41.75 3.18 18.04
CA TYR C 107 -40.76 4.17 18.44
C TYR C 107 -41.32 4.99 19.59
N ALA C 108 -40.50 5.26 20.60
CA ALA C 108 -40.96 6.05 21.74
C ALA C 108 -40.12 7.30 21.92
N ASP C 109 -38.90 7.14 22.45
CA ASP C 109 -37.97 8.25 22.58
C ASP C 109 -37.31 8.49 21.22
N ASP C 110 -37.21 7.41 20.46
CA ASP C 110 -36.69 7.42 19.10
C ASP C 110 -37.66 8.16 18.20
N MET C 111 -37.21 8.57 17.02
CA MET C 111 -38.08 9.34 16.12
C MET C 111 -38.52 10.69 16.70
N PHE C 112 -37.60 11.65 16.71
CA PHE C 112 -37.86 12.95 17.33
C PHE C 112 -39.20 13.48 16.85
N LYS C 113 -39.99 13.98 17.80
CA LYS C 113 -41.31 14.51 17.49
C LYS C 113 -41.29 16.03 17.53
N VAL C 114 -41.86 16.65 16.50
CA VAL C 114 -41.97 18.09 16.43
C VAL C 114 -43.42 18.50 16.20
N GLU C 115 -43.87 19.53 16.89
CA GLU C 115 -45.27 19.94 16.80
C GLU C 115 -45.45 21.31 16.14
N THR C 116 -46.47 21.39 15.28
CA THR C 116 -46.89 22.65 14.67
C THR C 116 -47.61 23.43 15.77
N THR C 117 -48.19 24.59 15.47
CA THR C 117 -48.30 25.20 14.13
C THR C 117 -47.82 26.65 14.11
N ASP C 118 -48.48 27.51 14.89
CA ASP C 118 -49.29 27.01 16.00
C ASP C 118 -50.73 27.50 16.02
N GLU C 119 -51.66 26.56 15.84
CA GLU C 119 -53.06 26.81 16.10
C GLU C 119 -53.64 25.69 16.97
N GLU C 120 -53.79 24.51 16.37
CA GLU C 120 -54.30 23.33 17.07
C GLU C 120 -53.20 22.40 17.59
N LYS C 121 -51.95 22.72 17.31
CA LYS C 121 -50.83 21.90 17.75
C LYS C 121 -50.92 20.46 17.24
N GLU C 122 -50.72 20.29 15.93
CA GLU C 122 -50.84 18.99 15.26
C GLU C 122 -49.95 17.88 15.85
N GLU C 123 -48.78 18.26 16.37
CA GLU C 123 -47.83 17.27 16.90
C GLU C 123 -47.37 16.28 15.84
N TYR C 124 -46.58 16.76 14.88
CA TYR C 124 -46.04 15.92 13.81
C TYR C 124 -44.85 15.08 14.30
N GLY C 125 -44.19 14.42 13.36
CA GLY C 125 -43.02 13.62 13.66
C GLY C 125 -42.06 13.55 12.48
N LEU C 126 -40.80 13.24 12.79
CA LEU C 126 -39.73 13.22 11.79
C LEU C 126 -39.39 11.78 11.43
N LYS C 127 -39.50 11.45 10.14
CA LYS C 127 -39.37 10.08 9.69
C LYS C 127 -37.97 9.49 9.91
N PRO C 128 -37.88 8.45 10.76
CA PRO C 128 -36.65 7.66 10.92
C PRO C 128 -36.41 6.83 9.69
N MET C 129 -37.51 6.50 9.02
CA MET C 129 -37.51 5.65 7.84
C MET C 129 -38.73 6.09 7.05
N ASN C 130 -38.69 6.01 5.71
CA ASN C 130 -39.97 5.99 5.04
C ASN C 130 -40.20 4.68 4.32
N CYS C 131 -41.01 3.81 4.92
CA CYS C 131 -41.93 2.95 4.19
C CYS C 131 -43.17 3.69 3.67
N PRO C 132 -43.86 4.39 4.59
CA PRO C 132 -45.23 4.88 4.42
C PRO C 132 -45.39 5.95 3.34
N GLY C 133 -44.45 6.88 3.24
CA GLY C 133 -44.54 7.92 2.24
C GLY C 133 -44.84 7.30 0.89
N HIS C 134 -44.14 6.21 0.58
CA HIS C 134 -44.30 5.52 -0.68
C HIS C 134 -45.64 4.79 -0.78
N CYS C 135 -46.18 4.41 0.38
CA CYS C 135 -47.51 3.81 0.43
C CYS C 135 -48.56 4.84 0.04
N LEU C 136 -48.45 6.03 0.61
CA LEU C 136 -49.32 7.14 0.27
C LEU C 136 -49.16 7.49 -1.21
N ILE C 137 -47.94 7.37 -1.72
CA ILE C 137 -47.69 7.60 -3.14
C ILE C 137 -48.43 6.57 -3.98
N PHE C 138 -48.45 5.33 -3.50
CA PHE C 138 -49.07 4.23 -4.24
C PHE C 138 -50.59 4.32 -4.25
N GLY C 139 -51.16 4.71 -3.11
CA GLY C 139 -52.61 4.75 -2.97
C GLY C 139 -53.27 5.98 -3.51
N LYS C 140 -52.49 7.03 -3.77
CA LYS C 140 -53.04 8.31 -4.22
C LYS C 140 -53.67 8.22 -5.60
N LYS C 141 -53.46 7.09 -6.28
CA LYS C 141 -54.03 6.88 -7.60
C LYS C 141 -54.42 5.41 -7.79
N ASP C 142 -55.40 5.17 -8.66
CA ASP C 142 -55.82 3.81 -8.97
C ASP C 142 -54.73 3.08 -9.75
N ARG C 143 -54.32 1.92 -9.25
CA ARG C 143 -53.26 1.16 -9.87
C ARG C 143 -53.80 -0.06 -10.61
N SER C 144 -53.14 -0.42 -11.70
CA SER C 144 -53.56 -1.57 -12.51
C SER C 144 -52.47 -2.63 -12.57
N TYR C 145 -52.86 -3.86 -12.87
CA TYR C 145 -51.93 -4.98 -12.92
C TYR C 145 -50.77 -4.71 -13.87
N ASN C 146 -51.07 -4.06 -15.00
CA ASN C 146 -50.05 -3.77 -16.00
C ASN C 146 -49.09 -2.67 -15.59
N GLU C 147 -49.44 -1.95 -14.52
CA GLU C 147 -48.60 -0.88 -14.00
C GLU C 147 -47.51 -1.45 -13.11
N LEU C 148 -47.69 -2.71 -12.69
CA LEU C 148 -46.72 -3.41 -11.88
C LEU C 148 -45.70 -4.15 -12.74
N PRO C 149 -44.51 -4.41 -12.19
CA PRO C 149 -44.11 -4.00 -10.84
C PRO C 149 -43.86 -2.50 -10.77
N LEU C 150 -44.17 -1.92 -9.62
CA LEU C 150 -43.98 -0.49 -9.41
C LEU C 150 -42.88 -0.27 -8.37
N ARG C 151 -41.81 0.42 -8.78
CA ARG C 151 -40.64 0.56 -7.93
C ARG C 151 -40.28 2.02 -7.67
N PHE C 152 -40.18 2.37 -6.39
CA PHE C 152 -39.85 3.73 -5.98
C PHE C 152 -38.55 3.77 -5.20
N SER C 153 -37.66 4.71 -5.54
CA SER C 153 -36.40 4.86 -4.82
C SER C 153 -36.33 6.24 -4.16
N ASP C 154 -35.90 6.28 -2.91
CA ASP C 154 -35.85 7.53 -2.17
C ASP C 154 -34.55 7.71 -1.39
N PHE C 155 -33.85 8.81 -1.66
CA PHE C 155 -32.59 9.13 -0.99
C PHE C 155 -32.76 10.06 0.22
N SER C 156 -34.00 10.38 0.56
CA SER C 156 -34.28 11.37 1.61
C SER C 156 -33.59 11.08 2.95
N PRO C 157 -33.25 12.15 3.68
CA PRO C 157 -32.58 12.09 4.99
C PRO C 157 -33.44 11.42 6.05
N LEU C 158 -32.84 10.57 6.86
CA LEU C 158 -33.58 9.86 7.90
C LEU C 158 -33.04 10.20 9.28
N HIS C 159 -33.94 10.48 10.22
CA HIS C 159 -33.56 10.85 11.58
C HIS C 159 -34.13 9.90 12.63
N ARG C 160 -33.24 9.38 13.48
CA ARG C 160 -33.65 8.54 14.60
C ARG C 160 -32.95 9.02 15.86
N ASN C 161 -33.51 8.71 17.02
CA ASN C 161 -32.85 9.10 18.26
C ASN C 161 -32.12 7.93 18.91
N GLU C 162 -30.80 7.96 18.82
CA GLU C 162 -29.95 7.01 19.51
C GLU C 162 -29.72 7.44 20.96
N ALA C 163 -29.43 6.48 21.83
CA ALA C 163 -28.86 6.81 23.11
C ALA C 163 -27.60 7.60 22.82
N SER C 164 -27.46 8.77 23.45
CA SER C 164 -26.39 9.70 23.10
C SER C 164 -25.01 9.06 23.05
N GLY C 165 -24.77 8.08 23.94
CA GLY C 165 -23.49 7.42 24.00
C GLY C 165 -23.45 6.12 23.21
N ALA C 166 -24.59 5.67 22.73
CA ALA C 166 -24.67 4.42 21.99
C ALA C 166 -24.46 4.60 20.48
N LEU C 167 -24.23 5.84 20.07
CA LEU C 167 -24.00 6.15 18.67
C LEU C 167 -22.58 6.66 18.44
N SER C 168 -21.84 5.97 17.58
CA SER C 168 -20.45 6.34 17.30
C SER C 168 -20.09 6.18 15.83
N GLY C 169 -19.13 6.98 15.38
CA GLY C 169 -18.64 6.91 14.01
C GLY C 169 -19.73 7.16 12.98
N LEU C 170 -19.48 6.72 11.76
CA LEU C 170 -20.45 6.87 10.68
C LEU C 170 -21.41 5.68 10.65
N THR C 171 -21.16 4.70 11.51
CA THR C 171 -21.96 3.49 11.56
C THR C 171 -23.36 3.76 12.11
N ARG C 172 -23.43 4.43 13.24
CA ARG C 172 -24.70 4.73 13.90
C ARG C 172 -24.82 6.21 14.20
N LEU C 173 -25.79 6.88 13.58
CA LEU C 173 -25.98 8.31 13.81
C LEU C 173 -27.44 8.65 14.13
N ARG C 174 -27.69 9.93 14.40
CA ARG C 174 -29.04 10.44 14.55
C ARG C 174 -29.60 10.83 13.19
N LYS C 175 -28.70 10.96 12.21
CA LYS C 175 -29.07 11.30 10.85
C LYS C 175 -28.29 10.45 9.86
N PHE C 176 -29.00 9.78 8.96
CA PHE C 176 -28.35 8.95 7.97
C PHE C 176 -29.12 8.91 6.66
N HIS C 177 -28.42 8.67 5.56
CA HIS C 177 -29.05 8.58 4.25
C HIS C 177 -29.07 7.14 3.74
N GLN C 178 -30.26 6.56 3.67
CA GLN C 178 -30.42 5.19 3.19
C GLN C 178 -30.99 5.20 1.78
N ASP C 179 -30.30 4.54 0.85
CA ASP C 179 -30.75 4.48 -0.54
C ASP C 179 -32.18 3.95 -0.63
N ASP C 180 -32.53 3.11 0.33
CA ASP C 180 -33.91 2.61 0.46
C ASP C 180 -34.45 2.10 -0.86
N GLY C 181 -35.68 2.47 -1.17
CA GLY C 181 -36.39 1.97 -2.34
C GLY C 181 -37.36 0.87 -1.97
N HIS C 182 -38.46 0.78 -2.73
CA HIS C 182 -39.51 -0.20 -2.45
C HIS C 182 -40.07 -0.79 -3.73
N ILE C 183 -40.51 -2.04 -3.66
CA ILE C 183 -41.05 -2.73 -4.82
C ILE C 183 -42.44 -3.31 -4.56
N PHE C 184 -43.42 -2.85 -5.33
CA PHE C 184 -44.75 -3.44 -5.30
C PHE C 184 -44.90 -4.33 -6.53
N CYS C 185 -45.60 -5.45 -6.37
CA CYS C 185 -45.74 -6.41 -7.46
C CYS C 185 -46.58 -7.62 -7.06
N THR C 186 -47.00 -8.38 -8.06
CA THR C 186 -47.74 -9.61 -7.84
C THR C 186 -46.77 -10.73 -7.50
N PRO C 187 -47.23 -11.72 -6.72
CA PRO C 187 -46.39 -12.84 -6.27
C PRO C 187 -45.61 -13.48 -7.41
N SER C 188 -46.25 -13.64 -8.57
CA SER C 188 -45.59 -14.23 -9.73
C SER C 188 -44.36 -13.45 -10.14
N GLN C 189 -44.35 -12.16 -9.82
CA GLN C 189 -43.25 -11.29 -10.19
C GLN C 189 -42.21 -11.16 -9.07
N VAL C 190 -42.48 -11.79 -7.94
CA VAL C 190 -41.62 -11.61 -6.77
C VAL C 190 -40.21 -12.14 -6.98
N LYS C 191 -40.13 -13.43 -7.32
CA LYS C 191 -38.84 -14.10 -7.42
C LYS C 191 -37.92 -13.28 -8.32
N SER C 192 -38.36 -13.04 -9.54
CA SER C 192 -37.56 -12.31 -10.51
C SER C 192 -37.06 -11.02 -9.85
N GLU C 193 -37.98 -10.25 -9.30
CA GLU C 193 -37.63 -8.97 -8.69
C GLU C 193 -36.47 -9.18 -7.72
N ILE C 194 -36.66 -10.09 -6.78
CA ILE C 194 -35.64 -10.30 -5.76
C ILE C 194 -34.31 -10.60 -6.43
N PHE C 195 -34.34 -11.49 -7.42
CA PHE C 195 -33.12 -11.84 -8.13
C PHE C 195 -32.44 -10.57 -8.58
N ASN C 196 -33.17 -9.73 -9.31
CA ASN C 196 -32.63 -8.47 -9.80
C ASN C 196 -31.97 -7.68 -8.67
N SER C 197 -32.70 -7.54 -7.56
CA SER C 197 -32.17 -6.80 -6.42
C SER C 197 -30.80 -7.35 -6.05
N LEU C 198 -30.72 -8.66 -5.88
CA LEU C 198 -29.46 -9.29 -5.51
C LEU C 198 -28.38 -8.91 -6.50
N LYS C 199 -28.70 -8.97 -7.79
CA LYS C 199 -27.77 -8.61 -8.83
C LYS C 199 -27.14 -7.26 -8.50
N LEU C 200 -27.98 -6.29 -8.19
CA LEU C 200 -27.49 -4.96 -7.86
C LEU C 200 -26.48 -5.07 -6.74
N ILE C 201 -26.89 -5.66 -5.63
CA ILE C 201 -26.00 -5.86 -4.49
C ILE C 201 -24.71 -6.47 -5.01
N ASP C 202 -24.85 -7.53 -5.81
CA ASP C 202 -23.72 -8.22 -6.40
C ASP C 202 -22.79 -7.16 -6.98
N ILE C 203 -23.26 -6.49 -8.02
CA ILE C 203 -22.45 -5.53 -8.74
C ILE C 203 -21.74 -4.62 -7.76
N VAL C 204 -22.49 -4.14 -6.76
CA VAL C 204 -21.92 -3.28 -5.74
C VAL C 204 -20.77 -3.96 -5.00
N TYR C 205 -21.09 -5.01 -4.25
CA TYR C 205 -20.14 -5.54 -3.26
C TYR C 205 -18.96 -6.32 -3.80
N ASN C 206 -19.21 -7.31 -4.65
CA ASN C 206 -18.13 -8.15 -5.15
C ASN C 206 -17.56 -7.78 -6.53
N LYS C 207 -18.05 -6.70 -7.13
CA LYS C 207 -17.47 -6.21 -8.38
C LYS C 207 -16.79 -4.85 -8.26
N ILE C 208 -17.58 -3.81 -8.00
CA ILE C 208 -17.06 -2.45 -7.95
C ILE C 208 -16.33 -2.12 -6.65
N PHE C 209 -16.77 -2.71 -5.55
CA PHE C 209 -16.10 -2.50 -4.27
C PHE C 209 -15.78 -3.84 -3.59
N PRO C 210 -15.01 -4.71 -4.25
CA PRO C 210 -14.71 -5.94 -3.51
C PRO C 210 -13.89 -5.64 -2.26
N PHE C 211 -14.37 -6.11 -1.11
CA PHE C 211 -13.66 -5.93 0.16
C PHE C 211 -12.56 -6.95 0.45
N VAL C 212 -12.86 -8.21 0.17
CA VAL C 212 -12.03 -9.31 0.66
C VAL C 212 -11.47 -10.22 -0.43
N LYS C 213 -12.35 -10.90 -1.15
CA LYS C 213 -11.91 -11.83 -2.19
C LYS C 213 -12.55 -11.51 -3.53
N GLY C 214 -12.26 -12.35 -4.53
CA GLY C 214 -12.95 -12.26 -5.80
C GLY C 214 -14.44 -12.47 -5.57
N GLY C 215 -15.27 -11.97 -6.49
CA GLY C 215 -16.70 -11.98 -6.28
C GLY C 215 -17.45 -13.27 -6.50
N SER C 216 -16.99 -14.08 -7.44
CA SER C 216 -17.76 -15.24 -7.90
C SER C 216 -17.91 -16.36 -6.88
N GLY C 217 -18.96 -17.16 -7.07
CA GLY C 217 -19.17 -18.39 -6.31
C GLY C 217 -19.16 -18.27 -4.80
N ALA C 218 -18.39 -19.16 -4.17
CA ALA C 218 -18.34 -19.23 -2.72
C ALA C 218 -17.36 -18.20 -2.17
N GLU C 219 -16.73 -17.45 -3.07
CA GLU C 219 -15.78 -16.42 -2.68
C GLU C 219 -16.41 -15.05 -2.53
N SER C 220 -17.73 -14.98 -2.70
CA SER C 220 -18.45 -13.71 -2.62
C SER C 220 -18.18 -12.98 -1.31
N ASN C 221 -18.07 -11.66 -1.39
CA ASN C 221 -17.73 -10.87 -0.21
C ASN C 221 -18.87 -10.84 0.79
N TYR C 222 -20.04 -11.29 0.37
CA TYR C 222 -21.22 -11.28 1.23
C TYR C 222 -21.93 -12.62 1.20
N PHE C 223 -22.26 -13.13 2.39
CA PHE C 223 -23.13 -14.29 2.48
C PHE C 223 -24.50 -13.84 2.98
N ILE C 224 -25.55 -14.46 2.45
CA ILE C 224 -26.90 -14.05 2.75
C ILE C 224 -27.49 -14.87 3.90
N ASN C 225 -28.18 -14.19 4.81
CA ASN C 225 -28.92 -14.87 5.86
C ASN C 225 -30.41 -14.88 5.55
N PHE C 226 -30.91 -16.07 5.25
CA PHE C 226 -32.33 -16.27 5.01
C PHE C 226 -33.07 -16.25 6.35
N SER C 227 -34.25 -15.67 6.36
CA SER C 227 -35.06 -15.64 7.58
C SER C 227 -36.51 -16.01 7.25
N THR C 228 -36.95 -17.12 7.85
CA THR C 228 -38.25 -17.70 7.55
C THR C 228 -39.34 -17.24 8.51
N ARG C 229 -40.55 -17.75 8.28
CA ARG C 229 -41.69 -17.42 9.12
C ARG C 229 -41.41 -17.72 10.59
N PRO C 230 -41.85 -16.83 11.49
CA PRO C 230 -41.75 -17.06 12.93
C PRO C 230 -42.98 -17.79 13.45
N ASP C 231 -43.02 -18.08 14.76
CA ASP C 231 -44.14 -18.80 15.34
C ASP C 231 -45.44 -18.02 15.22
N HIS C 232 -45.35 -16.69 15.18
CA HIS C 232 -46.53 -15.84 15.08
C HIS C 232 -46.44 -14.88 13.90
N PHE C 233 -47.34 -15.06 12.94
CA PHE C 233 -47.32 -14.27 11.71
C PHE C 233 -48.69 -13.67 11.40
N ILE C 234 -48.81 -13.01 10.26
CA ILE C 234 -50.03 -12.30 9.91
C ILE C 234 -50.71 -12.77 8.62
N GLY C 235 -50.03 -12.58 7.49
CA GLY C 235 -50.65 -12.80 6.19
C GLY C 235 -50.95 -14.25 5.85
N ASP C 236 -51.42 -14.46 4.62
CA ASP C 236 -51.80 -15.80 4.15
C ASP C 236 -50.65 -16.79 4.25
N LEU C 237 -50.92 -17.94 4.85
CA LEU C 237 -49.94 -19.02 4.89
C LEU C 237 -49.55 -19.43 3.48
N LYS C 238 -50.49 -19.28 2.54
CA LYS C 238 -50.24 -19.61 1.15
C LYS C 238 -49.18 -18.70 0.54
N VAL C 239 -49.40 -17.38 0.66
CA VAL C 239 -48.46 -16.41 0.12
C VAL C 239 -47.10 -16.53 0.83
N TRP C 240 -47.13 -16.78 2.12
CA TRP C 240 -45.91 -17.07 2.87
C TRP C 240 -45.15 -18.21 2.20
N ASN C 241 -45.87 -19.32 1.99
CA ASN C 241 -45.29 -20.50 1.34
C ASN C 241 -44.65 -20.16 0.00
N HIS C 242 -45.40 -19.45 -0.85
CA HIS C 242 -44.91 -19.06 -2.16
C HIS C 242 -43.62 -18.24 -2.06
N ALA C 243 -43.63 -17.25 -1.17
CA ALA C 243 -42.50 -16.37 -0.98
C ALA C 243 -41.26 -17.14 -0.52
N GLU C 244 -41.40 -17.90 0.57
CA GLU C 244 -40.31 -18.70 1.08
C GLU C 244 -39.78 -19.63 0.01
N GLN C 245 -40.69 -20.15 -0.81
CA GLN C 245 -40.33 -21.09 -1.87
C GLN C 245 -39.47 -20.43 -2.95
N VAL C 246 -39.94 -19.30 -3.48
CA VAL C 246 -39.19 -18.60 -4.51
C VAL C 246 -37.88 -18.05 -3.94
N LEU C 247 -37.85 -17.88 -2.63
CA LEU C 247 -36.65 -17.38 -1.95
C LEU C 247 -35.58 -18.45 -1.84
N LYS C 248 -35.87 -19.52 -1.08
CA LYS C 248 -34.95 -20.64 -0.97
C LYS C 248 -34.56 -21.10 -2.36
N GLU C 249 -35.52 -21.04 -3.27
CA GLU C 249 -35.30 -21.33 -4.68
C GLU C 249 -34.17 -20.46 -5.22
N ILE C 250 -34.38 -19.15 -5.22
CA ILE C 250 -33.37 -18.20 -5.68
C ILE C 250 -32.00 -18.46 -5.06
N LEU C 251 -31.98 -18.78 -3.77
CA LEU C 251 -30.72 -19.02 -3.07
C LEU C 251 -30.00 -20.27 -3.58
N GLU C 252 -30.74 -21.37 -3.72
CA GLU C 252 -30.16 -22.62 -4.19
C GLU C 252 -29.56 -22.47 -5.58
N GLU C 253 -30.25 -21.75 -6.45
CA GLU C 253 -29.81 -21.60 -7.84
C GLU C 253 -28.96 -20.36 -8.05
N SER C 254 -28.70 -19.62 -6.97
CA SER C 254 -27.87 -18.43 -7.04
C SER C 254 -26.39 -18.80 -7.11
N GLY C 255 -26.04 -19.90 -6.44
CA GLY C 255 -24.65 -20.35 -6.41
C GLY C 255 -23.81 -19.54 -5.44
N LYS C 256 -24.45 -19.03 -4.39
CA LYS C 256 -23.77 -18.22 -3.38
C LYS C 256 -23.89 -18.87 -2.00
N PRO C 257 -22.93 -18.56 -1.11
CA PRO C 257 -23.01 -19.03 0.27
C PRO C 257 -24.18 -18.38 0.99
N TRP C 258 -24.75 -19.05 1.98
CA TRP C 258 -25.86 -18.50 2.76
C TRP C 258 -26.31 -19.45 3.86
N LYS C 259 -27.05 -18.92 4.82
CA LYS C 259 -27.47 -19.69 5.98
C LYS C 259 -28.96 -19.50 6.27
N LEU C 260 -29.57 -20.50 6.90
CA LEU C 260 -31.03 -20.56 7.02
C LEU C 260 -31.62 -19.68 8.10
N ASN C 261 -30.97 -19.59 9.25
CA ASN C 261 -31.52 -18.83 10.38
C ASN C 261 -33.03 -19.00 10.50
N PRO C 262 -33.49 -20.26 10.58
CA PRO C 262 -34.93 -20.58 10.52
C PRO C 262 -35.71 -20.06 11.71
N GLY C 263 -36.85 -19.43 11.44
CA GLY C 263 -37.77 -19.04 12.49
C GLY C 263 -37.63 -17.61 12.98
N ASP C 264 -36.48 -16.97 12.74
CA ASP C 264 -36.25 -15.65 13.28
C ASP C 264 -36.62 -14.54 12.29
N GLY C 265 -37.70 -13.84 12.60
CA GLY C 265 -38.10 -12.65 11.88
C GLY C 265 -38.67 -12.97 10.52
N ALA C 266 -39.45 -12.06 9.95
CA ALA C 266 -40.04 -10.95 10.69
C ALA C 266 -41.54 -11.22 10.74
N PHE C 267 -42.20 -10.78 11.81
CA PHE C 267 -43.61 -11.14 12.00
C PHE C 267 -44.47 -10.78 10.79
N TYR C 268 -44.08 -9.74 10.07
CA TYR C 268 -44.80 -9.34 8.87
C TYR C 268 -44.22 -9.90 7.56
N GLY C 269 -43.17 -10.70 7.66
CA GLY C 269 -42.63 -11.37 6.48
C GLY C 269 -41.24 -11.96 6.62
N PRO C 270 -40.85 -12.80 5.66
CA PRO C 270 -39.51 -13.40 5.61
C PRO C 270 -38.49 -12.37 5.14
N LYS C 271 -37.23 -12.50 5.54
CA LYS C 271 -36.25 -11.47 5.19
C LYS C 271 -34.85 -11.99 4.89
N LEU C 272 -34.20 -11.37 3.91
CA LEU C 272 -32.82 -11.70 3.57
C LEU C 272 -31.88 -10.62 4.08
N ASP C 273 -30.83 -11.04 4.80
CA ASP C 273 -29.85 -10.10 5.34
C ASP C 273 -28.48 -10.26 4.70
N ILE C 274 -28.00 -9.21 4.04
CA ILE C 274 -26.69 -9.27 3.39
C ILE C 274 -25.58 -9.09 4.41
N MET C 275 -24.71 -10.10 4.52
CA MET C 275 -23.65 -10.10 5.51
C MET C 275 -22.28 -9.98 4.86
N VAL C 276 -21.62 -8.85 5.10
CA VAL C 276 -20.28 -8.63 4.57
C VAL C 276 -19.24 -8.75 5.69
N THR C 277 -18.17 -9.50 5.43
CA THR C 277 -17.15 -9.74 6.44
C THR C 277 -15.96 -8.80 6.26
N ASP C 278 -15.67 -8.02 7.31
CA ASP C 278 -14.58 -7.07 7.30
C ASP C 278 -13.24 -7.78 7.18
N HIS C 279 -12.24 -7.09 6.63
CA HIS C 279 -10.90 -7.64 6.55
C HIS C 279 -10.35 -7.89 7.96
N LEU C 280 -11.03 -7.32 8.95
CA LEU C 280 -10.67 -7.52 10.35
C LEU C 280 -11.46 -8.66 10.99
N ARG C 281 -12.26 -9.35 10.17
CA ARG C 281 -13.07 -10.48 10.60
C ARG C 281 -14.41 -10.09 11.22
N LYS C 282 -14.63 -8.79 11.38
CA LYS C 282 -15.90 -8.29 11.89
C LYS C 282 -16.95 -8.38 10.79
N THR C 283 -18.05 -9.08 11.06
CA THR C 283 -19.09 -9.28 10.05
C THR C 283 -20.26 -8.34 10.26
N HIS C 284 -20.40 -7.38 9.35
CA HIS C 284 -21.47 -6.39 9.40
C HIS C 284 -22.64 -6.78 8.51
N GLN C 285 -23.85 -6.47 8.95
CA GLN C 285 -25.00 -6.66 8.10
C GLN C 285 -25.21 -5.35 7.36
N VAL C 286 -24.92 -5.36 6.06
CA VAL C 286 -24.85 -4.13 5.29
C VAL C 286 -26.22 -3.60 4.88
N ALA C 287 -27.05 -4.50 4.38
CA ALA C 287 -28.37 -4.13 3.89
C ALA C 287 -29.28 -5.34 3.97
N THR C 288 -30.58 -5.11 3.93
CA THR C 288 -31.53 -6.20 4.07
C THR C 288 -32.68 -6.08 3.08
N ILE C 289 -32.98 -7.18 2.40
CA ILE C 289 -34.15 -7.26 1.54
C ILE C 289 -35.29 -7.84 2.36
N GLN C 290 -36.28 -7.01 2.64
CA GLN C 290 -37.37 -7.38 3.53
C GLN C 290 -38.69 -7.45 2.79
N LEU C 291 -39.37 -8.59 2.91
CA LEU C 291 -40.71 -8.72 2.39
C LEU C 291 -41.68 -8.28 3.47
N ASP C 292 -42.45 -7.24 3.21
CA ASP C 292 -43.45 -6.81 4.16
C ASP C 292 -44.78 -7.35 3.64
N PHE C 293 -45.29 -8.36 4.33
CA PHE C 293 -46.51 -9.01 3.87
C PHE C 293 -47.69 -8.09 4.06
N GLN C 294 -47.89 -7.59 5.28
CA GLN C 294 -48.81 -6.48 5.38
C GLN C 294 -48.36 -5.25 6.14
N LEU C 295 -48.11 -4.18 5.38
CA LEU C 295 -48.89 -2.98 5.53
C LEU C 295 -49.19 -2.44 4.12
N PRO C 296 -49.70 -3.30 3.22
CA PRO C 296 -50.66 -2.94 2.18
C PRO C 296 -52.03 -2.80 2.81
N GLU C 297 -52.25 -3.58 3.87
CA GLU C 297 -53.54 -3.65 4.54
C GLU C 297 -53.70 -2.45 5.45
N ARG C 298 -52.63 -2.13 6.16
CA ARG C 298 -52.61 -1.01 7.07
C ARG C 298 -52.94 0.26 6.31
N PHE C 299 -52.42 0.37 5.09
CA PHE C 299 -52.75 1.47 4.20
C PHE C 299 -53.86 1.11 3.22
N ASP C 300 -54.37 -0.11 3.33
CA ASP C 300 -55.41 -0.61 2.45
C ASP C 300 -55.09 -0.36 0.98
N LEU C 301 -54.06 -1.03 0.47
CA LEU C 301 -53.63 -0.89 -0.91
C LEU C 301 -54.26 -1.96 -1.79
N LYS C 302 -54.66 -1.57 -3.00
CA LYS C 302 -55.27 -2.50 -3.93
C LYS C 302 -54.92 -2.14 -5.37
N PHE C 303 -54.99 -3.11 -6.26
CA PHE C 303 -54.72 -2.88 -7.67
C PHE C 303 -55.65 -3.72 -8.54
N LYS C 304 -56.13 -3.14 -9.63
CA LYS C 304 -57.02 -3.84 -10.53
C LYS C 304 -56.24 -4.84 -11.38
N ASP C 305 -56.63 -6.11 -11.31
CA ASP C 305 -55.96 -7.15 -12.06
C ASP C 305 -56.57 -7.26 -13.46
N GLN C 306 -56.09 -8.20 -14.25
CA GLN C 306 -56.60 -8.38 -15.61
C GLN C 306 -57.90 -9.18 -15.60
N ASP C 307 -58.18 -9.83 -14.46
CA ASP C 307 -59.43 -10.56 -14.29
C ASP C 307 -60.50 -9.64 -13.69
N ASN C 308 -60.14 -8.37 -13.53
CA ASN C 308 -61.04 -7.36 -12.99
C ASN C 308 -61.40 -7.60 -11.52
N SER C 309 -60.41 -8.06 -10.76
CA SER C 309 -60.57 -8.22 -9.32
C SER C 309 -59.48 -7.42 -8.60
N TYR C 310 -59.86 -6.80 -7.49
CA TYR C 310 -58.90 -6.00 -6.72
C TYR C 310 -58.17 -6.85 -5.69
N LYS C 311 -56.85 -6.95 -5.85
CA LYS C 311 -56.04 -7.78 -4.96
C LYS C 311 -55.07 -6.96 -4.12
N ARG C 312 -54.29 -7.63 -3.29
CA ARG C 312 -53.34 -6.98 -2.42
C ARG C 312 -51.91 -7.19 -2.94
N PRO C 313 -51.20 -6.08 -3.21
CA PRO C 313 -49.83 -6.13 -3.75
C PRO C 313 -48.79 -6.53 -2.71
N ILE C 314 -47.75 -7.24 -3.15
CA ILE C 314 -46.63 -7.59 -2.29
C ILE C 314 -45.68 -6.41 -2.18
N MET C 315 -45.28 -6.07 -0.96
CA MET C 315 -44.37 -4.94 -0.77
C MET C 315 -42.99 -5.41 -0.35
N ILE C 316 -41.96 -4.77 -0.91
CA ILE C 316 -40.58 -5.14 -0.62
C ILE C 316 -39.72 -3.91 -0.28
N HIS C 317 -39.21 -3.89 0.94
CA HIS C 317 -38.23 -2.89 1.35
C HIS C 317 -36.87 -3.40 0.91
N ARG C 318 -36.11 -2.57 0.21
CA ARG C 318 -34.80 -3.01 -0.28
C ARG C 318 -33.76 -1.92 -0.09
N ALA C 319 -32.52 -2.34 0.12
CA ALA C 319 -31.41 -1.40 0.25
C ALA C 319 -30.13 -2.10 -0.19
N THR C 320 -29.14 -1.32 -0.63
CA THR C 320 -27.86 -1.89 -1.04
C THR C 320 -26.73 -1.35 -0.18
N PHE C 321 -26.48 -0.05 -0.30
CA PHE C 321 -25.51 0.61 0.54
C PHE C 321 -25.96 0.57 2.00
N GLY C 322 -27.25 0.40 2.21
CA GLY C 322 -27.83 0.54 3.53
C GLY C 322 -27.68 2.00 3.93
N SER C 323 -27.06 2.25 5.07
CA SER C 323 -26.72 3.61 5.45
C SER C 323 -25.50 4.03 4.64
N ILE C 324 -25.62 5.12 3.89
CA ILE C 324 -24.52 5.56 3.03
C ILE C 324 -23.32 6.04 3.86
N GLU C 325 -23.60 6.56 5.05
CA GLU C 325 -22.53 6.93 5.97
C GLU C 325 -21.80 5.66 6.42
N ARG C 326 -22.58 4.63 6.71
CA ARG C 326 -22.05 3.34 7.12
C ARG C 326 -21.20 2.72 6.01
N PHE C 327 -21.76 2.66 4.81
CA PHE C 327 -21.06 2.12 3.66
C PHE C 327 -19.76 2.88 3.42
N MET C 328 -19.86 4.20 3.52
CA MET C 328 -18.70 5.06 3.38
C MET C 328 -17.67 4.73 4.44
N ALA C 329 -18.14 4.32 5.61
CA ALA C 329 -17.26 3.91 6.70
C ALA C 329 -16.52 2.63 6.34
N LEU C 330 -17.25 1.65 5.80
CA LEU C 330 -16.62 0.43 5.32
C LEU C 330 -15.53 0.77 4.31
N LEU C 331 -15.88 1.62 3.34
CA LEU C 331 -14.92 2.05 2.34
C LEU C 331 -13.69 2.69 2.98
N ILE C 332 -13.88 3.47 4.02
CA ILE C 332 -12.77 4.11 4.71
C ILE C 332 -11.89 3.07 5.41
N ASP C 333 -12.52 2.03 5.94
CA ASP C 333 -11.78 0.97 6.62
C ASP C 333 -10.94 0.15 5.64
N SER C 334 -11.51 -0.11 4.45
CA SER C 334 -10.79 -0.86 3.43
C SER C 334 -9.67 -0.03 2.80
N ASN C 335 -9.96 1.26 2.59
CA ASN C 335 -9.01 2.17 1.97
C ASN C 335 -7.93 2.64 2.93
N GLU C 336 -8.32 2.85 4.19
CA GLU C 336 -7.45 3.47 5.17
C GLU C 336 -6.98 4.82 4.63
N GLY C 337 -7.85 5.46 3.85
CA GLY C 337 -7.59 6.78 3.31
C GLY C 337 -7.23 6.82 1.84
N ARG C 338 -7.18 5.65 1.20
CA ARG C 338 -6.79 5.60 -0.21
C ARG C 338 -7.97 5.25 -1.12
N TRP C 339 -8.44 6.25 -1.87
CA TRP C 339 -9.62 6.10 -2.70
C TRP C 339 -9.30 5.65 -4.13
N PRO C 340 -10.27 4.98 -4.77
CA PRO C 340 -10.21 4.73 -6.21
C PRO C 340 -10.26 6.07 -6.94
N PHE C 341 -9.80 6.12 -8.18
CA PHE C 341 -9.71 7.39 -8.90
C PHE C 341 -11.04 8.16 -8.91
N TRP C 342 -12.12 7.50 -9.29
CA TRP C 342 -13.40 8.17 -9.45
C TRP C 342 -13.97 8.71 -8.14
N LEU C 343 -13.76 7.99 -7.05
CA LEU C 343 -14.29 8.39 -5.75
C LEU C 343 -13.37 9.36 -5.00
N ASN C 344 -12.15 9.53 -5.49
CA ASN C 344 -11.13 10.27 -4.76
C ASN C 344 -11.35 11.79 -4.76
N PRO C 345 -11.36 12.40 -3.56
CA PRO C 345 -11.44 13.85 -3.40
C PRO C 345 -10.26 14.53 -4.10
N TYR C 346 -9.06 14.00 -3.91
CA TYR C 346 -7.91 14.48 -4.66
C TYR C 346 -7.60 13.46 -5.75
N GLN C 347 -7.91 13.83 -6.99
CA GLN C 347 -7.67 12.91 -8.11
C GLN C 347 -6.23 12.93 -8.57
N ALA C 348 -5.60 14.11 -8.57
CA ALA C 348 -4.18 14.20 -8.87
C ALA C 348 -3.56 15.53 -8.42
N VAL C 349 -2.25 15.64 -8.59
CA VAL C 349 -1.52 16.83 -8.17
C VAL C 349 -0.34 17.11 -9.11
N ILE C 350 -0.10 18.39 -9.41
CA ILE C 350 0.98 18.78 -10.29
C ILE C 350 2.09 19.47 -9.52
N ILE C 351 3.29 18.88 -9.57
CA ILE C 351 4.45 19.46 -8.91
C ILE C 351 5.54 19.85 -9.90
N PRO C 352 5.79 21.17 -10.03
CA PRO C 352 6.95 21.65 -10.79
C PRO C 352 8.23 21.44 -9.98
N VAL C 353 9.34 21.15 -10.65
CA VAL C 353 10.60 20.95 -9.94
C VAL C 353 11.05 22.23 -9.24
N ASN C 354 11.18 23.31 -10.00
CA ASN C 354 11.60 24.59 -9.43
C ASN C 354 10.49 25.62 -9.46
N THR C 355 10.09 26.09 -8.28
CA THR C 355 9.03 27.07 -8.15
C THR C 355 9.25 28.27 -9.07
N LYS C 356 10.34 29.00 -8.84
CA LYS C 356 10.62 30.24 -9.56
C LYS C 356 10.77 30.04 -11.07
N ASN C 357 10.93 28.80 -11.51
CA ASN C 357 11.09 28.52 -12.94
C ASN C 357 9.76 28.61 -13.67
N VAL C 358 9.70 29.49 -14.67
CA VAL C 358 8.46 29.76 -15.40
C VAL C 358 8.13 28.70 -16.45
N GLN C 359 9.15 28.26 -17.17
CA GLN C 359 8.96 27.28 -18.25
C GLN C 359 8.17 26.07 -17.77
N GLN C 360 8.43 25.66 -16.53
CA GLN C 360 7.70 24.55 -15.92
C GLN C 360 6.30 25.00 -15.49
N LEU C 361 6.24 26.15 -14.83
CA LEU C 361 4.98 26.72 -14.35
C LEU C 361 3.91 26.77 -15.44
N ASP C 362 4.15 27.55 -16.48
CA ASP C 362 3.17 27.72 -17.55
C ASP C 362 2.78 26.39 -18.21
N MET C 363 3.66 25.40 -18.11
CA MET C 363 3.36 24.07 -18.65
C MET C 363 2.52 23.27 -17.65
N CYS C 364 2.52 23.72 -16.41
CA CYS C 364 1.70 23.10 -15.35
C CYS C 364 0.30 23.68 -15.35
N THR C 365 0.20 24.98 -15.09
CA THR C 365 -1.08 25.68 -14.99
C THR C 365 -1.95 25.43 -16.23
N ALA C 366 -1.30 25.19 -17.36
CA ALA C 366 -2.03 24.84 -18.58
C ALA C 366 -2.73 23.49 -18.38
N LEU C 367 -1.97 22.50 -17.93
CA LEU C 367 -2.52 21.18 -17.65
C LEU C 367 -3.66 21.25 -16.65
N GLN C 368 -3.47 22.01 -15.58
CA GLN C 368 -4.51 22.17 -14.57
C GLN C 368 -5.76 22.80 -15.18
N LYS C 369 -5.59 23.91 -15.88
CA LYS C 369 -6.70 24.60 -16.53
C LYS C 369 -7.43 23.68 -17.49
N LYS C 370 -6.71 22.69 -18.02
CA LYS C 370 -7.31 21.71 -18.92
C LYS C 370 -8.14 20.67 -18.16
N LEU C 371 -7.46 19.87 -17.34
CA LEU C 371 -8.11 18.81 -16.58
C LEU C 371 -9.30 19.31 -15.75
N ARG C 372 -9.18 20.51 -15.20
CA ARG C 372 -10.26 21.07 -14.38
C ARG C 372 -11.43 21.55 -15.23
N ASN C 373 -11.14 21.95 -16.47
CA ASN C 373 -12.18 22.34 -17.41
C ASN C 373 -13.16 23.34 -16.81
N GLU C 374 -12.62 24.42 -16.26
CA GLU C 374 -13.46 25.44 -15.60
C GLU C 374 -13.60 26.70 -16.44
N LEU C 375 -14.76 27.34 -16.35
CA LEU C 375 -15.05 28.56 -17.10
C LEU C 375 -14.95 29.80 -16.23
N GLU C 376 -14.51 30.91 -16.83
CA GLU C 376 -14.33 32.16 -16.11
C GLU C 376 -15.65 32.63 -15.50
N ALA C 377 -15.57 33.30 -14.37
CA ALA C 377 -16.76 33.72 -13.62
C ALA C 377 -17.45 34.94 -14.25
N ASP C 378 -16.72 35.69 -15.06
CA ASP C 378 -17.27 36.89 -15.68
C ASP C 378 -17.85 36.61 -17.07
N ASP C 379 -17.70 35.37 -17.53
CA ASP C 379 -18.22 34.97 -18.83
C ASP C 379 -19.74 34.78 -18.84
N MET C 380 -20.33 34.84 -20.02
CA MET C 380 -21.74 34.52 -20.20
C MET C 380 -21.94 33.07 -20.63
N GLU C 381 -20.83 32.33 -20.74
CA GLU C 381 -20.88 30.93 -21.16
C GLU C 381 -21.06 29.98 -19.98
N PRO C 382 -22.23 29.33 -19.90
CA PRO C 382 -22.58 28.40 -18.82
C PRO C 382 -21.85 27.07 -18.94
N VAL C 383 -21.82 26.31 -17.85
CA VAL C 383 -21.18 25.01 -17.83
C VAL C 383 -22.10 23.95 -18.42
N PRO C 384 -21.69 23.33 -19.53
CA PRO C 384 -22.47 22.30 -20.23
C PRO C 384 -22.64 21.04 -19.39
N LEU C 385 -23.63 20.21 -19.74
CA LEU C 385 -23.87 18.96 -19.04
C LEU C 385 -22.92 17.86 -19.51
N ASN C 386 -22.59 16.95 -18.59
CA ASN C 386 -21.80 15.78 -18.92
C ASN C 386 -20.34 16.05 -19.30
N ASP C 387 -19.98 17.32 -19.41
CA ASP C 387 -18.59 17.68 -19.66
C ASP C 387 -17.74 17.20 -18.48
N TRP C 388 -16.59 16.62 -18.79
CA TRP C 388 -15.75 16.00 -17.76
C TRP C 388 -15.00 17.02 -16.90
N HIS C 389 -15.01 16.79 -15.59
CA HIS C 389 -14.26 17.63 -14.65
C HIS C 389 -13.57 16.75 -13.61
N PHE C 390 -12.26 16.89 -13.50
CA PHE C 390 -11.49 16.11 -12.55
C PHE C 390 -10.88 16.98 -11.47
N ASN C 391 -10.84 16.50 -10.24
CA ASN C 391 -10.21 17.24 -9.17
C ASN C 391 -8.71 17.13 -9.27
N VAL C 392 -8.04 18.27 -9.41
CA VAL C 392 -6.59 18.29 -9.51
C VAL C 392 -6.05 19.50 -8.76
N ASP C 393 -5.00 19.30 -7.98
CA ASP C 393 -4.39 20.40 -7.25
C ASP C 393 -2.98 20.61 -7.75
N LEU C 394 -2.51 21.85 -7.69
CA LEU C 394 -1.15 22.17 -8.13
C LEU C 394 -0.37 22.70 -6.94
N ASP C 395 0.81 22.13 -6.68
CA ASP C 395 1.58 22.56 -5.52
C ASP C 395 2.72 23.49 -5.95
N ILE C 396 2.56 24.77 -5.67
CA ILE C 396 3.59 25.76 -5.95
C ILE C 396 4.41 26.11 -4.71
N ARG C 397 4.06 25.53 -3.57
CA ARG C 397 4.66 25.94 -2.30
C ARG C 397 6.18 25.92 -2.42
N ASN C 398 6.82 27.01 -2.02
CA ASN C 398 8.26 27.08 -2.08
C ASN C 398 8.83 26.07 -1.12
N GLU C 399 9.66 25.17 -1.64
CA GLU C 399 10.12 23.98 -0.92
C GLU C 399 10.97 23.16 -1.89
N PRO C 400 11.66 22.15 -1.36
CA PRO C 400 12.31 21.17 -2.24
C PRO C 400 11.26 20.23 -2.81
N VAL C 401 11.53 19.65 -3.97
CA VAL C 401 10.59 18.73 -4.60
C VAL C 401 10.23 17.59 -3.66
N GLY C 402 11.19 17.13 -2.88
CA GLY C 402 11.00 16.01 -1.98
C GLY C 402 9.90 16.23 -0.96
N TYR C 403 9.99 17.32 -0.20
CA TYR C 403 8.99 17.62 0.81
C TYR C 403 7.60 17.77 0.21
N ARG C 404 7.54 18.26 -1.03
CA ARG C 404 6.28 18.46 -1.73
C ARG C 404 5.71 17.15 -2.27
N ILE C 405 6.59 16.18 -2.50
CA ILE C 405 6.16 14.84 -2.91
C ILE C 405 5.68 14.03 -1.70
N LYS C 406 6.39 14.16 -0.59
CA LYS C 406 5.98 13.50 0.65
C LYS C 406 4.55 13.94 0.98
N SER C 407 4.34 15.26 1.05
CA SER C 407 2.99 15.80 1.09
C SER C 407 2.37 15.51 -0.26
N ALA C 408 1.04 15.45 -0.32
CA ALA C 408 0.34 15.02 -1.52
C ALA C 408 0.69 13.56 -1.83
N ILE C 409 1.11 12.85 -0.79
CA ILE C 409 1.25 11.39 -0.81
C ILE C 409 0.40 10.86 0.33
N LEU C 410 0.74 11.27 1.55
CA LEU C 410 -0.14 11.05 2.70
C LEU C 410 -1.54 11.55 2.36
N LYS C 411 -1.61 12.62 1.56
CA LYS C 411 -2.89 13.15 1.10
C LYS C 411 -3.62 12.14 0.22
N ASN C 412 -2.90 11.11 -0.19
CA ASN C 412 -3.47 10.01 -0.97
C ASN C 412 -3.97 10.40 -2.36
N TYR C 413 -3.24 11.30 -3.02
CA TYR C 413 -3.56 11.64 -4.40
C TYR C 413 -3.49 10.40 -5.27
N SER C 414 -4.52 10.17 -6.08
CA SER C 414 -4.53 9.01 -6.97
C SER C 414 -3.40 9.09 -7.99
N TYR C 415 -3.06 10.30 -8.41
CA TYR C 415 -2.01 10.49 -9.40
C TYR C 415 -1.08 11.67 -9.12
N LEU C 416 0.22 11.39 -9.20
CA LEU C 416 1.23 12.43 -9.03
C LEU C 416 1.86 12.78 -10.37
N ILE C 417 1.56 13.98 -10.86
CA ILE C 417 2.12 14.47 -12.11
C ILE C 417 3.20 15.49 -11.84
N ILE C 418 4.43 15.13 -12.17
CA ILE C 418 5.58 15.99 -11.93
C ILE C 418 6.13 16.53 -13.25
N VAL C 419 6.66 17.75 -13.16
CA VAL C 419 7.22 18.45 -14.32
C VAL C 419 8.58 19.05 -13.98
N GLY C 420 9.51 18.99 -14.93
CA GLY C 420 10.85 19.52 -14.74
C GLY C 420 11.53 19.84 -16.05
N ASP C 421 12.81 20.22 -15.98
CA ASP C 421 13.57 20.58 -17.18
C ASP C 421 13.44 19.51 -18.27
N GLU C 422 13.66 18.25 -17.89
CA GLU C 422 13.55 17.14 -18.82
C GLU C 422 12.14 17.03 -19.37
N GLU C 423 11.16 17.19 -18.49
CA GLU C 423 9.76 17.13 -18.89
C GLU C 423 9.41 18.26 -19.85
N VAL C 424 9.86 19.47 -19.53
CA VAL C 424 9.62 20.63 -20.38
C VAL C 424 10.24 20.44 -21.75
N GLN C 425 11.44 19.88 -21.78
CA GLN C 425 12.13 19.63 -23.05
C GLN C 425 11.42 18.56 -23.88
N LEU C 426 11.00 17.49 -23.23
CA LEU C 426 10.35 16.37 -23.91
C LEU C 426 8.90 16.68 -24.26
N GLN C 427 8.29 17.61 -23.51
CA GLN C 427 6.92 18.05 -23.75
C GLN C 427 5.86 17.14 -23.13
N LYS C 428 6.28 16.02 -22.55
CA LYS C 428 5.36 15.13 -21.85
C LYS C 428 5.59 15.21 -20.34
N TYR C 429 4.52 15.11 -19.57
CA TYR C 429 4.64 15.18 -18.12
C TYR C 429 5.03 13.82 -17.56
N ASN C 430 5.26 13.76 -16.24
CA ASN C 430 5.62 12.49 -15.61
C ASN C 430 4.53 12.03 -14.63
N ILE C 431 3.85 10.95 -14.96
CA ILE C 431 2.72 10.49 -14.16
C ILE C 431 3.03 9.24 -13.34
N ARG C 432 2.78 9.33 -12.03
CA ARG C 432 2.94 8.21 -11.13
C ARG C 432 1.59 7.82 -10.53
N GLU C 433 1.34 6.52 -10.46
CA GLU C 433 0.14 6.00 -9.81
C GLU C 433 0.39 5.84 -8.31
N ARG C 434 -0.62 6.14 -7.50
CA ARG C 434 -0.50 6.03 -6.06
C ARG C 434 -0.08 4.63 -5.63
N ASP C 435 -0.95 3.66 -5.86
CA ASP C 435 -0.75 2.30 -5.40
C ASP C 435 0.43 1.57 -6.05
N ASN C 436 0.90 2.09 -7.19
CA ASN C 436 2.06 1.51 -7.85
C ASN C 436 3.25 2.47 -7.84
N ARG C 437 4.28 2.13 -7.05
CA ARG C 437 5.41 3.02 -6.84
C ARG C 437 6.42 3.01 -7.99
N LYS C 438 6.70 1.82 -8.52
CA LYS C 438 7.74 1.66 -9.53
C LYS C 438 7.32 2.15 -10.92
N SER C 439 6.06 1.96 -11.25
CA SER C 439 5.55 2.30 -12.57
C SER C 439 5.30 3.80 -12.72
N PHE C 440 5.75 4.36 -13.84
CA PHE C 440 5.51 5.75 -14.16
C PHE C 440 5.48 5.93 -15.68
N GLU C 441 4.78 6.96 -16.15
CA GLU C 441 4.65 7.19 -17.58
C GLU C 441 5.06 8.61 -17.95
N LYS C 442 5.36 8.83 -19.23
CA LYS C 442 5.58 10.17 -19.75
C LYS C 442 4.45 10.46 -20.73
N LEU C 443 3.55 11.37 -20.38
CA LEU C 443 2.33 11.55 -21.16
C LEU C 443 2.00 12.98 -21.58
N THR C 444 1.51 13.11 -22.81
CA THR C 444 1.04 14.40 -23.31
C THR C 444 -0.31 14.73 -22.69
N MET C 445 -0.66 16.01 -22.71
CA MET C 445 -1.89 16.50 -22.08
C MET C 445 -3.12 15.66 -22.45
N SER C 446 -3.49 15.68 -23.72
CA SER C 446 -4.67 14.97 -24.20
C SER C 446 -4.68 13.51 -23.75
N GLN C 447 -3.50 12.89 -23.73
CA GLN C 447 -3.39 11.50 -23.27
C GLN C 447 -3.83 11.36 -21.82
N ILE C 448 -3.40 12.29 -20.98
CA ILE C 448 -3.82 12.29 -19.58
C ILE C 448 -5.32 12.51 -19.48
N TRP C 449 -5.83 13.44 -20.28
CA TRP C 449 -7.25 13.71 -20.35
C TRP C 449 -8.04 12.42 -20.60
N GLU C 450 -7.84 11.84 -21.78
CA GLU C 450 -8.50 10.61 -22.16
C GLU C 450 -8.31 9.52 -21.09
N LYS C 451 -7.12 9.48 -20.51
CA LYS C 451 -6.82 8.50 -19.47
C LYS C 451 -7.78 8.63 -18.30
N PHE C 452 -7.84 9.83 -17.72
CA PHE C 452 -8.74 10.07 -16.59
C PHE C 452 -10.19 9.78 -16.98
N ILE C 453 -10.57 10.21 -18.18
CA ILE C 453 -11.89 9.91 -18.70
C ILE C 453 -12.18 8.40 -18.62
N GLU C 454 -11.19 7.60 -19.01
CA GLU C 454 -11.33 6.16 -18.92
C GLU C 454 -11.45 5.69 -17.47
N LEU C 455 -10.52 6.15 -16.63
CA LEU C 455 -10.51 5.78 -15.22
C LEU C 455 -11.88 5.98 -14.59
N GLU C 456 -12.51 7.11 -14.87
CA GLU C 456 -13.85 7.36 -14.35
C GLU C 456 -14.91 6.50 -15.03
N LYS C 457 -14.80 6.37 -16.35
CA LYS C 457 -15.77 5.60 -17.13
C LYS C 457 -15.79 4.13 -16.70
N ASN C 458 -14.62 3.61 -16.34
CA ASN C 458 -14.50 2.19 -15.97
C ASN C 458 -14.62 1.96 -14.47
N TYR C 459 -14.83 3.03 -13.70
CA TYR C 459 -14.96 2.94 -12.25
C TYR C 459 -13.69 2.41 -11.60
N LYS C 460 -12.55 2.72 -12.20
CA LYS C 460 -11.27 2.26 -11.66
C LYS C 460 -10.44 3.43 -11.15
N ALA D 34 -58.02 25.69 -9.48
CA ALA D 34 -57.57 25.18 -10.77
C ALA D 34 -56.13 25.61 -11.05
N THR D 35 -55.88 26.91 -10.94
CA THR D 35 -54.54 27.47 -11.11
C THR D 35 -53.84 27.00 -12.38
N MET D 36 -52.56 26.69 -12.27
CA MET D 36 -51.77 26.17 -13.38
C MET D 36 -51.04 24.91 -12.92
N THR D 37 -50.18 25.07 -11.94
CA THR D 37 -49.34 23.99 -11.43
C THR D 37 -50.13 22.71 -11.17
N SER D 38 -51.35 22.83 -10.64
CA SER D 38 -52.15 21.65 -10.33
C SER D 38 -52.61 20.93 -11.60
N MET D 39 -52.91 21.70 -12.64
CA MET D 39 -53.36 21.11 -13.91
C MET D 39 -52.23 20.40 -14.62
N VAL D 40 -51.05 21.01 -14.61
CA VAL D 40 -49.88 20.48 -15.29
C VAL D 40 -49.36 19.28 -14.52
N SER D 41 -48.93 19.53 -13.28
CA SER D 41 -48.51 18.48 -12.37
C SER D 41 -49.50 17.33 -12.35
N GLN D 42 -50.78 17.66 -12.40
CA GLN D 42 -51.82 16.64 -12.38
C GLN D 42 -51.85 15.83 -13.67
N ARG D 43 -51.57 16.50 -14.79
CA ARG D 43 -51.58 15.84 -16.10
C ARG D 43 -50.36 14.95 -16.34
N GLN D 44 -49.17 15.47 -16.02
CA GLN D 44 -47.92 14.75 -16.25
C GLN D 44 -47.47 13.98 -15.02
N ASP D 45 -48.28 14.01 -13.97
CA ASP D 45 -47.93 13.48 -12.67
C ASP D 45 -46.57 14.02 -12.21
N LEU D 46 -46.49 15.33 -12.04
CA LEU D 46 -45.30 15.97 -11.52
C LEU D 46 -45.23 15.92 -9.99
N PHE D 47 -46.35 16.18 -9.34
CA PHE D 47 -46.38 16.35 -7.90
C PHE D 47 -47.59 15.68 -7.24
N MET D 48 -47.54 15.58 -5.92
CA MET D 48 -48.63 15.00 -5.15
C MET D 48 -48.80 15.74 -3.83
N THR D 49 -50.02 15.68 -3.28
CA THR D 49 -50.30 16.32 -2.00
C THR D 49 -51.19 15.43 -1.13
N ASP D 50 -50.91 15.41 0.17
CA ASP D 50 -51.69 14.61 1.10
C ASP D 50 -51.87 15.36 2.42
N PRO D 51 -53.04 15.20 3.05
CA PRO D 51 -53.36 15.89 4.31
C PRO D 51 -52.52 15.43 5.49
N LEU D 52 -51.97 14.22 5.41
CA LEU D 52 -51.15 13.69 6.50
C LEU D 52 -49.79 14.38 6.57
N SER D 53 -49.44 15.11 5.52
CA SER D 53 -48.21 15.89 5.52
C SER D 53 -48.42 17.24 4.83
N PRO D 54 -49.15 18.15 5.50
CA PRO D 54 -49.47 19.47 4.96
C PRO D 54 -48.24 20.35 4.79
N GLY D 55 -48.14 21.02 3.64
CA GLY D 55 -47.06 21.95 3.39
C GLY D 55 -45.80 21.29 2.87
N SER D 56 -45.72 19.97 3.04
CA SER D 56 -44.58 19.21 2.54
C SER D 56 -44.93 18.56 1.21
N MET D 57 -44.18 18.93 0.17
CA MET D 57 -44.51 18.52 -1.20
C MET D 57 -44.07 17.10 -1.52
N PHE D 58 -44.87 16.40 -2.32
CA PHE D 58 -44.52 15.07 -2.80
C PHE D 58 -44.02 15.15 -4.23
N PHE D 59 -42.74 14.85 -4.43
CA PHE D 59 -42.17 14.85 -5.77
C PHE D 59 -42.26 13.45 -6.38
N LEU D 60 -43.04 13.33 -7.45
CA LEU D 60 -43.19 12.06 -8.14
C LEU D 60 -42.03 11.85 -9.09
N PRO D 61 -41.99 10.70 -9.78
CA PRO D 61 -40.84 10.42 -10.67
C PRO D 61 -40.57 11.57 -11.64
N ASN D 62 -41.61 12.13 -12.25
CA ASN D 62 -41.45 13.21 -13.21
C ASN D 62 -41.05 14.52 -12.53
N GLY D 63 -41.78 14.90 -11.49
CA GLY D 63 -41.48 16.10 -10.74
C GLY D 63 -40.08 16.05 -10.16
N ALA D 64 -39.70 14.87 -9.66
CA ALA D 64 -38.37 14.66 -9.13
C ALA D 64 -37.34 14.68 -10.24
N LYS D 65 -37.77 14.29 -11.45
CA LYS D 65 -36.89 14.37 -12.61
C LYS D 65 -36.55 15.82 -12.90
N ILE D 66 -37.57 16.66 -12.97
CA ILE D 66 -37.36 18.08 -13.24
C ILE D 66 -36.52 18.70 -12.12
N PHE D 67 -36.94 18.43 -10.89
CA PHE D 67 -36.24 18.88 -9.69
C PHE D 67 -34.76 18.59 -9.81
N ASN D 68 -34.42 17.30 -9.88
CA ASN D 68 -33.06 16.85 -10.09
C ASN D 68 -32.37 17.61 -11.21
N LYS D 69 -32.90 17.48 -12.43
CA LYS D 69 -32.28 18.09 -13.61
C LYS D 69 -32.01 19.58 -13.43
N LEU D 70 -32.76 20.22 -12.54
CA LEU D 70 -32.50 21.61 -12.16
C LEU D 70 -31.31 21.69 -11.23
N ILE D 71 -31.44 21.07 -10.06
CA ILE D 71 -30.40 21.11 -9.04
C ILE D 71 -29.03 20.71 -9.59
N GLU D 72 -29.04 19.86 -10.62
CA GLU D 72 -27.80 19.41 -11.26
C GLU D 72 -27.17 20.57 -12.01
N PHE D 73 -27.96 21.23 -12.85
CA PHE D 73 -27.51 22.43 -13.54
C PHE D 73 -26.93 23.42 -12.55
N MET D 74 -27.71 23.71 -11.51
CA MET D 74 -27.28 24.68 -10.50
C MET D 74 -25.97 24.28 -9.82
N LYS D 75 -25.79 22.98 -9.58
CA LYS D 75 -24.55 22.47 -8.99
C LYS D 75 -23.37 22.69 -9.93
N LEU D 76 -23.54 22.27 -11.18
CA LEU D 76 -22.52 22.46 -12.21
C LEU D 76 -22.07 23.91 -12.26
N GLN D 77 -23.05 24.82 -12.26
CA GLN D 77 -22.74 26.25 -12.34
C GLN D 77 -22.03 26.75 -11.09
N GLN D 78 -22.56 26.41 -9.91
CA GLN D 78 -21.99 26.85 -8.65
C GLN D 78 -20.59 26.31 -8.43
N LYS D 79 -20.26 25.20 -9.09
CA LYS D 79 -18.96 24.57 -8.90
C LYS D 79 -17.93 24.98 -9.95
N PHE D 80 -18.21 24.60 -11.20
CA PHE D 80 -17.23 24.74 -12.27
C PHE D 80 -17.18 26.13 -12.92
N LYS D 81 -18.04 27.03 -12.46
CA LYS D 81 -18.07 28.39 -13.01
C LYS D 81 -17.70 29.44 -11.96
N PHE D 82 -18.61 29.70 -11.03
CA PHE D 82 -18.35 30.60 -9.92
C PHE D 82 -18.00 29.77 -8.71
N GLY D 83 -16.77 29.89 -8.23
CA GLY D 83 -16.26 28.93 -7.26
C GLY D 83 -17.14 28.78 -6.03
N PHE D 84 -17.55 27.54 -5.78
CA PHE D 84 -18.33 27.19 -4.60
C PHE D 84 -18.02 25.76 -4.20
N ASN D 85 -18.00 25.50 -2.89
CA ASN D 85 -17.79 24.15 -2.40
C ASN D 85 -19.05 23.66 -1.69
N GLU D 86 -19.72 22.69 -2.29
CA GLU D 86 -20.96 22.17 -1.74
C GLU D 86 -20.71 21.36 -0.48
N VAL D 87 -21.63 21.45 0.47
CA VAL D 87 -21.55 20.68 1.70
C VAL D 87 -22.89 20.06 2.04
N VAL D 88 -22.94 19.30 3.12
CA VAL D 88 -24.18 18.75 3.63
C VAL D 88 -24.22 18.97 5.14
N THR D 89 -25.23 19.69 5.59
CA THR D 89 -25.30 20.11 6.98
C THR D 89 -26.51 19.53 7.71
N PRO D 90 -26.36 19.27 9.01
CA PRO D 90 -27.40 18.72 9.90
C PRO D 90 -28.71 19.49 9.80
N LEU D 91 -29.83 18.77 9.78
CA LEU D 91 -31.13 19.41 9.74
C LEU D 91 -31.63 19.69 11.16
N ILE D 92 -30.94 19.14 12.14
CA ILE D 92 -31.31 19.34 13.53
C ILE D 92 -30.16 19.97 14.31
N TYR D 93 -30.48 20.96 15.15
CA TYR D 93 -29.44 21.61 15.95
C TYR D 93 -29.86 21.76 17.41
N LYS D 94 -28.87 21.85 18.30
CA LYS D 94 -29.15 22.07 19.71
C LYS D 94 -29.74 23.45 19.94
N LYS D 95 -30.48 23.60 21.03
CA LYS D 95 -31.05 24.89 21.40
C LYS D 95 -29.95 25.94 21.57
N THR D 96 -28.79 25.50 22.07
CA THR D 96 -27.66 26.38 22.28
C THR D 96 -27.27 27.14 21.01
N LEU D 97 -27.23 26.43 19.89
CA LEU D 97 -26.90 27.05 18.62
C LEU D 97 -27.95 28.09 18.23
N TRP D 98 -29.22 27.70 18.29
CA TRP D 98 -30.31 28.61 17.96
C TRP D 98 -30.35 29.81 18.90
N GLU D 99 -29.66 29.70 20.03
CA GLU D 99 -29.49 30.82 20.95
C GLU D 99 -28.36 31.73 20.49
N LYS D 100 -27.14 31.19 20.47
CA LYS D 100 -25.97 31.94 20.04
C LYS D 100 -26.15 32.58 18.66
N SER D 101 -26.98 31.94 17.82
CA SER D 101 -27.29 32.48 16.51
C SER D 101 -28.33 33.59 16.64
N GLY D 102 -29.22 33.44 17.62
CA GLY D 102 -30.21 34.45 17.92
C GLY D 102 -31.54 34.26 17.21
N HIS D 103 -31.69 33.11 16.56
CA HIS D 103 -32.89 32.84 15.78
C HIS D 103 -33.98 32.11 16.58
N TRP D 104 -33.67 31.74 17.81
CA TRP D 104 -34.61 30.99 18.63
C TRP D 104 -35.65 31.87 19.30
N GLU D 105 -35.22 32.64 20.29
CA GLU D 105 -36.14 33.43 21.11
C GLU D 105 -36.68 34.66 20.40
N ASN D 106 -35.96 35.14 19.38
CA ASN D 106 -36.45 36.25 18.58
C ASN D 106 -37.77 35.89 17.90
N TYR D 107 -37.75 34.82 17.12
CA TYR D 107 -38.99 34.25 16.59
C TYR D 107 -39.03 32.74 16.78
N ALA D 108 -39.96 32.27 17.60
CA ALA D 108 -40.20 30.83 17.76
C ALA D 108 -41.37 30.37 16.91
N ASP D 109 -42.01 31.30 16.23
CA ASP D 109 -43.22 31.01 15.46
C ASP D 109 -42.94 30.37 14.10
N ASP D 110 -41.81 30.73 13.50
CA ASP D 110 -41.47 30.26 12.16
C ASP D 110 -40.59 29.01 12.16
N MET D 111 -40.29 28.47 13.33
CA MET D 111 -39.40 27.30 13.40
C MET D 111 -40.10 26.06 13.94
N PHE D 112 -39.36 24.95 14.00
CA PHE D 112 -39.85 23.70 14.55
C PHE D 112 -38.93 23.30 15.71
N LYS D 113 -39.53 23.01 16.88
CA LYS D 113 -38.75 22.72 18.07
C LYS D 113 -39.01 21.32 18.62
N VAL D 114 -38.01 20.77 19.30
CA VAL D 114 -38.13 19.46 19.94
C VAL D 114 -37.78 19.54 21.41
N GLU D 120 -33.29 12.50 30.10
CA GLU D 120 -32.59 12.61 28.83
C GLU D 120 -33.32 13.55 27.87
N LYS D 121 -33.43 14.82 28.25
CA LYS D 121 -34.12 15.79 27.44
C LYS D 121 -33.16 16.86 26.90
N GLU D 122 -32.93 16.83 25.60
CA GLU D 122 -32.11 17.85 24.94
C GLU D 122 -32.95 18.55 23.87
N GLU D 123 -33.22 19.83 24.08
CA GLU D 123 -34.08 20.59 23.18
C GLU D 123 -33.36 20.90 21.86
N TYR D 124 -33.98 20.51 20.75
CA TYR D 124 -33.41 20.72 19.43
C TYR D 124 -34.33 21.55 18.56
N GLY D 125 -33.91 21.77 17.32
CA GLY D 125 -34.70 22.50 16.36
C GLY D 125 -34.39 22.10 14.93
N LEU D 126 -35.36 22.31 14.05
CA LEU D 126 -35.25 21.94 12.65
C LEU D 126 -34.92 23.18 11.81
N LYS D 127 -33.79 23.13 11.11
CA LYS D 127 -33.26 24.31 10.44
C LYS D 127 -34.20 24.94 9.43
N PRO D 128 -34.61 26.19 9.70
CA PRO D 128 -35.25 27.07 8.70
C PRO D 128 -34.23 27.54 7.68
N MET D 129 -32.95 27.51 8.07
CA MET D 129 -31.89 28.09 7.25
C MET D 129 -30.54 27.41 7.51
N ASN D 130 -29.63 27.52 6.55
CA ASN D 130 -28.31 26.91 6.65
C ASN D 130 -27.26 27.85 7.25
N CYS D 131 -27.64 29.10 7.47
CA CYS D 131 -26.69 30.15 7.84
C CYS D 131 -25.82 29.79 9.05
N PRO D 132 -26.45 29.52 10.21
CA PRO D 132 -25.66 29.21 11.41
C PRO D 132 -24.73 28.03 11.20
N GLY D 133 -25.21 27.02 10.47
CA GLY D 133 -24.40 25.85 10.18
C GLY D 133 -23.14 26.21 9.41
N HIS D 134 -23.32 26.90 8.31
CA HIS D 134 -22.18 27.32 7.49
C HIS D 134 -21.22 28.20 8.29
N CYS D 135 -21.77 29.01 9.19
CA CYS D 135 -20.94 29.81 10.07
C CYS D 135 -20.09 28.90 10.95
N LEU D 136 -20.71 27.85 11.48
CA LEU D 136 -20.00 26.85 12.27
C LEU D 136 -18.86 26.24 11.46
N ILE D 137 -19.16 25.88 10.21
CA ILE D 137 -18.15 25.32 9.32
C ILE D 137 -16.99 26.27 9.16
N PHE D 138 -17.29 27.54 8.91
CA PHE D 138 -16.27 28.58 8.79
C PHE D 138 -15.38 28.63 10.04
N GLY D 139 -15.99 28.99 11.17
CA GLY D 139 -15.25 29.18 12.41
C GLY D 139 -14.70 27.90 13.00
N LYS D 140 -14.94 26.78 12.33
CA LYS D 140 -14.41 25.50 12.77
C LYS D 140 -12.89 25.50 12.76
N LYS D 141 -12.31 26.12 11.73
CA LYS D 141 -10.86 26.23 11.62
C LYS D 141 -10.44 27.69 11.45
N ASP D 142 -9.14 27.92 11.31
CA ASP D 142 -8.61 29.26 11.12
C ASP D 142 -8.34 29.53 9.64
N ARG D 143 -8.61 30.76 9.21
CA ARG D 143 -8.45 31.14 7.81
C ARG D 143 -7.56 32.36 7.65
N SER D 144 -7.05 32.55 6.42
CA SER D 144 -6.21 33.70 6.10
C SER D 144 -6.79 34.46 4.92
N TYR D 145 -6.34 35.69 4.72
CA TYR D 145 -6.82 36.53 3.63
C TYR D 145 -6.74 35.80 2.29
N ASN D 146 -5.67 35.04 2.09
CA ASN D 146 -5.48 34.29 0.85
C ASN D 146 -6.49 33.15 0.69
N GLU D 147 -7.03 32.67 1.80
CA GLU D 147 -8.02 31.59 1.79
C GLU D 147 -9.39 32.07 1.29
N LEU D 148 -9.50 33.37 1.05
CA LEU D 148 -10.77 33.97 0.66
C LEU D 148 -10.71 34.48 -0.77
N PRO D 149 -11.87 34.55 -1.44
CA PRO D 149 -13.20 34.23 -0.89
C PRO D 149 -13.41 32.74 -0.64
N LEU D 150 -14.13 32.43 0.44
CA LEU D 150 -14.50 31.06 0.76
C LEU D 150 -16.02 30.91 0.63
N ARG D 151 -16.44 30.11 -0.35
CA ARG D 151 -17.86 30.03 -0.71
C ARG D 151 -18.44 28.63 -0.53
N PHE D 152 -19.62 28.56 0.10
CA PHE D 152 -20.30 27.28 0.34
C PHE D 152 -21.71 27.26 -0.25
N SER D 153 -22.09 26.15 -0.86
CA SER D 153 -23.49 25.92 -1.17
C SER D 153 -24.07 24.91 -0.19
N ASP D 154 -25.37 24.65 -0.27
CA ASP D 154 -25.98 23.64 0.60
C ASP D 154 -26.91 22.65 -0.12
N PHE D 155 -28.03 23.15 -0.62
CA PHE D 155 -29.09 22.32 -1.19
C PHE D 155 -29.74 21.38 -0.18
N SER D 156 -30.04 21.89 1.01
CA SER D 156 -30.65 21.07 2.05
C SER D 156 -32.18 21.15 2.02
N PRO D 157 -32.84 20.38 2.91
CA PRO D 157 -34.29 20.43 3.12
C PRO D 157 -34.70 21.45 4.18
N LEU D 158 -34.73 22.73 3.82
CA LEU D 158 -35.12 23.77 4.75
C LEU D 158 -36.56 23.62 5.24
N HIS D 159 -36.74 23.64 6.56
CA HIS D 159 -38.07 23.56 7.16
C HIS D 159 -38.43 24.85 7.87
N ARG D 160 -39.41 25.57 7.33
CA ARG D 160 -39.90 26.78 7.96
C ARG D 160 -41.36 26.60 8.40
N ASN D 161 -41.57 26.58 9.71
CA ASN D 161 -42.91 26.46 10.26
C ASN D 161 -43.79 27.58 9.75
N GLU D 162 -45.06 27.28 9.54
CA GLU D 162 -45.96 28.22 8.89
C GLU D 162 -47.40 28.19 9.39
N ALA D 163 -48.26 28.86 8.63
CA ALA D 163 -49.62 29.16 9.02
C ALA D 163 -50.58 27.99 8.95
N SER D 164 -51.86 28.32 9.06
CA SER D 164 -52.97 27.40 9.19
C SER D 164 -53.17 26.59 7.90
N GLY D 165 -52.33 26.85 6.91
CA GLY D 165 -52.63 26.47 5.53
C GLY D 165 -52.93 27.69 4.70
N ALA D 166 -52.65 28.86 5.26
CA ALA D 166 -52.56 30.08 4.48
C ALA D 166 -51.44 29.91 3.44
N LEU D 167 -50.62 28.89 3.63
CA LEU D 167 -49.62 28.48 2.65
C LEU D 167 -50.29 27.65 1.56
N SER D 168 -50.05 27.98 0.30
CA SER D 168 -50.85 27.40 -0.79
C SER D 168 -50.08 26.80 -1.98
N GLY D 169 -49.43 27.66 -2.75
CA GLY D 169 -49.07 27.37 -4.13
C GLY D 169 -47.71 26.80 -4.47
N LEU D 170 -47.07 26.12 -3.52
CA LEU D 170 -45.67 25.73 -3.65
C LEU D 170 -44.83 27.00 -3.66
N THR D 171 -45.39 28.04 -3.04
CA THR D 171 -44.70 29.30 -2.83
C THR D 171 -44.44 29.39 -1.34
N ARG D 172 -45.53 29.46 -0.57
CA ARG D 172 -45.46 29.32 0.88
C ARG D 172 -45.63 27.85 1.24
N LEU D 173 -44.60 27.24 1.80
CA LEU D 173 -44.63 25.82 2.17
C LEU D 173 -43.97 25.58 3.51
N ARG D 174 -44.30 24.46 4.14
CA ARG D 174 -43.69 24.07 5.40
C ARG D 174 -42.29 23.52 5.17
N LYS D 175 -42.14 22.72 4.11
CA LYS D 175 -40.85 22.14 3.74
C LYS D 175 -40.48 22.57 2.33
N PHE D 176 -39.27 23.09 2.16
CA PHE D 176 -38.81 23.50 0.83
C PHE D 176 -37.30 23.40 0.71
N HIS D 177 -36.83 23.22 -0.53
CA HIS D 177 -35.41 23.12 -0.81
C HIS D 177 -34.89 24.42 -1.42
N GLN D 178 -33.85 24.98 -0.81
CA GLN D 178 -33.27 26.23 -1.32
C GLN D 178 -31.84 26.00 -1.79
N ASP D 179 -31.47 26.70 -2.87
CA ASP D 179 -30.15 26.56 -3.47
C ASP D 179 -29.14 27.48 -2.78
N ASP D 180 -29.62 28.16 -1.74
CA ASP D 180 -28.85 29.22 -1.09
C ASP D 180 -27.47 28.76 -0.63
N GLY D 181 -26.52 29.67 -0.68
CA GLY D 181 -25.18 29.44 -0.18
C GLY D 181 -24.61 30.74 0.34
N HIS D 182 -23.46 30.67 1.01
CA HIS D 182 -22.87 31.85 1.63
C HIS D 182 -21.45 32.11 1.16
N ILE D 183 -21.08 33.39 1.13
CA ILE D 183 -19.73 33.80 0.75
C ILE D 183 -19.02 34.49 1.92
N PHE D 184 -17.77 34.11 2.16
CA PHE D 184 -16.96 34.76 3.18
C PHE D 184 -15.73 35.40 2.55
N CYS D 185 -15.67 36.73 2.57
CA CYS D 185 -14.55 37.42 1.94
C CYS D 185 -14.15 38.70 2.67
N THR D 186 -13.11 39.36 2.15
CA THR D 186 -12.65 40.64 2.66
C THR D 186 -13.37 41.77 1.93
N PRO D 187 -13.44 42.95 2.57
CA PRO D 187 -14.11 44.12 1.97
C PRO D 187 -13.61 44.41 0.56
N SER D 188 -12.31 44.21 0.32
CA SER D 188 -11.71 44.49 -0.96
C SER D 188 -12.39 43.74 -2.11
N GLN D 189 -12.76 42.49 -1.84
CA GLN D 189 -13.31 41.61 -2.88
C GLN D 189 -14.82 41.68 -3.01
N VAL D 190 -15.47 42.39 -2.08
CA VAL D 190 -16.92 42.48 -2.05
C VAL D 190 -17.52 42.85 -3.41
N LYS D 191 -16.93 43.84 -4.06
CA LYS D 191 -17.42 44.28 -5.36
C LYS D 191 -17.45 43.14 -6.37
N SER D 192 -16.32 42.47 -6.52
CA SER D 192 -16.20 41.36 -7.47
C SER D 192 -17.13 40.20 -7.10
N GLU D 193 -17.07 39.77 -5.85
CA GLU D 193 -17.91 38.66 -5.38
C GLU D 193 -19.40 38.96 -5.51
N ILE D 194 -19.73 40.25 -5.58
CA ILE D 194 -21.08 40.68 -5.89
C ILE D 194 -21.33 40.53 -7.39
N PHE D 195 -20.57 41.26 -8.19
CA PHE D 195 -20.75 41.25 -9.64
C PHE D 195 -20.85 39.84 -10.23
N ASN D 196 -20.03 38.91 -9.73
CA ASN D 196 -20.09 37.53 -10.20
C ASN D 196 -21.42 36.85 -9.85
N SER D 197 -21.77 36.91 -8.57
CA SER D 197 -23.03 36.36 -8.08
C SER D 197 -24.23 36.88 -8.87
N LEU D 198 -24.17 38.15 -9.25
CA LEU D 198 -25.26 38.78 -10.02
C LEU D 198 -25.23 38.32 -11.47
N LYS D 199 -24.02 38.15 -12.01
CA LYS D 199 -23.83 37.67 -13.38
C LYS D 199 -24.44 36.28 -13.53
N LEU D 200 -24.27 35.46 -12.50
CA LEU D 200 -24.91 34.15 -12.49
C LEU D 200 -26.42 34.33 -12.70
N ILE D 201 -26.99 35.26 -11.94
CA ILE D 201 -28.42 35.56 -12.04
C ILE D 201 -28.79 35.95 -13.46
N ASP D 202 -27.93 36.78 -14.07
CA ASP D 202 -28.13 37.23 -15.45
C ASP D 202 -28.21 36.03 -16.37
N ILE D 203 -27.26 35.10 -16.23
CA ILE D 203 -27.28 33.85 -16.97
C ILE D 203 -28.64 33.17 -16.78
N VAL D 204 -28.99 32.95 -15.53
CA VAL D 204 -30.22 32.27 -15.16
C VAL D 204 -31.47 32.83 -15.85
N TYR D 205 -31.82 34.07 -15.54
CA TYR D 205 -33.07 34.64 -16.03
C TYR D 205 -33.04 35.16 -17.48
N ASN D 206 -31.92 35.77 -17.87
CA ASN D 206 -31.82 36.34 -19.20
C ASN D 206 -31.26 35.41 -20.28
N LYS D 207 -30.78 34.24 -19.86
CA LYS D 207 -30.17 33.30 -20.80
C LYS D 207 -31.01 32.04 -21.01
N ILE D 208 -31.18 31.24 -19.96
CA ILE D 208 -31.82 29.94 -20.09
C ILE D 208 -33.09 29.83 -19.24
N PHE D 209 -33.95 28.88 -19.61
CA PHE D 209 -35.26 28.70 -19.00
C PHE D 209 -36.08 29.99 -18.75
N PRO D 210 -36.24 30.81 -19.79
CA PRO D 210 -37.19 31.93 -19.71
C PRO D 210 -38.62 31.38 -19.78
N PHE D 211 -39.62 32.06 -19.23
CA PHE D 211 -39.52 33.41 -18.65
C PHE D 211 -39.07 34.47 -19.66
N VAL D 212 -39.93 34.74 -20.65
CA VAL D 212 -39.65 35.76 -21.66
C VAL D 212 -38.35 35.48 -22.42
N LYS D 213 -38.38 34.46 -23.27
CA LYS D 213 -37.19 33.96 -23.96
C LYS D 213 -36.40 35.05 -24.69
N GLY D 214 -37.07 36.15 -25.04
CA GLY D 214 -36.42 37.25 -25.72
C GLY D 214 -35.12 37.66 -25.03
N GLY D 215 -35.12 37.63 -23.70
CA GLY D 215 -33.95 37.97 -22.93
C GLY D 215 -33.41 39.36 -23.22
N SER D 220 -33.87 42.74 -20.78
CA SER D 220 -33.75 42.50 -19.35
C SER D 220 -35.08 42.10 -18.74
N ASN D 221 -35.13 40.90 -18.17
CA ASN D 221 -36.37 40.36 -17.62
C ASN D 221 -36.55 40.59 -16.13
N TYR D 222 -35.59 41.29 -15.51
CA TYR D 222 -35.65 41.53 -14.07
C TYR D 222 -35.00 42.85 -13.68
N PHE D 223 -35.50 43.44 -12.60
CA PHE D 223 -34.91 44.64 -12.03
C PHE D 223 -34.68 44.43 -10.54
N ILE D 224 -33.66 45.09 -9.99
CA ILE D 224 -33.29 44.86 -8.60
C ILE D 224 -33.73 45.99 -7.67
N ASN D 225 -34.08 45.63 -6.43
CA ASN D 225 -34.43 46.60 -5.42
C ASN D 225 -33.35 46.75 -4.37
N PHE D 226 -32.70 47.91 -4.36
CA PHE D 226 -31.68 48.21 -3.36
C PHE D 226 -32.37 48.50 -2.02
N SER D 227 -31.68 48.23 -0.92
CA SER D 227 -32.23 48.47 0.40
C SER D 227 -31.20 49.16 1.29
N THR D 228 -31.66 50.15 2.06
CA THR D 228 -30.76 50.92 2.91
C THR D 228 -31.11 50.75 4.39
N ARG D 229 -30.14 51.01 5.25
CA ARG D 229 -30.28 50.77 6.69
C ARG D 229 -31.56 51.39 7.26
N PRO D 230 -32.32 50.59 8.02
CA PRO D 230 -33.55 51.01 8.69
C PRO D 230 -33.25 51.78 9.99
N ASP D 231 -34.30 52.08 10.76
CA ASP D 231 -34.13 52.79 12.02
C ASP D 231 -33.16 52.05 12.93
N HIS D 232 -33.44 50.77 13.19
CA HIS D 232 -32.57 49.94 14.02
C HIS D 232 -31.49 49.26 13.18
N PHE D 233 -30.29 49.14 13.74
CA PHE D 233 -29.19 48.44 13.08
C PHE D 233 -28.22 47.83 14.10
N ILE D 234 -27.14 47.23 13.61
CA ILE D 234 -26.21 46.53 14.49
C ILE D 234 -24.79 47.12 14.52
N GLY D 235 -24.05 46.90 13.44
CA GLY D 235 -22.62 47.19 13.43
C GLY D 235 -22.26 48.64 13.16
N ASP D 236 -20.96 48.92 13.17
CA ASP D 236 -20.45 50.26 12.86
C ASP D 236 -20.94 50.70 11.49
N LEU D 237 -21.47 51.91 11.42
CA LEU D 237 -22.09 52.41 10.20
C LEU D 237 -21.07 52.69 9.10
N LYS D 238 -19.78 52.61 9.45
CA LYS D 238 -18.72 52.78 8.46
C LYS D 238 -18.87 51.76 7.35
N VAL D 239 -18.92 50.48 7.73
CA VAL D 239 -19.08 49.39 6.78
C VAL D 239 -20.45 49.45 6.11
N TRP D 240 -21.43 50.02 6.81
CA TRP D 240 -22.76 50.21 6.25
C TRP D 240 -22.71 51.13 5.02
N ASN D 241 -22.17 52.32 5.22
CA ASN D 241 -22.08 53.31 4.16
C ASN D 241 -21.11 52.90 3.05
N HIS D 242 -19.97 52.33 3.44
CA HIS D 242 -19.02 51.80 2.48
C HIS D 242 -19.69 50.76 1.59
N ALA D 243 -20.30 49.77 2.24
CA ALA D 243 -21.07 48.74 1.55
C ALA D 243 -22.04 49.37 0.56
N GLU D 244 -22.97 50.16 1.09
CA GLU D 244 -23.98 50.82 0.25
C GLU D 244 -23.35 51.51 -0.95
N GLN D 245 -22.19 52.11 -0.74
CA GLN D 245 -21.46 52.78 -1.82
C GLN D 245 -20.98 51.80 -2.88
N VAL D 246 -20.41 50.68 -2.44
CA VAL D 246 -19.93 49.65 -3.36
C VAL D 246 -21.09 49.11 -4.19
N LEU D 247 -22.12 48.62 -3.51
CA LEU D 247 -23.32 48.13 -4.17
C LEU D 247 -23.83 49.19 -5.15
N LYS D 248 -23.76 50.45 -4.73
CA LYS D 248 -24.11 51.58 -5.59
C LYS D 248 -23.33 51.52 -6.90
N GLU D 249 -22.01 51.63 -6.81
CA GLU D 249 -21.16 51.60 -7.99
C GLU D 249 -21.52 50.43 -8.88
N ILE D 250 -21.76 49.27 -8.28
CA ILE D 250 -22.10 48.06 -9.02
C ILE D 250 -23.42 48.22 -9.78
N LEU D 251 -24.42 48.80 -9.13
CA LEU D 251 -25.71 49.04 -9.75
C LEU D 251 -25.59 50.03 -10.90
N GLU D 252 -24.70 51.02 -10.74
CA GLU D 252 -24.48 52.02 -11.77
C GLU D 252 -23.83 51.39 -13.00
N GLU D 253 -22.79 50.60 -12.76
CA GLU D 253 -22.07 49.94 -13.86
C GLU D 253 -22.88 48.82 -14.50
N SER D 254 -23.88 48.32 -13.78
CA SER D 254 -24.67 47.18 -14.24
C SER D 254 -25.26 47.40 -15.63
N GLY D 255 -26.16 48.38 -15.76
CA GLY D 255 -26.85 48.62 -17.01
C GLY D 255 -28.22 47.97 -17.00
N LYS D 256 -28.66 47.57 -15.81
CA LYS D 256 -29.97 46.94 -15.65
C LYS D 256 -30.89 47.82 -14.82
N PRO D 257 -32.21 47.71 -15.06
CA PRO D 257 -33.20 48.53 -14.33
C PRO D 257 -33.14 48.31 -12.83
N TRP D 258 -33.61 49.30 -12.06
CA TRP D 258 -33.65 49.18 -10.61
C TRP D 258 -34.22 50.43 -9.92
N LYS D 259 -34.65 50.28 -8.68
CA LYS D 259 -35.22 51.39 -7.91
C LYS D 259 -34.67 51.32 -6.50
N LEU D 260 -35.17 52.16 -5.61
CA LEU D 260 -34.65 52.19 -4.26
C LEU D 260 -35.72 51.83 -3.23
N ASN D 261 -35.27 51.36 -2.08
CA ASN D 261 -36.16 51.09 -0.97
C ASN D 261 -35.52 51.59 0.32
N PRO D 262 -35.48 52.92 0.47
CA PRO D 262 -34.79 53.60 1.59
C PRO D 262 -35.35 53.21 2.96
N GLY D 263 -34.44 52.86 3.88
CA GLY D 263 -34.80 52.60 5.26
C GLY D 263 -35.54 51.30 5.51
N ASP D 264 -35.79 50.54 4.46
CA ASP D 264 -36.55 49.29 4.58
C ASP D 264 -35.69 48.04 4.73
N GLY D 265 -34.38 48.21 4.79
CA GLY D 265 -33.48 47.08 4.94
C GLY D 265 -33.61 46.40 6.29
N ALA D 266 -32.98 45.23 6.42
CA ALA D 266 -32.95 44.53 7.71
C ALA D 266 -31.91 45.20 8.60
N PHE D 267 -32.19 45.23 9.91
CA PHE D 267 -31.30 45.94 10.83
C PHE D 267 -29.87 45.42 10.74
N TYR D 268 -29.71 44.15 10.45
CA TYR D 268 -28.39 43.56 10.27
C TYR D 268 -27.91 43.57 8.82
N GLY D 269 -28.79 43.90 7.88
CA GLY D 269 -28.42 43.80 6.46
C GLY D 269 -28.91 44.94 5.55
N PRO D 270 -28.05 45.35 4.61
CA PRO D 270 -28.32 46.16 3.42
C PRO D 270 -28.56 45.27 2.20
N LYS D 271 -29.75 44.67 2.09
CA LYS D 271 -29.95 43.62 1.09
C LYS D 271 -30.04 44.15 -0.34
N LEU D 272 -30.14 43.23 -1.29
CA LEU D 272 -30.39 43.55 -2.69
C LEU D 272 -31.37 42.52 -3.24
N ASP D 273 -32.48 42.97 -3.81
CA ASP D 273 -33.54 42.05 -4.23
C ASP D 273 -33.66 41.88 -5.75
N ILE D 274 -34.05 40.68 -6.17
CA ILE D 274 -34.29 40.39 -7.59
C ILE D 274 -35.79 40.33 -7.87
N MET D 275 -36.24 41.13 -8.83
CA MET D 275 -37.66 41.21 -9.17
C MET D 275 -37.90 40.85 -10.62
N VAL D 276 -38.88 39.97 -10.86
CA VAL D 276 -39.21 39.55 -12.22
C VAL D 276 -40.69 39.77 -12.52
N THR D 277 -41.05 39.78 -13.80
CA THR D 277 -42.43 39.98 -14.21
C THR D 277 -43.01 38.75 -14.91
N ASP D 278 -44.23 38.37 -14.53
CA ASP D 278 -44.89 37.20 -15.10
C ASP D 278 -45.59 37.53 -16.41
N HIS D 279 -46.21 36.53 -17.02
CA HIS D 279 -47.01 36.73 -18.22
C HIS D 279 -48.09 37.78 -17.95
N LEU D 280 -49.05 37.43 -17.10
CA LEU D 280 -49.93 38.43 -16.50
C LEU D 280 -49.05 39.06 -15.44
N ARG D 281 -48.87 40.37 -15.50
CA ARG D 281 -47.77 40.97 -14.76
C ARG D 281 -48.06 41.15 -13.28
N LYS D 282 -47.27 40.44 -12.48
CA LYS D 282 -47.16 40.68 -11.05
C LYS D 282 -45.68 40.51 -10.73
N THR D 283 -45.06 41.51 -10.13
CA THR D 283 -43.63 41.42 -9.87
C THR D 283 -43.32 40.51 -8.69
N HIS D 284 -42.51 39.49 -8.95
CA HIS D 284 -42.13 38.51 -7.94
C HIS D 284 -40.70 38.75 -7.45
N GLN D 285 -40.53 38.65 -6.14
CA GLN D 285 -39.21 38.70 -5.53
C GLN D 285 -38.71 37.28 -5.34
N VAL D 286 -37.66 36.91 -6.08
CA VAL D 286 -37.17 35.54 -6.07
C VAL D 286 -35.78 35.41 -5.44
N ALA D 287 -34.78 35.96 -6.10
CA ALA D 287 -33.41 35.87 -5.61
C ALA D 287 -33.05 37.04 -4.71
N THR D 288 -32.70 36.73 -3.46
CA THR D 288 -32.31 37.77 -2.50
C THR D 288 -30.84 37.65 -2.11
N ILE D 289 -30.08 38.69 -2.42
CA ILE D 289 -28.67 38.76 -2.03
C ILE D 289 -28.54 39.66 -0.81
N GLN D 290 -28.19 39.06 0.33
CA GLN D 290 -28.17 39.80 1.59
C GLN D 290 -26.80 39.76 2.24
N LEU D 291 -26.45 40.79 2.99
CA LEU D 291 -25.17 40.85 3.69
C LEU D 291 -25.39 40.81 5.20
N ASP D 292 -24.66 39.96 5.90
CA ASP D 292 -24.87 39.84 7.34
C ASP D 292 -23.65 40.22 8.16
N PHE D 293 -23.74 41.33 8.90
CA PHE D 293 -22.70 41.75 9.83
C PHE D 293 -22.95 41.21 11.24
N GLN D 294 -24.13 40.67 11.48
CA GLN D 294 -24.48 40.14 12.81
C GLN D 294 -23.91 38.75 13.09
N LEU D 295 -23.97 37.87 12.09
CA LEU D 295 -23.49 36.51 12.26
C LEU D 295 -21.98 36.41 12.47
N PRO D 296 -21.20 37.09 11.60
CA PRO D 296 -19.74 37.11 11.80
C PRO D 296 -19.39 37.61 13.20
N GLU D 297 -20.29 38.37 13.80
CA GLU D 297 -20.09 38.90 15.14
C GLU D 297 -20.45 37.88 16.22
N ARG D 298 -21.74 37.51 16.28
CA ARG D 298 -22.24 36.61 17.31
C ARG D 298 -21.43 35.31 17.42
N PHE D 299 -20.96 34.81 16.28
CA PHE D 299 -20.17 33.58 16.26
C PHE D 299 -18.66 33.85 16.32
N ASP D 300 -18.29 35.13 16.40
CA ASP D 300 -16.90 35.52 16.57
C ASP D 300 -15.99 34.94 15.48
N LEU D 301 -16.36 35.13 14.23
CA LEU D 301 -15.56 34.66 13.10
C LEU D 301 -14.36 35.57 12.88
N LYS D 302 -13.18 34.99 12.73
CA LYS D 302 -11.96 35.78 12.56
C LYS D 302 -11.03 35.16 11.52
N PHE D 303 -10.05 35.95 11.07
CA PHE D 303 -9.05 35.48 10.12
C PHE D 303 -7.82 36.37 10.14
N LYS D 304 -6.83 36.06 9.30
CA LYS D 304 -5.60 36.84 9.24
C LYS D 304 -5.56 37.71 7.98
N ASP D 305 -5.30 39.00 8.18
CA ASP D 305 -5.19 39.94 7.07
C ASP D 305 -3.86 39.73 6.36
N GLN D 306 -3.58 40.56 5.36
CA GLN D 306 -2.28 40.51 4.68
C GLN D 306 -1.19 40.68 5.73
N ASP D 307 -1.34 41.71 6.56
CA ASP D 307 -0.57 41.82 7.79
C ASP D 307 -1.16 40.82 8.77
N ASN D 308 -0.39 40.42 9.78
CA ASN D 308 -0.88 39.37 10.68
C ASN D 308 -1.66 39.94 11.87
N SER D 309 -2.94 39.61 11.91
CA SER D 309 -3.84 40.05 12.98
C SER D 309 -5.16 39.29 12.90
N TYR D 310 -6.09 39.62 13.79
CA TYR D 310 -7.41 38.98 13.78
C TYR D 310 -8.51 39.99 13.44
N LYS D 311 -9.13 39.80 12.28
CA LYS D 311 -10.19 40.69 11.82
C LYS D 311 -11.45 39.92 11.44
N ARG D 312 -12.59 40.59 11.53
CA ARG D 312 -13.88 39.98 11.21
C ARG D 312 -14.12 39.92 9.71
N PRO D 313 -14.71 38.81 9.23
CA PRO D 313 -15.11 38.67 7.83
C PRO D 313 -16.51 39.20 7.60
N ILE D 314 -16.97 39.15 6.36
CA ILE D 314 -18.32 39.59 6.02
C ILE D 314 -19.01 38.57 5.12
N MET D 315 -20.14 38.03 5.59
CA MET D 315 -20.81 36.96 4.87
C MET D 315 -21.97 37.44 4.02
N ILE D 316 -22.05 36.89 2.80
CA ILE D 316 -23.12 37.21 1.87
C ILE D 316 -23.97 35.98 1.58
N HIS D 317 -25.24 36.04 2.01
CA HIS D 317 -26.22 35.00 1.71
C HIS D 317 -26.78 35.23 0.32
N ARG D 318 -26.69 34.20 -0.52
CA ARG D 318 -27.12 34.31 -1.91
C ARG D 318 -27.87 33.07 -2.38
N ALA D 319 -29.06 33.28 -2.93
CA ALA D 319 -29.83 32.20 -3.55
C ALA D 319 -30.39 32.67 -4.88
N THR D 320 -30.00 32.01 -5.97
CA THR D 320 -30.46 32.38 -7.29
C THR D 320 -31.88 31.86 -7.56
N PHE D 321 -32.12 30.62 -7.18
CA PHE D 321 -33.44 30.01 -7.35
C PHE D 321 -34.42 30.48 -6.28
N GLY D 322 -33.90 30.74 -5.09
CA GLY D 322 -34.74 30.95 -3.92
C GLY D 322 -35.30 29.60 -3.54
N SER D 323 -36.60 29.56 -3.24
CA SER D 323 -37.27 28.29 -3.06
C SER D 323 -37.25 27.56 -4.40
N ILE D 324 -36.76 26.31 -4.40
CA ILE D 324 -36.66 25.54 -5.63
C ILE D 324 -37.99 24.93 -6.04
N GLU D 325 -38.84 24.64 -5.06
CA GLU D 325 -40.22 24.26 -5.33
C GLU D 325 -40.86 25.39 -6.12
N ARG D 326 -40.68 26.61 -5.62
CA ARG D 326 -40.96 27.82 -6.38
C ARG D 326 -39.87 27.93 -7.45
N PHE D 327 -40.12 28.72 -8.47
CA PHE D 327 -39.24 28.76 -9.64
C PHE D 327 -39.30 27.39 -10.31
N MET D 328 -40.39 26.68 -10.04
CA MET D 328 -40.80 25.51 -10.79
C MET D 328 -42.24 25.79 -11.16
N ALA D 329 -43.08 25.92 -10.13
CA ALA D 329 -44.45 26.38 -10.30
C ALA D 329 -44.48 27.65 -11.13
N LEU D 330 -43.59 28.59 -10.83
CA LEU D 330 -43.55 29.85 -11.58
C LEU D 330 -42.81 29.68 -12.91
N LEU D 331 -42.12 28.56 -13.05
CA LEU D 331 -41.60 28.16 -14.36
C LEU D 331 -42.74 27.56 -15.17
N ILE D 332 -43.62 26.84 -14.47
CA ILE D 332 -44.77 26.19 -15.09
C ILE D 332 -45.80 27.22 -15.56
N ASP D 333 -45.93 28.32 -14.82
CA ASP D 333 -46.84 29.39 -15.22
C ASP D 333 -46.49 29.92 -16.60
N SER D 334 -45.19 30.06 -16.86
CA SER D 334 -44.72 30.52 -18.17
C SER D 334 -44.74 29.41 -19.20
N ASN D 335 -44.42 28.20 -18.76
CA ASN D 335 -44.34 27.04 -19.65
C ASN D 335 -45.69 26.45 -20.02
N GLU D 336 -46.68 26.65 -19.16
CA GLU D 336 -47.94 25.93 -19.30
C GLU D 336 -47.65 24.44 -19.29
N GLY D 337 -47.96 23.76 -20.38
CA GLY D 337 -47.65 22.35 -20.50
C GLY D 337 -46.39 22.06 -21.30
N ARG D 338 -45.88 23.09 -21.99
CA ARG D 338 -44.75 22.90 -22.90
C ARG D 338 -43.41 23.22 -22.25
N TRP D 339 -42.60 22.19 -22.06
CA TRP D 339 -41.23 22.33 -21.55
C TRP D 339 -40.23 22.51 -22.70
N PRO D 340 -39.06 23.08 -22.39
CA PRO D 340 -37.96 22.94 -23.34
C PRO D 340 -37.57 21.48 -23.38
N PHE D 341 -36.59 21.10 -24.19
CA PHE D 341 -36.23 19.69 -24.28
C PHE D 341 -35.55 19.16 -23.02
N TRP D 342 -34.49 19.84 -22.58
CA TRP D 342 -33.65 19.31 -21.51
C TRP D 342 -34.39 19.09 -20.19
N LEU D 343 -35.40 19.90 -19.91
CA LEU D 343 -36.17 19.78 -18.67
C LEU D 343 -37.43 18.94 -18.81
N ASN D 344 -37.70 18.47 -20.02
CA ASN D 344 -38.96 17.77 -20.31
C ASN D 344 -39.02 16.35 -19.78
N PRO D 345 -39.97 16.08 -18.88
CA PRO D 345 -40.22 14.73 -18.36
C PRO D 345 -40.51 13.74 -19.49
N TYR D 346 -41.26 14.19 -20.51
CA TYR D 346 -41.45 13.39 -21.71
C TYR D 346 -40.67 14.03 -22.84
N GLN D 347 -39.57 13.40 -23.24
CA GLN D 347 -38.69 14.00 -24.24
C GLN D 347 -38.98 13.54 -25.68
N ALA D 348 -39.83 12.52 -25.82
CA ALA D 348 -40.19 12.02 -27.15
C ALA D 348 -41.13 10.82 -27.06
N VAL D 349 -41.80 10.51 -28.18
CA VAL D 349 -42.69 9.36 -28.25
C VAL D 349 -42.60 8.69 -29.62
N ILE D 350 -42.56 7.37 -29.63
CA ILE D 350 -42.44 6.62 -30.89
C ILE D 350 -43.73 5.85 -31.16
N ILE D 351 -44.40 6.22 -32.25
CA ILE D 351 -45.65 5.58 -32.64
C ILE D 351 -45.53 4.84 -33.96
N PRO D 352 -45.62 3.50 -33.92
CA PRO D 352 -45.68 2.70 -35.15
C PRO D 352 -47.08 2.78 -35.75
N VAL D 353 -47.18 2.64 -37.07
CA VAL D 353 -48.49 2.68 -37.72
C VAL D 353 -49.24 1.39 -37.46
N ASN D 354 -48.73 0.28 -38.01
CA ASN D 354 -49.29 -1.04 -37.72
C ASN D 354 -48.70 -1.59 -36.44
N THR D 355 -49.57 -1.90 -35.48
CA THR D 355 -49.12 -2.40 -34.18
C THR D 355 -48.70 -3.86 -34.29
N LYS D 356 -49.25 -4.56 -35.28
CA LYS D 356 -48.93 -5.97 -35.49
C LYS D 356 -47.79 -6.16 -36.50
N ASN D 357 -47.26 -5.04 -37.00
CA ASN D 357 -46.16 -5.08 -37.95
C ASN D 357 -44.82 -5.29 -37.25
N VAL D 358 -44.12 -6.36 -37.60
CA VAL D 358 -42.85 -6.68 -36.98
C VAL D 358 -41.76 -5.65 -37.28
N GLN D 359 -41.58 -5.32 -38.56
CA GLN D 359 -40.54 -4.39 -38.96
C GLN D 359 -40.71 -3.02 -38.28
N GLN D 360 -41.94 -2.53 -38.25
CA GLN D 360 -42.22 -1.24 -37.62
C GLN D 360 -41.91 -1.26 -36.13
N LEU D 361 -42.40 -2.28 -35.43
CA LEU D 361 -42.17 -2.41 -34.00
C LEU D 361 -40.68 -2.53 -33.67
N ASP D 362 -40.02 -3.48 -34.31
CA ASP D 362 -38.59 -3.71 -34.09
C ASP D 362 -37.76 -2.48 -34.43
N MET D 363 -38.24 -1.69 -35.39
CA MET D 363 -37.56 -0.43 -35.72
C MET D 363 -37.75 0.57 -34.59
N CYS D 364 -38.99 0.68 -34.11
CA CYS D 364 -39.33 1.59 -33.01
C CYS D 364 -38.50 1.29 -31.76
N THR D 365 -38.52 0.04 -31.32
CA THR D 365 -37.76 -0.37 -30.15
C THR D 365 -36.25 -0.25 -30.43
N ALA D 366 -35.87 -0.51 -31.68
CA ALA D 366 -34.48 -0.35 -32.10
C ALA D 366 -34.03 1.08 -31.87
N LEU D 367 -34.97 2.01 -31.98
CA LEU D 367 -34.71 3.41 -31.65
C LEU D 367 -34.69 3.58 -30.13
N GLN D 368 -35.81 3.27 -29.50
CA GLN D 368 -35.99 3.46 -28.07
C GLN D 368 -34.78 2.98 -27.28
N LYS D 369 -34.49 1.69 -27.35
CA LYS D 369 -33.39 1.12 -26.57
C LYS D 369 -32.10 1.91 -26.78
N LYS D 370 -31.96 2.52 -27.95
CA LYS D 370 -30.80 3.37 -28.23
C LYS D 370 -30.88 4.71 -27.51
N LEU D 371 -32.04 5.36 -27.60
CA LEU D 371 -32.23 6.69 -27.01
C LEU D 371 -32.17 6.68 -25.49
N ARG D 372 -32.81 5.69 -24.87
CA ARG D 372 -32.82 5.59 -23.41
C ARG D 372 -31.46 5.10 -22.92
N ASN D 373 -30.77 4.34 -23.77
CA ASN D 373 -29.43 3.85 -23.47
C ASN D 373 -29.37 3.06 -22.17
N GLU D 374 -30.43 2.32 -21.88
CA GLU D 374 -30.51 1.52 -20.67
C GLU D 374 -29.73 0.21 -20.75
N LEU D 375 -29.35 -0.31 -19.59
CA LEU D 375 -28.63 -1.59 -19.51
C LEU D 375 -29.53 -2.70 -19.00
N GLU D 376 -29.29 -3.92 -19.48
CA GLU D 376 -30.14 -5.06 -19.16
C GLU D 376 -30.26 -5.36 -17.67
N ALA D 377 -31.44 -5.85 -17.28
CA ALA D 377 -31.76 -6.15 -15.89
C ALA D 377 -30.82 -7.19 -15.29
N ASP D 378 -30.66 -8.31 -15.98
CA ASP D 378 -29.76 -9.35 -15.49
C ASP D 378 -28.37 -9.21 -16.11
N ASP D 379 -27.41 -8.81 -15.29
CA ASP D 379 -26.06 -8.58 -15.77
C ASP D 379 -25.19 -8.08 -14.62
N MET D 380 -23.88 -8.21 -14.77
CA MET D 380 -22.95 -7.61 -13.82
C MET D 380 -22.50 -6.22 -14.27
N GLU D 381 -22.87 -5.87 -15.49
CA GLU D 381 -22.38 -4.64 -16.13
C GLU D 381 -23.08 -3.39 -15.63
N PRO D 382 -22.34 -2.50 -14.96
CA PRO D 382 -22.84 -1.26 -14.38
C PRO D 382 -23.05 -0.17 -15.42
N VAL D 383 -23.93 0.77 -15.12
CA VAL D 383 -24.19 1.91 -16.01
C VAL D 383 -23.00 2.86 -16.01
N PRO D 384 -22.49 3.19 -17.20
CA PRO D 384 -21.35 4.09 -17.35
C PRO D 384 -21.64 5.46 -16.76
N LEU D 385 -20.60 6.14 -16.29
CA LEU D 385 -20.75 7.46 -15.70
C LEU D 385 -20.67 8.53 -16.79
N ASN D 386 -21.59 9.49 -16.73
CA ASN D 386 -21.65 10.59 -17.68
C ASN D 386 -22.31 10.26 -19.01
N ASP D 387 -22.68 8.99 -19.19
CA ASP D 387 -23.36 8.57 -20.41
C ASP D 387 -24.71 9.28 -20.52
N TRP D 388 -25.10 9.62 -21.74
CA TRP D 388 -26.35 10.34 -21.99
C TRP D 388 -27.58 9.43 -21.95
N HIS D 389 -28.65 9.94 -21.36
CA HIS D 389 -29.93 9.23 -21.35
C HIS D 389 -31.09 10.19 -21.56
N PHE D 390 -31.98 9.84 -22.47
CA PHE D 390 -33.15 10.66 -22.75
C PHE D 390 -34.42 9.87 -22.45
N ASN D 391 -35.46 10.56 -21.99
CA ASN D 391 -36.74 9.89 -21.81
C ASN D 391 -37.46 9.78 -23.14
N VAL D 392 -37.69 8.54 -23.56
CA VAL D 392 -38.42 8.28 -24.80
C VAL D 392 -39.36 7.12 -24.58
N ASP D 393 -40.65 7.32 -24.83
CA ASP D 393 -41.60 6.25 -24.62
C ASP D 393 -42.02 5.60 -25.94
N LEU D 394 -42.85 4.56 -25.84
CA LEU D 394 -43.33 3.84 -27.01
C LEU D 394 -44.81 3.55 -26.85
N ASP D 395 -45.64 4.01 -27.79
CA ASP D 395 -47.07 3.72 -27.69
C ASP D 395 -47.41 2.49 -28.52
N ILE D 396 -47.69 1.39 -27.84
CA ILE D 396 -48.14 0.15 -28.46
C ILE D 396 -49.63 0.08 -28.75
N ARG D 397 -50.43 0.57 -27.80
CA ARG D 397 -51.87 0.31 -27.79
C ARG D 397 -52.52 0.70 -29.11
N ASN D 398 -53.55 -0.04 -29.50
CA ASN D 398 -54.03 0.03 -30.87
C ASN D 398 -55.14 1.04 -31.08
N GLU D 399 -54.79 2.12 -31.76
CA GLU D 399 -55.73 3.11 -32.25
C GLU D 399 -55.15 3.66 -33.54
N PRO D 400 -56.01 4.20 -34.41
CA PRO D 400 -55.47 4.88 -35.58
C PRO D 400 -54.40 5.89 -35.15
N VAL D 401 -53.35 6.04 -35.95
CA VAL D 401 -52.20 6.86 -35.58
C VAL D 401 -52.61 8.25 -35.06
N GLY D 402 -53.61 8.85 -35.69
CA GLY D 402 -54.10 10.16 -35.29
C GLY D 402 -54.42 10.23 -33.81
N TYR D 403 -55.19 9.25 -33.33
CA TYR D 403 -55.58 9.20 -31.92
C TYR D 403 -54.34 9.22 -31.01
N ARG D 404 -53.39 8.36 -31.32
CA ARG D 404 -52.20 8.21 -30.49
C ARG D 404 -51.31 9.46 -30.50
N ILE D 405 -51.19 10.09 -31.66
CA ILE D 405 -50.36 11.29 -31.78
C ILE D 405 -51.03 12.51 -31.15
N LYS D 406 -52.36 12.48 -31.11
CA LYS D 406 -53.12 13.55 -30.44
C LYS D 406 -53.04 13.39 -28.92
N SER D 407 -53.23 12.16 -28.45
CA SER D 407 -53.09 11.86 -27.03
C SER D 407 -51.66 12.10 -26.59
N ALA D 408 -50.72 12.00 -27.54
CA ALA D 408 -49.32 12.26 -27.26
C ALA D 408 -49.04 13.76 -27.21
N ILE D 409 -49.64 14.51 -28.12
CA ILE D 409 -49.43 15.96 -28.16
C ILE D 409 -50.12 16.64 -26.98
N LEU D 410 -51.15 16.00 -26.45
CA LEU D 410 -51.84 16.51 -25.27
C LEU D 410 -50.96 16.37 -24.04
N LYS D 411 -50.07 15.38 -24.06
CA LYS D 411 -49.13 15.16 -22.98
C LYS D 411 -47.90 16.04 -23.16
N ASN D 412 -47.87 16.78 -24.26
CA ASN D 412 -46.79 17.72 -24.54
C ASN D 412 -45.42 17.07 -24.74
N TYR D 413 -45.40 15.92 -25.41
CA TYR D 413 -44.13 15.30 -25.79
C TYR D 413 -43.31 16.30 -26.59
N SER D 414 -42.05 16.48 -26.20
CA SER D 414 -41.19 17.45 -26.85
C SER D 414 -40.94 17.10 -28.31
N TYR D 415 -41.02 15.80 -28.63
CA TYR D 415 -40.82 15.34 -30.00
C TYR D 415 -41.72 14.16 -30.35
N LEU D 416 -42.16 14.12 -31.60
CA LEU D 416 -42.98 13.02 -32.09
C LEU D 416 -42.25 12.23 -33.17
N ILE D 417 -42.25 10.90 -33.03
CA ILE D 417 -41.57 10.02 -33.96
C ILE D 417 -42.54 8.96 -34.49
N ILE D 418 -42.70 8.92 -35.82
CA ILE D 418 -43.62 7.97 -36.44
C ILE D 418 -42.90 7.00 -37.38
N VAL D 419 -43.29 5.73 -37.30
CA VAL D 419 -42.70 4.70 -38.15
C VAL D 419 -43.79 3.95 -38.92
N GLY D 420 -43.53 3.70 -40.20
CA GLY D 420 -44.48 3.02 -41.06
C GLY D 420 -43.77 2.31 -42.19
N ASP D 421 -44.53 1.68 -43.08
CA ASP D 421 -43.95 0.96 -44.21
C ASP D 421 -42.94 1.82 -44.94
N GLU D 422 -43.31 3.07 -45.21
CA GLU D 422 -42.42 4.00 -45.90
C GLU D 422 -41.18 4.30 -45.06
N GLU D 423 -41.39 4.45 -43.75
CA GLU D 423 -40.30 4.74 -42.83
C GLU D 423 -39.38 3.54 -42.64
N VAL D 424 -39.95 2.34 -42.73
CA VAL D 424 -39.16 1.12 -42.65
C VAL D 424 -38.31 0.96 -43.89
N GLN D 425 -38.95 1.11 -45.06
CA GLN D 425 -38.24 1.04 -46.33
C GLN D 425 -37.09 2.04 -46.36
N LEU D 426 -37.43 3.33 -46.30
CA LEU D 426 -36.43 4.39 -46.37
C LEU D 426 -35.42 4.31 -45.23
N GLN D 427 -35.73 3.50 -44.22
CA GLN D 427 -34.84 3.28 -43.09
C GLN D 427 -34.65 4.52 -42.20
N LYS D 428 -35.22 5.64 -42.62
CA LYS D 428 -35.15 6.86 -41.83
C LYS D 428 -36.48 7.11 -41.10
N TYR D 429 -36.40 7.62 -39.88
CA TYR D 429 -37.59 7.86 -39.09
C TYR D 429 -38.32 9.12 -39.55
N ASN D 430 -39.44 9.42 -38.89
CA ASN D 430 -40.20 10.62 -39.16
C ASN D 430 -40.42 11.37 -37.85
N ILE D 431 -39.83 12.55 -37.73
CA ILE D 431 -39.82 13.25 -36.45
C ILE D 431 -40.18 14.72 -36.56
N ARG D 432 -41.11 15.17 -35.72
CA ARG D 432 -41.51 16.56 -35.67
C ARG D 432 -41.36 17.09 -34.25
N GLU D 433 -41.19 18.40 -34.11
CA GLU D 433 -41.15 19.00 -32.79
C GLU D 433 -42.55 19.40 -32.34
N ARG D 434 -42.68 19.91 -31.12
CA ARG D 434 -43.99 20.23 -30.57
C ARG D 434 -44.49 21.60 -31.02
N ASP D 435 -45.81 21.71 -31.18
CA ASP D 435 -46.46 22.99 -31.47
C ASP D 435 -45.95 23.63 -32.75
N ASN D 436 -45.52 22.80 -33.69
CA ASN D 436 -45.05 23.29 -34.98
C ASN D 436 -45.41 22.34 -36.12
N ARG D 437 -45.78 22.88 -37.26
CA ARG D 437 -46.20 22.06 -38.39
C ARG D 437 -45.02 21.59 -39.25
N LYS D 438 -43.81 21.96 -38.85
CA LYS D 438 -42.62 21.44 -39.50
C LYS D 438 -42.68 19.92 -39.36
N SER D 439 -42.60 19.22 -40.48
CA SER D 439 -42.98 17.81 -40.52
C SER D 439 -41.96 16.86 -41.13
N PHE D 440 -41.71 17.06 -42.42
CA PHE D 440 -41.11 16.04 -43.28
C PHE D 440 -39.71 15.57 -42.89
N GLU D 441 -39.08 16.22 -41.93
CA GLU D 441 -37.70 15.88 -41.60
C GLU D 441 -37.57 14.39 -41.29
N LYS D 442 -36.65 13.73 -42.02
CA LYS D 442 -36.42 12.30 -41.88
C LYS D 442 -34.99 12.09 -41.44
N LEU D 443 -34.81 11.48 -40.27
CA LEU D 443 -33.48 11.34 -39.69
C LEU D 443 -33.06 9.90 -39.45
N THR D 444 -31.76 9.65 -39.52
CA THR D 444 -31.19 8.37 -39.15
C THR D 444 -31.21 8.24 -37.64
N MET D 445 -31.18 7.01 -37.14
CA MET D 445 -31.10 6.78 -35.70
C MET D 445 -29.96 7.59 -35.12
N SER D 446 -28.79 7.50 -35.76
CA SER D 446 -27.60 8.25 -35.35
C SER D 446 -27.87 9.75 -35.37
N GLN D 447 -28.47 10.24 -36.44
CA GLN D 447 -28.75 11.67 -36.59
C GLN D 447 -29.67 12.19 -35.48
N ILE D 448 -30.69 11.40 -35.15
CA ILE D 448 -31.62 11.74 -34.08
C ILE D 448 -30.90 11.79 -32.74
N TRP D 449 -30.14 10.73 -32.44
CA TRP D 449 -29.33 10.68 -31.23
C TRP D 449 -28.49 11.94 -31.11
N GLU D 450 -27.78 12.28 -32.19
CA GLU D 450 -26.94 13.47 -32.22
C GLU D 450 -27.76 14.73 -31.99
N LYS D 451 -29.00 14.73 -32.49
CA LYS D 451 -29.87 15.88 -32.32
C LYS D 451 -30.21 16.11 -30.86
N PHE D 452 -30.69 15.06 -30.20
CA PHE D 452 -30.98 15.17 -28.78
C PHE D 452 -29.74 15.59 -28.00
N ILE D 453 -28.63 14.89 -28.24
CA ILE D 453 -27.35 15.22 -27.63
C ILE D 453 -27.00 16.71 -27.76
N GLU D 454 -27.15 17.25 -28.97
CA GLU D 454 -26.83 18.65 -29.22
C GLU D 454 -27.88 19.57 -28.59
N LEU D 455 -29.05 19.01 -28.32
CA LEU D 455 -30.11 19.76 -27.65
C LEU D 455 -29.78 19.95 -26.18
N GLU D 456 -29.28 18.90 -25.53
CA GLU D 456 -28.92 19.01 -24.12
C GLU D 456 -27.56 19.66 -23.86
N LYS D 457 -26.62 19.53 -24.79
CA LYS D 457 -25.31 20.14 -24.65
C LYS D 457 -25.42 21.65 -24.85
N ASN D 458 -26.55 22.06 -25.41
CA ASN D 458 -27.00 23.44 -25.35
C ASN D 458 -28.25 23.36 -24.49
N TYR D 459 -28.88 24.49 -24.22
CA TYR D 459 -30.10 24.43 -23.42
C TYR D 459 -31.40 24.47 -24.24
N LYS D 460 -31.27 24.49 -25.55
CA LYS D 460 -32.43 24.44 -26.43
C LYS D 460 -33.22 23.16 -26.22
ZN ZN E . 38.55 -2.21 -5.73
ZN ZN F . 32.14 -14.75 25.50
ZN ZN G . -38.68 0.53 3.88
ZN ZN H . -27.66 33.10 4.86
#